data_7X05
#
_entry.id   7X05
#
_cell.length_a   1.00
_cell.length_b   1.00
_cell.length_c   1.00
_cell.angle_alpha   90.00
_cell.angle_beta   90.00
_cell.angle_gamma   90.00
#
_symmetry.space_group_name_H-M   'P 1'
#
loop_
_entity.id
_entity.type
_entity.pdbx_description
1 polymer 'Chitin synthase'
2 branched 2-acetamido-2-deoxy-beta-D-glucopyranose-(1-4)-2-acetamido-2-deoxy-beta-D-glucopyranose-(1-4)-2-acetamido-2-deoxy-beta-D-glucopyranose
3 non-polymer "URIDINE-5'-DIPHOSPHATE"
4 non-polymer 'MANGANESE (II) ION'
#
_entity_poly.entity_id   1
_entity_poly.type   'polypeptide(L)'
_entity_poly.pdbx_seq_one_letter_code
;MSGAPPPSSGFAPRSYGQQPLSHAPRSSMMSVEYDGIPLPPPSIRSCGSQQYVTSYIPTGAAFPPSSVQDMISSMKSYAS
ATDLVRTYSEIPSVEEALSTLDRAAAALNARRYRDALKLYLEGGYAMANVAERQANPKICNLLTSKGFETLNWCARLCDW
IEGRIKEKHPRPGVHKVGIPVSNWDEDWVGPFMDEEEARRMWYTPVYCPHPIDFSNLGYRLRCVETGRRPRLMICITMYN
EGPQQLKATLKKLANNLAYLKEQMPGDEKSLTGAFAGDDVWQNVLVCIVADGREQVHPKTLDYLEAIGLYDEDLLTINSA
GIGAQCHLFEHTLQLSVNGKCLLPIQTVFALKENKASKLDSHHWYFNAFAEQIQPEYTAVMDVGTMLTKSALYHLLFAFE
RNHQIGGACGQLTVDNPFENLSNWVISAQHFEYKISNILDKSLESCFGFISVLPGAFSAYRYEAIRGAPLDAYFQTLNIE
LDVLGPFIGNMYLAEDRILSFEVVARKNCNWTMHYVKDAVARTDVPHDLVGLISQRKRWLNGAFFATLFSIWNWGRIYSE
SKHTFVRKMAFLVFYVYHLLYTAFGFFLPANLYLALFFIVFQGFQQNRLEFIDTSEYSQTVLDCAVYIYNFSYLFGLLML
IIIGLGNNPKHMKLTYYFVGAVFGLMMMLSSLVGAGIFFSTPATVHSIVVSILTVGVYFIASALHGEVHHIFMTFTHYTA
LIPSFVNIFTIYSFCNLQDLSWGTKGLHDDPLLAASLDETEKGDFKDVIAKRRALEELRREEKERVENRKKNFEAFRTNV
LLTWAFSNLIFALFVVYFASSSTYMPVLYIFVASLNTCRLLGSIGHWVYIHTEGLRGRVIDKSECGNGTGRYPQNSYVQL
EEHYAALAEDQRTYASGRTNASVRTVNDVSSAA
;
_entity_poly.pdbx_strand_id   A,B
#
# COMPACT_ATOMS: atom_id res chain seq x y z
N PRO A 40 48.50 15.78 -19.14
CA PRO A 40 48.47 15.55 -20.59
C PRO A 40 47.20 14.84 -21.03
N PRO A 41 46.28 15.56 -21.66
CA PRO A 41 45.02 14.97 -22.10
C PRO A 41 45.25 13.97 -23.23
N PRO A 42 44.62 12.81 -23.17
CA PRO A 42 44.78 11.81 -24.23
C PRO A 42 43.98 12.21 -25.47
N SER A 43 43.97 11.30 -26.45
CA SER A 43 43.24 11.52 -27.70
C SER A 43 41.76 11.22 -27.45
N ILE A 44 41.07 12.24 -26.94
CA ILE A 44 39.64 12.13 -26.65
C ILE A 44 38.86 13.10 -27.52
N ARG A 45 39.41 13.41 -28.70
CA ARG A 45 38.70 14.29 -29.62
C ARG A 45 37.41 13.65 -30.12
N SER A 46 37.44 12.34 -30.34
CA SER A 46 36.26 11.57 -30.71
C SER A 46 36.04 10.50 -29.64
N CYS A 47 35.34 10.88 -28.58
CA CYS A 47 35.04 9.98 -27.48
C CYS A 47 33.56 9.72 -27.30
N GLY A 48 32.72 10.74 -27.43
CA GLY A 48 31.29 10.55 -27.40
C GLY A 48 30.69 10.26 -28.76
N SER A 49 31.43 10.61 -29.82
CA SER A 49 30.93 10.39 -31.17
C SER A 49 30.93 8.91 -31.53
N GLN A 50 32.03 8.22 -31.24
CA GLN A 50 32.13 6.81 -31.59
C GLN A 50 31.26 5.96 -30.66
N GLN A 51 30.97 4.75 -31.12
CA GLN A 51 30.14 3.84 -30.34
C GLN A 51 30.81 3.47 -29.02
N TYR A 52 32.11 3.18 -29.05
CA TYR A 52 32.85 2.78 -27.87
C TYR A 52 34.24 3.38 -27.90
N VAL A 53 34.63 4.03 -26.81
CA VAL A 53 35.94 4.68 -26.69
C VAL A 53 36.50 4.39 -25.31
N THR A 54 37.77 4.02 -25.25
CA THR A 54 38.46 3.76 -24.00
C THR A 54 39.50 4.84 -23.76
N SER A 55 39.57 5.36 -22.53
CA SER A 55 40.52 6.41 -22.19
C SER A 55 40.96 6.25 -20.75
N TYR A 56 42.10 6.88 -20.43
CA TYR A 56 42.66 6.87 -19.10
C TYR A 56 42.85 8.30 -18.62
N ILE A 57 42.44 8.57 -17.38
CA ILE A 57 42.48 9.91 -16.82
C ILE A 57 43.34 9.86 -15.55
N PRO A 58 44.61 10.23 -15.65
CA PRO A 58 45.47 10.23 -14.45
C PRO A 58 45.04 11.30 -13.46
N THR A 59 45.31 11.03 -12.19
CA THR A 59 44.97 11.93 -11.10
C THR A 59 46.24 12.44 -10.43
N GLY A 60 46.25 13.74 -10.13
CA GLY A 60 47.39 14.39 -9.50
C GLY A 60 48.23 15.22 -10.45
N ALA A 61 48.11 15.00 -11.75
CA ALA A 61 48.86 15.80 -12.71
C ALA A 61 48.26 17.18 -12.90
N ALA A 62 46.93 17.30 -12.81
CA ALA A 62 46.15 18.52 -12.94
C ALA A 62 46.12 19.08 -14.35
N PHE A 63 46.86 18.48 -15.30
CA PHE A 63 46.91 18.85 -16.71
C PHE A 63 47.54 20.23 -16.91
N PRO A 64 48.16 20.47 -18.07
CA PRO A 64 48.62 21.82 -18.39
C PRO A 64 47.51 22.60 -19.10
N PRO A 65 47.22 23.81 -18.64
CA PRO A 65 46.15 24.60 -19.29
C PRO A 65 46.41 24.90 -20.75
N SER A 66 47.68 25.02 -21.16
CA SER A 66 47.98 25.35 -22.55
C SER A 66 47.52 24.24 -23.49
N SER A 67 47.75 22.98 -23.11
CA SER A 67 47.31 21.87 -23.95
C SER A 67 45.79 21.84 -24.05
N VAL A 68 45.10 22.09 -22.94
CA VAL A 68 43.64 22.10 -22.96
C VAL A 68 43.12 23.21 -23.88
N GLN A 69 43.72 24.39 -23.79
CA GLN A 69 43.30 25.50 -24.65
C GLN A 69 43.58 25.19 -26.11
N ASP A 70 44.73 24.56 -26.41
CA ASP A 70 45.03 24.17 -27.78
C ASP A 70 44.02 23.16 -28.30
N MET A 71 43.62 22.21 -27.46
CA MET A 71 42.59 21.24 -27.85
C MET A 71 41.27 21.94 -28.10
N ILE A 72 40.92 22.91 -27.27
CA ILE A 72 39.68 23.66 -27.46
C ILE A 72 39.70 24.42 -28.78
N SER A 73 40.82 25.09 -29.08
CA SER A 73 40.92 25.89 -30.28
C SER A 73 41.01 25.04 -31.55
N SER A 74 41.30 23.76 -31.43
CA SER A 74 41.44 22.89 -32.59
C SER A 74 40.11 22.30 -33.06
N MET A 75 39.02 22.60 -32.37
CA MET A 75 37.70 22.09 -32.71
C MET A 75 36.84 23.24 -33.22
N LYS A 76 36.23 23.04 -34.40
CA LYS A 76 35.43 24.08 -35.05
C LYS A 76 33.98 23.68 -35.26
N SER A 77 33.66 22.39 -35.29
CA SER A 77 32.30 21.96 -35.60
C SER A 77 31.29 22.48 -34.59
N TYR A 78 31.71 22.73 -33.35
CA TYR A 78 30.78 23.17 -32.31
C TYR A 78 30.00 24.41 -32.75
N ALA A 79 30.67 25.35 -33.42
CA ALA A 79 29.99 26.57 -33.87
C ALA A 79 28.74 26.24 -34.67
N SER A 80 28.82 25.26 -35.56
CA SER A 80 27.65 24.87 -36.33
C SER A 80 26.48 24.54 -35.43
N ALA A 81 26.72 23.64 -34.45
CA ALA A 81 25.68 23.31 -33.50
C ALA A 81 25.16 24.57 -32.81
N THR A 82 26.09 25.43 -32.38
CA THR A 82 25.69 26.69 -31.76
C THR A 82 24.72 27.46 -32.65
N ASP A 83 25.07 27.59 -33.93
CA ASP A 83 24.18 28.30 -34.86
C ASP A 83 22.79 27.68 -34.83
N LEU A 84 22.71 26.34 -34.90
CA LEU A 84 21.41 25.68 -34.88
C LEU A 84 20.63 26.09 -33.63
N VAL A 85 21.28 26.07 -32.47
CA VAL A 85 20.58 26.47 -31.25
C VAL A 85 20.13 27.91 -31.34
N ARG A 86 21.00 28.80 -31.86
CA ARG A 86 20.62 30.19 -31.99
C ARG A 86 19.45 30.34 -32.96
N THR A 87 19.34 29.43 -33.92
CA THR A 87 18.18 29.44 -34.81
C THR A 87 16.94 28.87 -34.13
N TYR A 88 17.13 27.89 -33.24
CA TYR A 88 15.99 27.22 -32.62
C TYR A 88 15.35 28.07 -31.51
N SER A 89 16.16 28.84 -30.78
CA SER A 89 15.65 29.57 -29.62
C SER A 89 14.99 30.89 -29.97
N GLU A 90 14.94 31.25 -31.26
CA GLU A 90 14.37 32.53 -31.67
C GLU A 90 12.88 32.60 -31.34
N ILE A 91 12.14 31.56 -31.69
CA ILE A 91 10.69 31.55 -31.54
C ILE A 91 10.33 30.75 -30.29
N PRO A 92 9.78 31.36 -29.26
CA PRO A 92 9.37 30.61 -28.06
C PRO A 92 8.00 29.97 -28.25
N SER A 93 7.61 29.19 -27.25
CA SER A 93 6.35 28.45 -27.29
C SER A 93 5.61 28.63 -25.97
N VAL A 94 4.29 28.49 -26.03
CA VAL A 94 3.46 28.67 -24.84
C VAL A 94 3.79 27.61 -23.79
N GLU A 95 3.91 26.35 -24.22
CA GLU A 95 4.17 25.27 -23.28
C GLU A 95 5.53 25.44 -22.60
N GLU A 96 6.53 25.87 -23.36
CA GLU A 96 7.84 26.12 -22.77
C GLU A 96 7.79 27.23 -21.74
N ALA A 97 7.04 28.30 -22.03
CA ALA A 97 6.89 29.38 -21.07
C ALA A 97 6.20 28.90 -19.79
N LEU A 98 5.15 28.08 -19.94
CA LEU A 98 4.46 27.56 -18.77
C LEU A 98 5.36 26.67 -17.95
N SER A 99 6.16 25.83 -18.62
CA SER A 99 7.10 24.97 -17.90
C SER A 99 8.14 25.79 -17.15
N THR A 100 8.66 26.84 -17.79
CA THR A 100 9.63 27.69 -17.12
C THR A 100 9.01 28.37 -15.90
N LEU A 101 7.77 28.85 -16.03
CA LEU A 101 7.12 29.48 -14.89
C LEU A 101 6.88 28.47 -13.77
N ASP A 102 6.50 27.24 -14.11
CA ASP A 102 6.30 26.21 -13.09
C ASP A 102 7.61 25.92 -12.37
N ARG A 103 8.71 25.82 -13.10
CA ARG A 103 10.00 25.62 -12.47
C ARG A 103 10.37 26.79 -11.57
N ALA A 104 10.05 28.02 -12.01
CA ALA A 104 10.32 29.20 -11.19
C ALA A 104 9.54 29.15 -9.89
N ALA A 105 8.26 28.77 -9.97
CA ALA A 105 7.45 28.66 -8.76
C ALA A 105 8.00 27.59 -7.82
N ALA A 106 8.40 26.45 -8.37
CA ALA A 106 8.96 25.39 -7.54
C ALA A 106 10.25 25.85 -6.87
N ALA A 107 11.11 26.55 -7.60
CA ALA A 107 12.35 27.05 -7.02
C ALA A 107 12.07 28.08 -5.94
N LEU A 108 11.11 28.97 -6.17
CA LEU A 108 10.76 29.97 -5.16
C LEU A 108 10.24 29.31 -3.90
N ASN A 109 9.42 28.27 -4.03
CA ASN A 109 8.96 27.53 -2.87
C ASN A 109 10.09 26.78 -2.18
N ALA A 110 11.24 26.64 -2.83
CA ALA A 110 12.38 25.93 -2.28
C ALA A 110 13.42 26.85 -1.66
N ARG A 111 13.05 28.08 -1.30
CA ARG A 111 13.88 29.05 -0.60
C ARG A 111 15.05 29.56 -1.44
N ARG A 112 15.08 29.28 -2.74
CA ARG A 112 16.10 29.80 -3.63
C ARG A 112 15.50 30.92 -4.48
N TYR A 113 16.12 32.09 -4.45
CA TYR A 113 15.54 33.29 -5.05
C TYR A 113 16.25 33.74 -6.32
N ARG A 114 17.58 33.63 -6.39
CA ARG A 114 18.30 34.05 -7.58
C ARG A 114 17.86 33.26 -8.81
N ASP A 115 17.85 31.94 -8.71
CA ASP A 115 17.34 31.12 -9.79
C ASP A 115 15.86 31.41 -10.04
N ALA A 116 15.10 31.63 -8.98
CA ALA A 116 13.70 32.00 -9.13
C ALA A 116 13.56 33.31 -9.89
N LEU A 117 14.41 34.30 -9.57
CA LEU A 117 14.35 35.58 -10.26
C LEU A 117 14.69 35.41 -11.74
N LYS A 118 15.73 34.65 -12.04
CA LYS A 118 16.13 34.46 -13.44
C LYS A 118 15.03 33.75 -14.22
N LEU A 119 14.48 32.68 -13.65
CA LEU A 119 13.44 31.93 -14.35
C LEU A 119 12.18 32.79 -14.53
N TYR A 120 11.83 33.59 -13.51
CA TYR A 120 10.67 34.45 -13.63
C TYR A 120 10.85 35.50 -14.72
N LEU A 121 12.03 36.12 -14.79
CA LEU A 121 12.27 37.09 -15.85
C LEU A 121 12.22 36.44 -17.22
N GLU A 122 12.84 35.26 -17.36
CA GLU A 122 12.83 34.57 -18.64
C GLU A 122 11.40 34.22 -19.05
N GLY A 123 10.60 33.71 -18.12
CA GLY A 123 9.23 33.36 -18.43
C GLY A 123 8.38 34.57 -18.78
N GLY A 124 8.58 35.67 -18.06
CA GLY A 124 7.83 36.88 -18.36
C GLY A 124 8.13 37.41 -19.75
N TYR A 125 9.43 37.48 -20.10
CA TYR A 125 9.79 37.93 -21.44
C TYR A 125 9.25 36.98 -22.51
N ALA A 126 9.34 35.67 -22.26
CA ALA A 126 8.83 34.71 -23.23
C ALA A 126 7.33 34.86 -23.45
N MET A 127 6.57 35.02 -22.36
CA MET A 127 5.12 35.19 -22.51
C MET A 127 4.79 36.50 -23.20
N ALA A 128 5.53 37.57 -22.89
CA ALA A 128 5.29 38.84 -23.56
C ALA A 128 5.52 38.73 -25.05
N ASN A 129 6.58 38.01 -25.45
CA ASN A 129 6.82 37.80 -26.87
C ASN A 129 5.75 36.93 -27.50
N VAL A 130 5.30 35.88 -26.79
CA VAL A 130 4.34 34.94 -27.35
C VAL A 130 2.98 35.58 -27.54
N ALA A 131 2.59 36.49 -26.65
CA ALA A 131 1.22 37.00 -26.64
C ALA A 131 0.79 37.59 -27.98
N GLU A 132 1.74 38.12 -28.75
CA GLU A 132 1.37 38.74 -30.04
C GLU A 132 0.94 37.72 -31.07
N ARG A 133 1.49 36.50 -31.02
CA ARG A 133 1.25 35.55 -32.10
C ARG A 133 -0.15 34.94 -32.05
N GLN A 134 -0.72 34.81 -30.85
CA GLN A 134 -2.00 34.13 -30.71
C GLN A 134 -3.12 34.89 -31.41
N ALA A 135 -4.09 34.14 -31.94
CA ALA A 135 -5.19 34.69 -32.70
C ALA A 135 -6.45 34.95 -31.87
N ASN A 136 -6.73 34.11 -30.89
CA ASN A 136 -7.92 34.28 -30.07
C ASN A 136 -7.75 35.50 -29.16
N PRO A 137 -8.66 36.47 -29.20
CA PRO A 137 -8.49 37.66 -28.35
C PRO A 137 -8.42 37.35 -26.86
N LYS A 138 -9.20 36.37 -26.39
CA LYS A 138 -9.16 36.02 -24.97
C LYS A 138 -7.78 35.53 -24.58
N ILE A 139 -7.20 34.62 -25.38
CA ILE A 139 -5.89 34.07 -25.07
C ILE A 139 -4.83 35.18 -25.09
N CYS A 140 -4.89 36.05 -26.10
CA CYS A 140 -3.91 37.12 -26.20
C CYS A 140 -4.00 38.06 -25.01
N ASN A 141 -5.22 38.45 -24.62
CA ASN A 141 -5.38 39.36 -23.49
C ASN A 141 -4.89 38.71 -22.19
N LEU A 142 -5.25 37.44 -21.97
CA LEU A 142 -4.81 36.76 -20.76
C LEU A 142 -3.29 36.64 -20.71
N LEU A 143 -2.67 36.28 -21.85
CA LEU A 143 -1.22 36.16 -21.89
C LEU A 143 -0.54 37.50 -21.63
N THR A 144 -1.08 38.58 -22.22
CA THR A 144 -0.50 39.90 -21.99
C THR A 144 -0.60 40.29 -20.52
N SER A 145 -1.77 40.07 -19.91
CA SER A 145 -1.94 40.41 -18.51
C SER A 145 -1.01 39.59 -17.62
N LYS A 146 -0.88 38.28 -17.90
CA LYS A 146 0.00 37.44 -17.12
C LYS A 146 1.46 37.87 -17.26
N GLY A 147 1.86 38.24 -18.48
CA GLY A 147 3.22 38.72 -18.67
C GLY A 147 3.51 39.99 -17.90
N PHE A 148 2.57 40.95 -17.94
CA PHE A 148 2.76 42.18 -17.19
C PHE A 148 2.82 41.90 -15.69
N GLU A 149 1.94 41.03 -15.20
CA GLU A 149 1.96 40.68 -13.78
C GLU A 149 3.29 40.04 -13.40
N THR A 150 3.79 39.13 -14.23
CA THR A 150 5.06 38.47 -13.94
C THR A 150 6.21 39.47 -13.92
N LEU A 151 6.23 40.41 -14.88
CA LEU A 151 7.29 41.40 -14.89
C LEU A 151 7.23 42.30 -13.66
N ASN A 152 6.04 42.71 -13.26
CA ASN A 152 5.90 43.52 -12.06
C ASN A 152 6.36 42.77 -10.82
N TRP A 153 6.01 41.48 -10.73
CA TRP A 153 6.48 40.67 -9.61
C TRP A 153 8.00 40.53 -9.63
N CYS A 154 8.58 40.40 -10.82
CA CYS A 154 10.04 40.35 -10.91
C CYS A 154 10.67 41.63 -10.40
N ALA A 155 10.09 42.78 -10.76
CA ALA A 155 10.61 44.05 -10.26
C ALA A 155 10.50 44.13 -8.74
N ARG A 156 9.35 43.70 -8.20
CA ARG A 156 9.17 43.74 -6.75
C ARG A 156 10.17 42.85 -6.04
N LEU A 157 10.39 41.64 -6.57
CA LEU A 157 11.35 40.72 -5.95
C LEU A 157 12.77 41.26 -6.04
N CYS A 158 13.12 41.87 -7.18
CA CYS A 158 14.44 42.46 -7.31
C CYS A 158 14.64 43.59 -6.30
N ASP A 159 13.61 44.41 -6.10
CA ASP A 159 13.70 45.43 -5.06
C ASP A 159 13.86 44.82 -3.68
N TRP A 160 13.14 43.73 -3.41
CA TRP A 160 13.22 43.09 -2.10
C TRP A 160 14.62 42.50 -1.85
N ILE A 161 15.24 41.92 -2.88
CA ILE A 161 16.55 41.32 -2.70
C ILE A 161 17.57 42.35 -2.27
N GLU A 162 17.47 43.57 -2.80
CA GLU A 162 18.36 44.64 -2.41
C GLU A 162 18.11 45.14 -0.98
N GLY A 163 17.03 44.70 -0.35
CA GLY A 163 16.70 45.14 0.99
C GLY A 163 15.91 46.43 1.07
N ARG A 164 15.50 46.99 -0.07
CA ARG A 164 14.73 48.23 -0.05
C ARG A 164 13.37 48.02 0.63
N ILE A 165 12.74 46.87 0.37
CA ILE A 165 11.43 46.55 0.94
C ILE A 165 11.63 45.46 1.99
N LYS A 166 11.03 45.65 3.16
CA LYS A 166 11.15 44.72 4.27
C LYS A 166 9.86 43.92 4.38
N GLU A 167 9.93 42.62 4.08
CA GLU A 167 8.78 41.74 4.15
C GLU A 167 9.25 40.38 4.66
N LYS A 168 8.28 39.48 4.88
CA LYS A 168 8.55 38.10 5.26
C LYS A 168 7.87 37.17 4.26
N HIS A 169 8.64 36.23 3.71
CA HIS A 169 8.16 35.26 2.74
C HIS A 169 7.49 35.98 1.57
N PRO A 170 8.22 36.71 0.74
CA PRO A 170 7.59 37.42 -0.37
C PRO A 170 6.95 36.46 -1.35
N ARG A 171 5.80 36.86 -1.88
CA ARG A 171 5.02 36.07 -2.81
C ARG A 171 4.45 36.99 -3.87
N PRO A 172 4.12 36.45 -5.06
CA PRO A 172 3.50 37.28 -6.08
C PRO A 172 2.18 37.86 -5.59
N GLY A 173 1.91 39.10 -6.02
CA GLY A 173 0.73 39.79 -5.55
C GLY A 173 -0.56 39.13 -6.02
N VAL A 174 -1.59 39.24 -5.19
CA VAL A 174 -2.89 38.67 -5.53
C VAL A 174 -3.52 39.49 -6.64
N HIS A 175 -3.95 38.82 -7.71
CA HIS A 175 -4.51 39.49 -8.89
C HIS A 175 -5.68 38.66 -9.39
N LYS A 176 -6.88 38.98 -8.92
CA LYS A 176 -8.07 38.30 -9.40
C LYS A 176 -8.51 38.88 -10.72
N VAL A 177 -9.10 38.04 -11.55
CA VAL A 177 -9.50 38.42 -12.91
C VAL A 177 -10.98 38.12 -13.09
N GLY A 178 -11.72 39.10 -13.61
CA GLY A 178 -13.12 38.92 -13.94
C GLY A 178 -13.29 38.85 -15.45
N ILE A 179 -14.00 37.83 -15.90
CA ILE A 179 -14.19 37.64 -17.33
C ILE A 179 -15.68 37.44 -17.64
N PRO A 180 -16.14 37.81 -18.83
CA PRO A 180 -17.54 37.55 -19.18
C PRO A 180 -17.81 36.06 -19.33
N VAL A 181 -19.06 35.68 -19.10
CA VAL A 181 -19.48 34.30 -19.22
C VAL A 181 -19.73 33.96 -20.68
N SER A 182 -19.33 32.75 -21.08
CA SER A 182 -19.45 32.34 -22.48
C SER A 182 -20.91 32.25 -22.90
N ASN A 183 -21.75 31.64 -22.07
CA ASN A 183 -23.16 31.44 -22.36
C ASN A 183 -24.01 32.18 -21.34
N TRP A 184 -24.90 33.04 -21.81
CA TRP A 184 -25.78 33.81 -20.95
C TRP A 184 -27.21 33.73 -21.49
N ASP A 185 -28.16 33.56 -20.58
CA ASP A 185 -29.57 33.41 -20.94
C ASP A 185 -30.17 34.79 -21.15
N GLU A 186 -30.53 35.11 -22.39
CA GLU A 186 -31.17 36.39 -22.68
C GLU A 186 -32.54 36.49 -22.03
N ASP A 187 -33.32 35.41 -22.08
CA ASP A 187 -34.69 35.40 -21.57
C ASP A 187 -34.67 34.81 -20.16
N TRP A 188 -34.45 35.67 -19.17
CA TRP A 188 -34.49 35.26 -17.77
C TRP A 188 -34.81 36.49 -16.93
N VAL A 189 -35.96 36.45 -16.26
CA VAL A 189 -36.46 37.59 -15.50
C VAL A 189 -36.23 37.32 -14.03
N GLY A 190 -35.36 38.11 -13.40
CA GLY A 190 -35.11 38.01 -11.99
C GLY A 190 -35.54 39.26 -11.26
N PRO A 191 -35.31 39.32 -9.95
CA PRO A 191 -35.68 40.50 -9.18
C PRO A 191 -34.98 41.76 -9.68
N PHE A 192 -33.65 41.75 -9.63
CA PHE A 192 -32.83 42.81 -10.20
C PHE A 192 -31.37 42.39 -10.19
N MET A 193 -30.66 42.60 -11.30
CA MET A 193 -29.28 42.19 -11.41
C MET A 193 -28.49 43.28 -12.12
N ASP A 194 -27.45 43.78 -11.47
CA ASP A 194 -26.52 44.70 -12.13
C ASP A 194 -25.80 43.96 -13.26
N GLU A 195 -25.48 44.70 -14.32
CA GLU A 195 -24.83 44.08 -15.48
C GLU A 195 -23.49 43.47 -15.10
N GLU A 196 -22.69 44.20 -14.31
CA GLU A 196 -21.38 43.69 -13.92
C GLU A 196 -21.50 42.42 -13.10
N GLU A 197 -22.42 42.38 -12.14
CA GLU A 197 -22.59 41.18 -11.32
C GLU A 197 -23.16 40.04 -12.15
N ALA A 198 -24.10 40.33 -13.05
CA ALA A 198 -24.79 39.27 -13.76
C ALA A 198 -23.92 38.62 -14.83
N ARG A 199 -23.18 39.42 -15.60
CA ARG A 199 -22.52 38.92 -16.79
C ARG A 199 -21.03 38.66 -16.60
N ARG A 200 -20.51 38.74 -15.38
CA ARG A 200 -19.08 38.57 -15.15
C ARG A 200 -18.84 37.55 -14.05
N MET A 201 -17.94 36.60 -14.29
CA MET A 201 -17.51 35.64 -13.30
C MET A 201 -16.07 35.95 -12.91
N TRP A 202 -15.79 35.87 -11.61
CA TRP A 202 -14.47 36.25 -11.10
C TRP A 202 -13.69 35.00 -10.71
N TYR A 203 -12.37 35.09 -10.81
CA TYR A 203 -11.49 33.98 -10.49
C TYR A 203 -10.25 34.48 -9.77
N THR A 204 -9.76 33.68 -8.83
CA THR A 204 -8.45 33.95 -8.24
C THR A 204 -7.85 32.67 -7.69
N PRO A 205 -6.56 32.43 -7.89
CA PRO A 205 -5.88 31.35 -7.18
C PRO A 205 -5.34 31.83 -5.84
N VAL A 206 -5.32 30.91 -4.88
CA VAL A 206 -4.87 31.22 -3.53
C VAL A 206 -3.63 30.39 -3.21
N TYR A 207 -2.81 30.91 -2.31
CA TYR A 207 -1.59 30.24 -1.90
C TYR A 207 -1.56 29.87 -0.42
N CYS A 208 -2.51 30.39 0.38
CA CYS A 208 -2.53 30.26 1.83
C CYS A 208 -2.30 28.83 2.29
N PRO A 209 -1.17 28.55 2.96
CA PRO A 209 -0.91 27.19 3.44
C PRO A 209 -1.68 26.87 4.72
N HIS A 210 -1.85 27.86 5.58
CA HIS A 210 -2.67 27.73 6.78
C HIS A 210 -3.95 28.54 6.59
N PRO A 211 -5.10 27.90 6.36
CA PRO A 211 -6.29 28.66 5.96
C PRO A 211 -6.71 29.73 6.95
N ILE A 212 -6.29 29.64 8.22
CA ILE A 212 -6.62 30.68 9.19
C ILE A 212 -6.11 32.04 8.72
N ASP A 213 -4.99 32.05 7.98
CA ASP A 213 -4.41 33.28 7.47
C ASP A 213 -5.01 33.70 6.13
N PHE A 214 -6.17 33.15 5.76
CA PHE A 214 -6.74 33.48 4.44
C PHE A 214 -7.08 34.95 4.31
N SER A 215 -7.39 35.62 5.43
CA SER A 215 -7.73 37.03 5.39
C SER A 215 -6.54 37.95 5.62
N ASN A 216 -5.49 37.47 6.28
CA ASN A 216 -4.33 38.31 6.52
C ASN A 216 -3.49 38.48 5.26
N LEU A 217 -3.49 37.49 4.37
CA LEU A 217 -2.72 37.58 3.13
C LEU A 217 -3.32 38.57 2.14
N GLY A 218 -4.53 39.06 2.39
CA GLY A 218 -5.14 40.06 1.55
C GLY A 218 -6.20 39.57 0.59
N TYR A 219 -6.59 38.29 0.68
CA TYR A 219 -7.64 37.78 -0.19
C TYR A 219 -9.00 38.28 0.26
N ARG A 220 -9.88 38.50 -0.71
CA ARG A 220 -11.25 38.94 -0.46
C ARG A 220 -12.18 38.25 -1.45
N LEU A 221 -13.47 38.30 -1.14
CA LEU A 221 -14.50 37.72 -1.99
C LEU A 221 -15.34 38.83 -2.61
N ARG A 222 -16.11 38.46 -3.63
CA ARG A 222 -16.98 39.44 -4.29
C ARG A 222 -18.07 39.94 -3.34
N CYS A 223 -18.60 39.06 -2.50
CA CYS A 223 -19.68 39.46 -1.59
C CYS A 223 -19.22 40.53 -0.62
N VAL A 224 -18.02 40.38 -0.06
CA VAL A 224 -17.51 41.38 0.88
C VAL A 224 -17.25 42.70 0.17
N GLU A 225 -16.68 42.65 -1.03
CA GLU A 225 -16.40 43.88 -1.77
C GLU A 225 -17.67 44.62 -2.14
N THR A 226 -18.68 43.90 -2.62
CA THR A 226 -19.90 44.54 -3.10
C THR A 226 -20.68 45.22 -1.99
N GLY A 227 -20.46 44.83 -0.73
CA GLY A 227 -21.17 45.38 0.40
C GLY A 227 -22.26 44.49 0.95
N ARG A 228 -22.67 43.46 0.22
CA ARG A 228 -23.61 42.49 0.75
C ARG A 228 -22.96 41.70 1.87
N ARG A 229 -23.72 41.44 2.93
CA ARG A 229 -23.23 40.73 4.10
C ARG A 229 -24.14 39.52 4.35
N PRO A 230 -23.82 38.37 3.79
CA PRO A 230 -24.68 37.19 3.98
C PRO A 230 -24.70 36.74 5.43
N ARG A 231 -25.82 36.14 5.82
CA ARG A 231 -26.01 35.65 7.18
C ARG A 231 -26.02 34.14 7.29
N LEU A 232 -26.39 33.43 6.22
CA LEU A 232 -26.45 31.97 6.23
C LEU A 232 -25.51 31.44 5.15
N MET A 233 -24.65 30.51 5.54
CA MET A 233 -23.68 29.92 4.63
C MET A 233 -23.93 28.41 4.54
N ILE A 234 -23.98 27.89 3.32
CA ILE A 234 -24.22 26.48 3.06
C ILE A 234 -23.03 25.92 2.31
N CYS A 235 -22.46 24.84 2.83
CA CYS A 235 -21.31 24.18 2.21
C CYS A 235 -21.77 22.88 1.56
N ILE A 236 -21.38 22.68 0.31
CA ILE A 236 -21.76 21.50 -0.46
C ILE A 236 -20.48 20.82 -0.89
N THR A 237 -20.03 19.84 -0.10
CA THR A 237 -18.83 19.09 -0.46
C THR A 237 -19.10 18.21 -1.68
N MET A 238 -18.07 18.02 -2.49
CA MET A 238 -18.22 17.27 -3.73
C MET A 238 -16.92 16.54 -4.04
N TYR A 239 -17.05 15.29 -4.47
CA TYR A 239 -15.90 14.50 -4.91
C TYR A 239 -16.41 13.37 -5.78
N ASN A 240 -16.05 13.39 -7.06
CA ASN A 240 -16.38 12.31 -7.99
C ASN A 240 -17.89 12.03 -8.01
N GLU A 241 -18.64 13.03 -8.45
CA GLU A 241 -20.10 12.94 -8.51
C GLU A 241 -20.59 13.37 -9.87
N GLY A 242 -21.64 12.72 -10.34
CA GLY A 242 -22.24 13.04 -11.62
C GLY A 242 -22.97 14.36 -11.60
N PRO A 243 -23.21 14.94 -12.77
CA PRO A 243 -23.90 16.24 -12.83
C PRO A 243 -25.32 16.20 -12.29
N GLN A 244 -25.99 15.05 -12.37
CA GLN A 244 -27.40 14.99 -12.01
C GLN A 244 -27.62 15.33 -10.54
N GLN A 245 -26.76 14.79 -9.66
CA GLN A 245 -26.92 15.05 -8.23
C GLN A 245 -26.74 16.53 -7.92
N LEU A 246 -25.72 17.16 -8.50
CA LEU A 246 -25.49 18.58 -8.26
C LEU A 246 -26.64 19.42 -8.80
N LYS A 247 -27.15 19.06 -9.98
CA LYS A 247 -28.29 19.79 -10.54
C LYS A 247 -29.50 19.69 -9.64
N ALA A 248 -29.78 18.49 -9.12
CA ALA A 248 -30.92 18.31 -8.23
C ALA A 248 -30.75 19.12 -6.94
N THR A 249 -29.54 19.10 -6.37
CA THR A 249 -29.31 19.84 -5.14
C THR A 249 -29.50 21.34 -5.35
N LEU A 250 -28.97 21.87 -6.46
CA LEU A 250 -29.12 23.30 -6.72
C LEU A 250 -30.58 23.67 -6.97
N LYS A 251 -31.31 22.83 -7.71
CA LYS A 251 -32.73 23.10 -7.93
C LYS A 251 -33.49 23.11 -6.61
N LYS A 252 -33.21 22.15 -5.73
CA LYS A 252 -33.90 22.12 -4.43
C LYS A 252 -33.57 23.35 -3.60
N LEU A 253 -32.30 23.78 -3.61
CA LEU A 253 -31.94 24.99 -2.87
C LEU A 253 -32.66 26.21 -3.41
N ALA A 254 -32.77 26.32 -4.74
CA ALA A 254 -33.49 27.45 -5.32
C ALA A 254 -34.96 27.41 -4.92
N ASN A 255 -35.57 26.22 -4.91
CA ASN A 255 -36.95 26.12 -4.50
C ASN A 255 -37.13 26.52 -3.04
N ASN A 256 -36.19 26.12 -2.17
CA ASN A 256 -36.26 26.53 -0.77
C ASN A 256 -36.18 28.03 -0.63
N LEU A 257 -35.26 28.66 -1.38
CA LEU A 257 -35.15 30.12 -1.32
C LEU A 257 -36.42 30.79 -1.80
N ALA A 258 -37.02 30.27 -2.87
CA ALA A 258 -38.27 30.85 -3.37
C ALA A 258 -39.38 30.74 -2.33
N TYR A 259 -39.50 29.56 -1.69
CA TYR A 259 -40.52 29.39 -0.66
C TYR A 259 -40.28 30.33 0.51
N LEU A 260 -39.02 30.51 0.90
CA LEU A 260 -38.71 31.48 1.95
C LEU A 260 -39.14 32.88 1.54
N LYS A 261 -38.90 33.24 0.28
CA LYS A 261 -39.28 34.57 -0.20
C LYS A 261 -40.79 34.77 -0.16
N GLU A 262 -41.56 33.76 -0.58
CA GLU A 262 -42.98 33.95 -0.81
C GLU A 262 -43.82 34.02 0.46
N GLN A 263 -43.25 33.75 1.63
CA GLN A 263 -44.05 33.79 2.86
C GLN A 263 -44.46 35.22 3.17
N MET A 264 -45.67 35.37 3.73
CA MET A 264 -46.26 36.67 4.04
C MET A 264 -45.83 37.14 5.43
N PRO A 265 -45.79 38.46 5.65
CA PRO A 265 -45.46 38.97 6.98
C PRO A 265 -46.68 39.14 7.86
N GLY A 266 -46.47 39.57 9.11
CA GLY A 266 -47.57 39.81 10.02
C GLY A 266 -48.13 38.59 10.71
N ASP A 267 -47.59 37.41 10.44
CA ASP A 267 -48.07 36.18 11.04
C ASP A 267 -47.13 35.75 12.16
N GLU A 268 -47.68 35.05 13.16
CA GLU A 268 -46.89 34.61 14.30
C GLU A 268 -45.82 33.60 13.88
N LYS A 269 -46.11 32.79 12.86
CA LYS A 269 -45.18 31.77 12.40
C LYS A 269 -44.22 32.28 11.33
N SER A 270 -44.29 33.55 10.97
CA SER A 270 -43.45 34.10 9.92
C SER A 270 -42.16 34.67 10.50
N LEU A 271 -41.04 34.35 9.86
CA LEU A 271 -39.75 34.87 10.29
C LEU A 271 -39.65 36.35 10.00
N THR A 272 -38.97 37.08 10.90
CA THR A 272 -38.75 38.51 10.74
C THR A 272 -37.27 38.79 10.85
N GLY A 273 -36.81 39.76 10.05
CA GLY A 273 -35.41 40.15 10.02
C GLY A 273 -34.85 40.11 8.61
N ALA A 274 -33.60 39.66 8.50
CA ALA A 274 -32.92 39.60 7.20
C ALA A 274 -33.51 38.54 6.29
N PHE A 275 -34.36 37.65 6.80
CA PHE A 275 -34.93 36.57 6.01
C PHE A 275 -36.34 36.88 5.52
N ALA A 276 -36.61 38.15 5.21
CA ALA A 276 -37.92 38.56 4.73
C ALA A 276 -38.05 38.23 3.25
N GLY A 277 -39.11 38.73 2.61
CA GLY A 277 -39.33 38.48 1.21
C GLY A 277 -38.70 39.52 0.30
N ASP A 278 -38.49 39.12 -0.95
CA ASP A 278 -37.97 39.94 -2.04
C ASP A 278 -36.50 40.33 -1.84
N ASP A 279 -35.88 39.95 -0.71
CA ASP A 279 -34.49 40.28 -0.47
C ASP A 279 -33.74 39.12 0.19
N VAL A 280 -34.36 37.94 0.28
CA VAL A 280 -33.71 36.82 0.96
C VAL A 280 -32.50 36.33 0.17
N TRP A 281 -32.56 36.38 -1.16
CA TRP A 281 -31.51 35.79 -1.98
C TRP A 281 -30.16 36.46 -1.79
N GLN A 282 -30.12 37.66 -1.21
CA GLN A 282 -28.86 38.34 -0.96
C GLN A 282 -28.23 37.95 0.38
N ASN A 283 -28.93 37.19 1.21
CA ASN A 283 -28.42 36.80 2.53
C ASN A 283 -28.01 35.34 2.60
N VAL A 284 -27.93 34.65 1.46
CA VAL A 284 -27.56 33.24 1.42
C VAL A 284 -26.38 33.09 0.48
N LEU A 285 -25.35 32.39 0.94
CA LEU A 285 -24.15 32.13 0.17
C LEU A 285 -23.90 30.62 0.14
N VAL A 286 -23.51 30.11 -1.03
CA VAL A 286 -23.31 28.68 -1.20
C VAL A 286 -21.85 28.44 -1.59
N CYS A 287 -21.14 27.69 -0.77
CA CYS A 287 -19.75 27.32 -1.03
C CYS A 287 -19.73 25.88 -1.54
N ILE A 288 -19.27 25.69 -2.77
CA ILE A 288 -19.10 24.37 -3.36
C ILE A 288 -17.62 24.05 -3.32
N VAL A 289 -17.21 23.15 -2.44
CA VAL A 289 -15.81 22.84 -2.22
C VAL A 289 -15.54 21.48 -2.85
N ALA A 290 -14.86 21.47 -3.99
CA ALA A 290 -14.48 20.23 -4.64
C ALA A 290 -13.31 19.58 -3.90
N ASP A 291 -12.79 18.49 -4.46
CA ASP A 291 -11.74 17.75 -3.78
C ASP A 291 -10.53 17.39 -4.66
N GLY A 292 -10.47 17.88 -5.89
CA GLY A 292 -9.29 17.66 -6.71
C GLY A 292 -9.58 17.53 -8.18
N ARG A 293 -8.77 18.19 -9.01
CA ARG A 293 -8.98 18.11 -10.46
C ARG A 293 -8.77 16.70 -10.99
N GLU A 294 -7.95 15.90 -10.32
CA GLU A 294 -7.62 14.57 -10.83
C GLU A 294 -8.82 13.62 -10.75
N GLN A 295 -9.72 13.84 -9.79
CA GLN A 295 -10.81 12.91 -9.56
C GLN A 295 -12.19 13.44 -9.91
N VAL A 296 -12.32 14.73 -10.20
CA VAL A 296 -13.62 15.29 -10.55
C VAL A 296 -14.08 14.72 -11.88
N HIS A 297 -15.33 14.26 -11.93
CA HIS A 297 -15.87 13.66 -13.14
C HIS A 297 -15.92 14.69 -14.25
N PRO A 298 -15.45 14.37 -15.46
CA PRO A 298 -15.41 15.39 -16.53
C PRO A 298 -16.77 15.98 -16.87
N LYS A 299 -17.84 15.17 -16.80
CA LYS A 299 -19.17 15.72 -17.07
C LYS A 299 -19.55 16.78 -16.04
N THR A 300 -19.09 16.63 -14.80
CA THR A 300 -19.32 17.68 -13.80
C THR A 300 -18.65 18.98 -14.21
N LEU A 301 -17.41 18.89 -14.71
CA LEU A 301 -16.72 20.08 -15.19
C LEU A 301 -17.45 20.71 -16.37
N ASP A 302 -17.96 19.88 -17.29
CA ASP A 302 -18.72 20.41 -18.40
C ASP A 302 -19.98 21.12 -17.93
N TYR A 303 -20.68 20.54 -16.96
CA TYR A 303 -21.87 21.18 -16.43
C TYR A 303 -21.54 22.50 -15.75
N LEU A 304 -20.46 22.53 -14.97
CA LEU A 304 -20.07 23.78 -14.31
C LEU A 304 -19.71 24.84 -15.33
N GLU A 305 -19.00 24.46 -16.40
CA GLU A 305 -18.70 25.41 -17.45
C GLU A 305 -19.96 25.89 -18.15
N ALA A 306 -20.98 25.04 -18.22
CA ALA A 306 -22.23 25.43 -18.86
C ALA A 306 -22.93 26.55 -18.12
N ILE A 307 -22.95 26.50 -16.79
CA ILE A 307 -23.65 27.49 -16.00
C ILE A 307 -22.72 28.64 -15.64
N GLY A 308 -21.53 28.65 -16.24
CA GLY A 308 -20.60 29.75 -16.06
C GLY A 308 -19.96 29.80 -14.69
N LEU A 309 -19.22 28.75 -14.34
CA LEU A 309 -18.51 28.73 -13.08
C LEU A 309 -17.10 28.14 -13.20
N TYR A 310 -16.69 27.68 -14.37
CA TYR A 310 -15.39 27.03 -14.53
C TYR A 310 -14.93 27.20 -15.97
N ASP A 311 -13.80 27.89 -16.15
CA ASP A 311 -13.21 28.07 -17.48
C ASP A 311 -11.77 27.57 -17.41
N GLU A 312 -11.46 26.57 -18.23
CA GLU A 312 -10.18 25.89 -18.10
C GLU A 312 -9.02 26.75 -18.60
N ASP A 313 -9.23 27.54 -19.65
CA ASP A 313 -8.16 28.37 -20.19
C ASP A 313 -7.69 29.39 -19.16
N LEU A 314 -8.64 30.04 -18.48
CA LEU A 314 -8.28 31.02 -17.46
C LEU A 314 -7.50 30.37 -16.33
N LEU A 315 -7.94 29.19 -15.88
CA LEU A 315 -7.25 28.48 -14.82
C LEU A 315 -5.84 28.11 -15.23
N THR A 316 -5.66 27.64 -16.47
CA THR A 316 -4.34 27.23 -16.93
C THR A 316 -3.41 28.43 -17.05
N ILE A 317 -3.92 29.56 -17.53
CA ILE A 317 -3.04 30.70 -17.80
C ILE A 317 -2.72 31.46 -16.52
N ASN A 318 -3.74 31.82 -15.74
CA ASN A 318 -3.51 32.72 -14.61
C ASN A 318 -2.73 32.05 -13.48
N SER A 319 -2.87 30.74 -13.30
CA SER A 319 -2.22 30.04 -12.20
C SER A 319 -0.87 29.44 -12.58
N ALA A 320 -0.17 30.07 -13.54
CA ALA A 320 1.06 29.47 -14.05
C ALA A 320 2.16 29.47 -13.00
N GLY A 321 2.40 30.60 -12.35
CA GLY A 321 3.56 30.72 -11.49
C GLY A 321 3.28 30.95 -10.01
N ILE A 322 2.00 31.07 -9.64
CA ILE A 322 1.67 31.32 -8.24
C ILE A 322 1.96 30.10 -7.39
N GLY A 323 1.65 28.90 -7.89
CA GLY A 323 1.77 27.69 -7.10
C GLY A 323 0.61 27.58 -6.14
N ALA A 324 -0.60 27.49 -6.68
CA ALA A 324 -1.81 27.64 -5.88
C ALA A 324 -2.16 26.34 -5.17
N GLN A 325 -2.54 26.47 -3.89
CA GLN A 325 -3.14 25.35 -3.17
C GLN A 325 -4.58 25.12 -3.60
N CYS A 326 -5.28 26.19 -4.00
CA CYS A 326 -6.67 26.10 -4.42
C CYS A 326 -6.97 27.22 -5.40
N HIS A 327 -8.03 27.04 -6.17
CA HIS A 327 -8.52 28.07 -7.09
C HIS A 327 -9.98 28.32 -6.78
N LEU A 328 -10.36 29.59 -6.59
CA LEU A 328 -11.73 29.91 -6.24
C LEU A 328 -12.35 30.80 -7.30
N PHE A 329 -13.52 30.38 -7.76
CA PHE A 329 -14.35 31.14 -8.70
C PHE A 329 -15.56 31.67 -7.96
N GLU A 330 -16.00 32.86 -8.34
CA GLU A 330 -17.15 33.49 -7.71
C GLU A 330 -18.14 33.94 -8.78
N HIS A 331 -19.42 33.71 -8.51
CA HIS A 331 -20.47 34.12 -9.43
C HIS A 331 -21.77 34.26 -8.68
N THR A 332 -22.76 34.88 -9.33
CA THR A 332 -24.13 34.93 -8.86
C THR A 332 -24.96 34.23 -9.93
N LEU A 333 -25.05 32.91 -9.81
CA LEU A 333 -25.59 32.11 -10.91
C LEU A 333 -27.11 32.12 -10.91
N GLN A 334 -27.66 32.03 -12.12
CA GLN A 334 -29.10 32.00 -12.36
C GLN A 334 -29.44 30.70 -13.05
N LEU A 335 -30.40 29.97 -12.50
CA LEU A 335 -30.77 28.66 -13.01
C LEU A 335 -32.23 28.67 -13.47
N SER A 336 -32.48 28.05 -14.62
CA SER A 336 -33.81 27.90 -15.18
C SER A 336 -34.06 26.44 -15.48
N VAL A 337 -35.22 25.94 -15.03
CA VAL A 337 -35.61 24.56 -15.26
C VAL A 337 -36.93 24.56 -16.02
N ASN A 338 -36.93 23.88 -17.17
CA ASN A 338 -38.12 23.78 -18.05
C ASN A 338 -38.54 25.21 -18.41
N GLY A 339 -39.80 25.57 -18.22
CA GLY A 339 -40.28 26.91 -18.51
C GLY A 339 -40.35 27.85 -17.31
N LYS A 340 -39.75 27.47 -16.18
CA LYS A 340 -39.77 28.29 -14.98
C LYS A 340 -38.36 28.76 -14.64
N CYS A 341 -38.26 29.99 -14.15
CA CYS A 341 -36.98 30.58 -13.77
C CYS A 341 -36.90 30.64 -12.25
N LEU A 342 -35.75 30.24 -11.71
CA LEU A 342 -35.54 30.21 -10.27
C LEU A 342 -34.93 31.53 -9.82
N LEU A 343 -34.46 31.58 -8.57
CA LEU A 343 -33.88 32.78 -7.99
C LEU A 343 -32.36 32.75 -8.09
N PRO A 344 -31.71 33.92 -8.16
CA PRO A 344 -30.25 33.94 -8.22
C PRO A 344 -29.64 33.40 -6.94
N ILE A 345 -28.51 32.71 -7.08
CA ILE A 345 -27.81 32.13 -5.94
C ILE A 345 -26.36 32.58 -6.00
N GLN A 346 -25.87 33.15 -4.89
CA GLN A 346 -24.46 33.55 -4.78
C GLN A 346 -23.62 32.31 -4.51
N THR A 347 -22.67 32.03 -5.40
CA THR A 347 -21.92 30.78 -5.35
C THR A 347 -20.42 31.07 -5.39
N VAL A 348 -19.69 30.39 -4.51
CA VAL A 348 -18.23 30.39 -4.49
C VAL A 348 -17.79 28.95 -4.66
N PHE A 349 -17.13 28.66 -5.78
CA PHE A 349 -16.66 27.32 -6.09
C PHE A 349 -15.16 27.26 -5.84
N ALA A 350 -14.76 26.49 -4.84
CA ALA A 350 -13.35 26.31 -4.50
C ALA A 350 -12.90 24.93 -4.94
N LEU A 351 -11.84 24.88 -5.74
CA LEU A 351 -11.32 23.63 -6.28
C LEU A 351 -9.89 23.46 -5.80
N LYS A 352 -9.64 22.41 -5.03
CA LYS A 352 -8.33 22.16 -4.48
C LYS A 352 -7.45 21.44 -5.49
N GLU A 353 -6.18 21.84 -5.57
CA GLU A 353 -5.26 21.23 -6.51
C GLU A 353 -5.00 19.77 -6.17
N ASN A 354 -4.85 19.46 -4.89
CA ASN A 354 -4.54 18.12 -4.44
C ASN A 354 -5.82 17.41 -3.98
N LYS A 355 -5.65 16.22 -3.39
CA LYS A 355 -6.76 15.45 -2.84
C LYS A 355 -6.59 15.33 -1.33
N ALA A 356 -7.69 15.46 -0.61
CA ALA A 356 -7.67 15.38 0.84
C ALA A 356 -9.05 14.96 1.33
N SER A 357 -9.11 14.56 2.59
CA SER A 357 -10.34 14.06 3.16
C SER A 357 -11.36 15.19 3.31
N LYS A 358 -12.63 14.80 3.54
CA LYS A 358 -13.70 15.76 3.73
C LYS A 358 -13.41 16.70 4.90
N LEU A 359 -12.69 16.20 5.90
CA LEU A 359 -12.34 17.06 7.03
C LEU A 359 -11.51 18.25 6.58
N ASP A 360 -10.65 18.06 5.57
CA ASP A 360 -9.88 19.18 5.04
C ASP A 360 -10.78 20.20 4.34
N SER A 361 -11.78 19.72 3.61
CA SER A 361 -12.73 20.64 2.98
C SER A 361 -13.48 21.45 4.02
N HIS A 362 -13.92 20.81 5.10
CA HIS A 362 -14.57 21.54 6.17
C HIS A 362 -13.61 22.52 6.84
N HIS A 363 -12.34 22.13 6.97
CA HIS A 363 -11.34 23.03 7.52
C HIS A 363 -11.25 24.29 6.68
N TRP A 364 -11.06 24.14 5.37
CA TRP A 364 -11.00 25.30 4.49
C TRP A 364 -12.24 26.16 4.62
N TYR A 365 -13.41 25.53 4.46
CA TYR A 365 -14.68 26.25 4.50
C TYR A 365 -14.84 27.03 5.79
N PHE A 366 -14.91 26.31 6.92
CA PHE A 366 -15.11 26.93 8.22
C PHE A 366 -14.06 28.01 8.44
N ASN A 367 -12.78 27.64 8.53
CA ASN A 367 -11.78 28.64 8.89
C ASN A 367 -11.82 29.83 7.95
N ALA A 368 -11.48 29.64 6.67
CA ALA A 368 -11.36 30.79 5.78
C ALA A 368 -12.64 31.59 5.72
N PHE A 369 -13.72 30.97 5.22
CA PHE A 369 -14.90 31.76 4.87
C PHE A 369 -15.64 32.23 6.12
N ALA A 370 -15.79 31.38 7.13
CA ALA A 370 -16.47 31.80 8.34
C ALA A 370 -15.70 32.90 9.05
N GLU A 371 -14.37 32.79 9.14
CA GLU A 371 -13.61 33.86 9.78
C GLU A 371 -13.70 35.16 8.99
N GLN A 372 -13.76 35.09 7.67
CA GLN A 372 -13.84 36.33 6.89
C GLN A 372 -15.22 36.96 6.97
N ILE A 373 -16.25 36.25 6.49
CA ILE A 373 -17.58 36.82 6.40
C ILE A 373 -18.21 36.99 7.79
N GLN A 374 -17.93 36.06 8.70
CA GLN A 374 -18.51 36.04 10.05
C GLN A 374 -20.03 35.96 9.98
N PRO A 375 -20.59 34.82 9.56
CA PRO A 375 -22.05 34.69 9.48
C PRO A 375 -22.67 34.40 10.84
N GLU A 376 -23.97 34.11 10.84
CA GLU A 376 -24.67 33.73 12.07
C GLU A 376 -24.96 32.23 12.13
N TYR A 377 -25.51 31.66 11.06
CA TYR A 377 -25.84 30.24 11.00
C TYR A 377 -25.03 29.58 9.88
N THR A 378 -24.44 28.43 10.19
CA THR A 378 -23.63 27.68 9.23
C THR A 378 -24.28 26.32 9.00
N ALA A 379 -24.63 26.03 7.75
CA ALA A 379 -25.27 24.78 7.38
C ALA A 379 -24.31 23.93 6.55
N VAL A 380 -24.32 22.62 6.81
CA VAL A 380 -23.43 21.69 6.13
C VAL A 380 -24.28 20.57 5.53
N MET A 381 -24.03 20.25 4.27
CA MET A 381 -24.71 19.14 3.63
C MET A 381 -23.81 18.55 2.55
N ASP A 382 -24.08 17.31 2.19
CA ASP A 382 -23.34 16.62 1.14
C ASP A 382 -24.07 16.75 -0.19
N VAL A 383 -23.32 16.53 -1.27
CA VAL A 383 -23.89 16.61 -2.60
C VAL A 383 -24.90 15.49 -2.79
N GLY A 384 -26.04 15.82 -3.40
CA GLY A 384 -27.10 14.86 -3.63
C GLY A 384 -28.22 14.88 -2.61
N THR A 385 -28.04 15.59 -1.50
CA THR A 385 -29.07 15.67 -0.48
C THR A 385 -30.18 16.59 -0.98
N MET A 386 -31.23 15.99 -1.54
CA MET A 386 -32.34 16.74 -2.10
C MET A 386 -33.30 17.12 -0.97
N LEU A 387 -33.39 18.42 -0.67
CA LEU A 387 -34.23 18.89 0.42
C LEU A 387 -35.68 18.96 -0.03
N THR A 388 -36.54 19.45 0.86
CA THR A 388 -37.93 19.74 0.56
C THR A 388 -38.16 21.25 0.66
N LYS A 389 -39.39 21.66 0.34
CA LYS A 389 -39.70 23.08 0.29
C LYS A 389 -39.57 23.75 1.66
N SER A 390 -39.97 23.05 2.71
CA SER A 390 -40.15 23.64 4.03
C SER A 390 -39.09 23.19 5.04
N ALA A 391 -37.84 23.03 4.60
CA ALA A 391 -36.78 22.59 5.50
C ALA A 391 -36.04 23.76 6.13
N LEU A 392 -35.49 24.65 5.30
CA LEU A 392 -34.74 25.79 5.82
C LEU A 392 -35.62 26.69 6.67
N TYR A 393 -36.89 26.84 6.27
CA TYR A 393 -37.81 27.66 7.06
C TYR A 393 -37.96 27.10 8.47
N HIS A 394 -38.17 25.79 8.59
CA HIS A 394 -38.31 25.18 9.91
C HIS A 394 -37.02 25.31 10.71
N LEU A 395 -35.88 25.07 10.07
CA LEU A 395 -34.62 25.18 10.79
C LEU A 395 -34.40 26.58 11.34
N LEU A 396 -34.58 27.59 10.49
CA LEU A 396 -34.38 28.97 10.94
C LEU A 396 -35.42 29.35 12.00
N PHE A 397 -36.66 28.86 11.85
CA PHE A 397 -37.68 29.16 12.84
C PHE A 397 -37.28 28.61 14.21
N ALA A 398 -36.83 27.35 14.25
CA ALA A 398 -36.40 26.76 15.51
C ALA A 398 -35.23 27.52 16.10
N PHE A 399 -34.24 27.84 15.27
CA PHE A 399 -33.05 28.55 15.76
C PHE A 399 -33.42 29.90 16.35
N GLU A 400 -34.28 30.65 15.67
CA GLU A 400 -34.60 31.99 16.12
C GLU A 400 -35.50 31.98 17.35
N ARG A 401 -36.49 31.07 17.38
CA ARG A 401 -37.42 31.06 18.50
C ARG A 401 -36.74 30.54 19.77
N ASN A 402 -36.02 29.42 19.67
CA ASN A 402 -35.51 28.77 20.87
C ASN A 402 -34.40 29.59 21.53
N HIS A 403 -33.42 30.02 20.75
CA HIS A 403 -32.30 30.85 21.19
C HIS A 403 -31.30 30.08 22.06
N GLN A 404 -31.58 28.83 22.40
CA GLN A 404 -30.65 28.03 23.21
C GLN A 404 -30.06 26.87 22.42
N ILE A 405 -30.46 26.68 21.17
CA ILE A 405 -30.04 25.53 20.38
C ILE A 405 -28.67 25.82 19.79
N GLY A 406 -27.67 25.05 20.21
CA GLY A 406 -26.33 25.16 19.67
C GLY A 406 -26.08 24.33 18.44
N GLY A 407 -27.11 23.71 17.89
CA GLY A 407 -26.98 22.90 16.69
C GLY A 407 -28.20 22.05 16.45
N ALA A 408 -28.64 21.94 15.20
CA ALA A 408 -29.84 21.20 14.88
C ALA A 408 -29.57 20.30 13.68
N CYS A 409 -30.34 19.22 13.59
CA CYS A 409 -30.23 18.28 12.49
C CYS A 409 -31.63 17.90 12.03
N GLY A 410 -31.76 17.59 10.76
CA GLY A 410 -33.03 17.24 10.16
C GLY A 410 -33.21 15.74 10.02
N GLN A 411 -34.45 15.35 9.76
CA GLN A 411 -34.75 13.95 9.51
C GLN A 411 -34.20 13.53 8.16
N LEU A 412 -33.69 12.31 8.09
CA LEU A 412 -33.11 11.76 6.87
C LEU A 412 -33.97 10.62 6.37
N THR A 413 -34.21 10.57 5.06
CA THR A 413 -35.08 9.58 4.47
C THR A 413 -34.53 9.16 3.12
N VAL A 414 -34.98 8.01 2.64
CA VAL A 414 -34.53 7.43 1.38
C VAL A 414 -35.47 7.89 0.27
N ASP A 415 -34.88 8.35 -0.84
CA ASP A 415 -35.67 8.74 -1.99
C ASP A 415 -36.30 7.51 -2.65
N ASN A 416 -37.58 7.63 -3.01
CA ASN A 416 -38.35 6.58 -3.67
C ASN A 416 -38.31 5.26 -2.90
N PRO A 417 -38.87 5.20 -1.70
CA PRO A 417 -38.92 3.90 -1.00
C PRO A 417 -39.93 2.94 -1.60
N PHE A 418 -41.12 3.43 -1.96
CA PHE A 418 -42.17 2.55 -2.47
C PHE A 418 -41.83 2.02 -3.85
N GLU A 419 -41.18 2.85 -4.68
CA GLU A 419 -40.85 2.42 -6.03
C GLU A 419 -39.84 1.27 -6.00
N ASN A 420 -40.05 0.29 -6.86
CA ASN A 420 -39.23 -0.91 -6.94
C ASN A 420 -39.20 -1.64 -5.59
N LEU A 421 -40.38 -2.07 -5.16
CA LEU A 421 -40.51 -2.78 -3.89
C LEU A 421 -39.93 -4.18 -3.93
N SER A 422 -39.56 -4.68 -5.11
CA SER A 422 -38.96 -6.01 -5.19
C SER A 422 -37.64 -6.06 -4.44
N ASN A 423 -36.84 -5.00 -4.54
CA ASN A 423 -35.54 -4.98 -3.87
C ASN A 423 -35.73 -4.93 -2.35
N TRP A 424 -34.89 -5.70 -1.65
CA TRP A 424 -35.01 -5.82 -0.20
C TRP A 424 -34.12 -4.83 0.55
N VAL A 425 -32.92 -4.57 0.03
CA VAL A 425 -31.96 -3.75 0.75
C VAL A 425 -32.48 -2.33 0.94
N ILE A 426 -33.08 -1.76 -0.10
CA ILE A 426 -33.60 -0.40 0.00
C ILE A 426 -34.70 -0.30 1.04
N SER A 427 -35.62 -1.28 1.05
CA SER A 427 -36.68 -1.27 2.04
C SER A 427 -36.13 -1.43 3.45
N ALA A 428 -35.14 -2.32 3.62
CA ALA A 428 -34.55 -2.50 4.95
C ALA A 428 -33.88 -1.22 5.42
N GLN A 429 -33.16 -0.53 4.54
CA GLN A 429 -32.52 0.72 4.94
C GLN A 429 -33.55 1.79 5.25
N HIS A 430 -34.65 1.84 4.49
CA HIS A 430 -35.70 2.80 4.77
C HIS A 430 -36.30 2.56 6.15
N PHE A 431 -36.58 1.29 6.48
CA PHE A 431 -37.11 0.98 7.81
C PHE A 431 -36.12 1.35 8.89
N GLU A 432 -34.83 1.04 8.67
CA GLU A 432 -33.85 1.39 9.68
C GLU A 432 -33.72 2.89 9.90
N TYR A 433 -33.75 3.66 8.81
CA TYR A 433 -33.70 5.11 8.94
C TYR A 433 -34.91 5.63 9.72
N LYS A 434 -36.10 5.15 9.37
CA LYS A 434 -37.31 5.64 10.06
C LYS A 434 -37.26 5.32 11.55
N ILE A 435 -36.98 4.07 11.90
CA ILE A 435 -37.00 3.67 13.31
C ILE A 435 -35.90 4.40 14.09
N SER A 436 -34.68 4.40 13.55
CA SER A 436 -33.58 5.07 14.23
C SER A 436 -33.89 6.53 14.45
N ASN A 437 -34.26 7.24 13.38
CA ASN A 437 -34.64 8.65 13.51
C ASN A 437 -35.65 8.83 14.62
N ILE A 438 -36.84 8.24 14.47
CA ILE A 438 -37.91 8.49 15.42
C ILE A 438 -37.43 8.22 16.84
N LEU A 439 -37.10 6.97 17.14
CA LEU A 439 -36.84 6.59 18.53
C LEU A 439 -35.60 7.29 19.08
N ASP A 440 -34.44 7.07 18.46
CA ASP A 440 -33.20 7.55 19.06
C ASP A 440 -33.14 9.07 19.04
N LYS A 441 -33.49 9.70 17.92
CA LYS A 441 -33.44 11.16 17.86
C LYS A 441 -34.41 11.77 18.86
N SER A 442 -35.63 11.22 18.99
CA SER A 442 -36.57 11.76 19.95
C SER A 442 -36.04 11.66 21.37
N LEU A 443 -35.53 10.47 21.74
CA LEU A 443 -35.05 10.28 23.11
C LEU A 443 -33.87 11.20 23.41
N GLU A 444 -32.95 11.34 22.46
CA GLU A 444 -31.78 12.17 22.71
C GLU A 444 -32.11 13.66 22.65
N SER A 445 -33.13 14.05 21.89
CA SER A 445 -33.56 15.43 21.87
C SER A 445 -34.33 15.80 23.12
N CYS A 446 -34.96 14.84 23.78
CA CYS A 446 -35.62 15.13 25.06
C CYS A 446 -34.62 15.62 26.09
N PHE A 447 -33.44 15.00 26.15
CA PHE A 447 -32.38 15.45 27.03
C PHE A 447 -31.50 16.52 26.40
N GLY A 448 -31.75 16.87 25.15
CA GLY A 448 -30.97 17.91 24.49
C GLY A 448 -29.52 17.53 24.26
N PHE A 449 -29.25 16.30 23.85
CA PHE A 449 -27.90 15.87 23.50
C PHE A 449 -28.02 14.81 22.41
N ILE A 450 -27.88 15.23 21.16
CA ILE A 450 -27.93 14.31 20.03
C ILE A 450 -26.57 13.65 19.88
N SER A 451 -26.57 12.31 19.84
CA SER A 451 -25.31 11.58 19.76
C SER A 451 -24.56 11.92 18.49
N VAL A 452 -25.25 11.92 17.36
CA VAL A 452 -24.59 12.20 16.08
C VAL A 452 -25.55 12.90 15.12
N LEU A 453 -25.22 14.13 14.75
CA LEU A 453 -25.95 14.79 13.69
C LEU A 453 -25.57 14.16 12.36
N PRO A 454 -26.53 13.93 11.46
CA PRO A 454 -26.20 13.35 10.16
C PRO A 454 -25.21 14.23 9.42
N GLY A 455 -24.26 13.57 8.73
CA GLY A 455 -23.30 14.31 7.94
C GLY A 455 -23.93 15.11 6.83
N ALA A 456 -25.16 14.80 6.47
CA ALA A 456 -25.91 15.55 5.48
C ALA A 456 -26.99 16.37 6.18
N PHE A 457 -27.08 17.65 5.82
CA PHE A 457 -28.11 18.55 6.32
C PHE A 457 -28.07 18.67 7.84
N SER A 458 -26.96 19.20 8.34
CA SER A 458 -26.85 19.61 9.72
C SER A 458 -26.62 21.12 9.76
N ALA A 459 -26.84 21.71 10.92
CA ALA A 459 -26.72 23.16 11.05
C ALA A 459 -26.15 23.50 12.42
N TYR A 460 -25.49 24.66 12.50
CA TYR A 460 -24.95 25.17 13.75
C TYR A 460 -25.10 26.68 13.75
N ARG A 461 -25.00 27.27 14.94
CA ARG A 461 -24.96 28.72 15.07
C ARG A 461 -23.51 29.14 15.28
N TYR A 462 -23.04 30.08 14.46
CA TYR A 462 -21.63 30.42 14.50
C TYR A 462 -21.32 31.37 15.64
N GLU A 463 -21.69 30.96 16.85
CA GLU A 463 -21.28 31.62 18.07
C GLU A 463 -20.79 30.65 19.12
N ALA A 464 -21.19 29.37 19.04
CA ALA A 464 -20.79 28.36 19.99
C ALA A 464 -19.73 27.41 19.45
N ILE A 465 -19.33 27.56 18.19
CA ILE A 465 -18.34 26.69 17.58
C ILE A 465 -17.13 27.46 17.08
N ARG A 466 -17.03 28.75 17.41
CA ARG A 466 -15.96 29.56 16.85
C ARG A 466 -14.62 29.24 17.50
N GLY A 467 -14.60 29.00 18.80
CA GLY A 467 -13.35 28.86 19.52
C GLY A 467 -12.87 27.43 19.72
N ALA A 468 -12.93 26.96 20.96
CA ALA A 468 -12.42 25.63 21.28
C ALA A 468 -13.08 24.50 20.49
N PRO A 469 -14.41 24.46 20.31
CA PRO A 469 -15.00 23.31 19.59
C PRO A 469 -14.43 23.08 18.21
N LEU A 470 -14.19 24.14 17.44
CA LEU A 470 -13.59 23.95 16.12
C LEU A 470 -12.15 23.49 16.22
N ASP A 471 -11.41 23.96 17.22
CA ASP A 471 -10.04 23.50 17.43
C ASP A 471 -10.01 22.01 17.73
N ALA A 472 -10.95 21.54 18.55
CA ALA A 472 -11.04 20.10 18.80
C ALA A 472 -11.54 19.34 17.57
N TYR A 473 -12.34 20.01 16.73
CA TYR A 473 -12.79 19.38 15.49
C TYR A 473 -11.63 19.08 14.56
N PHE A 474 -10.69 20.02 14.44
CA PHE A 474 -9.56 19.91 13.51
C PHE A 474 -8.27 19.57 14.24
N GLN A 475 -8.34 18.74 15.28
CA GLN A 475 -7.13 18.35 16.00
C GLN A 475 -6.24 17.46 15.16
N THR A 476 -6.83 16.62 14.31
CA THR A 476 -6.03 15.68 13.51
C THR A 476 -5.21 16.41 12.45
N LEU A 477 -5.79 17.43 11.80
CA LEU A 477 -5.13 18.06 10.67
C LEU A 477 -3.94 18.92 11.09
N ASN A 478 -3.84 19.31 12.35
CA ASN A 478 -2.77 20.18 12.81
C ASN A 478 -1.68 19.46 13.58
N ILE A 479 -1.91 18.22 14.00
CA ILE A 479 -0.95 17.44 14.76
C ILE A 479 -0.73 16.12 14.07
N GLU A 480 0.53 15.72 13.91
CA GLU A 480 0.83 14.44 13.29
C GLU A 480 0.27 13.30 14.14
N LEU A 481 -0.19 12.25 13.46
CA LEU A 481 -0.89 11.17 14.15
C LEU A 481 0.00 10.41 15.12
N ASP A 482 1.32 10.53 15.01
CA ASP A 482 2.21 9.87 15.95
C ASP A 482 2.05 10.44 17.35
N VAL A 483 1.92 11.76 17.46
CA VAL A 483 1.76 12.39 18.77
C VAL A 483 0.39 12.07 19.36
N LEU A 484 -0.66 12.09 18.52
CA LEU A 484 -2.01 11.87 19.02
C LEU A 484 -2.16 10.48 19.62
N GLY A 485 -1.57 9.47 19.00
CA GLY A 485 -1.66 8.12 19.49
C GLY A 485 -2.65 7.29 18.69
N PRO A 486 -2.82 6.03 19.08
CA PRO A 486 -3.73 5.16 18.32
C PRO A 486 -5.20 5.48 18.55
N PHE A 487 -5.59 5.81 19.78
CA PHE A 487 -7.01 5.97 20.08
C PHE A 487 -7.60 7.15 19.32
N ILE A 488 -6.94 8.30 19.35
CA ILE A 488 -7.45 9.46 18.63
C ILE A 488 -7.35 9.24 17.12
N GLY A 489 -6.26 8.60 16.67
CA GLY A 489 -6.09 8.37 15.25
C GLY A 489 -7.15 7.45 14.67
N ASN A 490 -7.55 6.43 15.44
CA ASN A 490 -8.55 5.48 14.95
C ASN A 490 -9.95 6.08 14.88
N MET A 491 -10.15 7.28 15.41
CA MET A 491 -11.46 7.95 15.36
C MET A 491 -11.65 8.60 13.99
N TYR A 492 -11.62 7.75 12.96
CA TYR A 492 -11.72 8.20 11.59
C TYR A 492 -13.18 8.22 11.14
N LEU A 493 -13.55 9.27 10.41
CA LEU A 493 -14.93 9.49 9.98
C LEU A 493 -15.88 9.52 11.16
N ALA A 494 -15.45 10.17 12.25
CA ALA A 494 -16.26 10.27 13.45
C ALA A 494 -16.20 11.65 14.10
N GLU A 495 -15.55 12.63 13.47
CA GLU A 495 -15.35 13.92 14.10
C GLU A 495 -16.65 14.68 14.29
N ASP A 496 -17.72 14.30 13.59
CA ASP A 496 -19.01 14.96 13.79
C ASP A 496 -19.49 14.80 15.23
N ARG A 497 -19.35 13.59 15.77
CA ARG A 497 -19.71 13.37 17.17
C ARG A 497 -18.79 14.15 18.10
N ILE A 498 -17.53 14.34 17.71
CA ILE A 498 -16.62 15.14 18.52
C ILE A 498 -17.12 16.57 18.60
N LEU A 499 -17.51 17.15 17.46
CA LEU A 499 -18.05 18.50 17.48
C LEU A 499 -19.36 18.58 18.26
N SER A 500 -20.21 17.57 18.10
CA SER A 500 -21.49 17.57 18.80
C SER A 500 -21.29 17.54 20.31
N PHE A 501 -20.31 16.77 20.78
CA PHE A 501 -20.04 16.75 22.21
C PHE A 501 -19.37 18.04 22.68
N GLU A 502 -18.48 18.59 21.86
CA GLU A 502 -17.78 19.80 22.27
C GLU A 502 -18.73 21.00 22.37
N VAL A 503 -19.74 21.06 21.51
CA VAL A 503 -20.71 22.15 21.61
C VAL A 503 -21.45 22.10 22.93
N VAL A 504 -21.87 20.91 23.35
CA VAL A 504 -22.64 20.78 24.59
C VAL A 504 -21.77 21.09 25.80
N ALA A 505 -20.55 20.55 25.84
CA ALA A 505 -19.69 20.67 27.00
C ALA A 505 -18.73 21.85 26.91
N ARG A 506 -19.10 22.92 26.21
CA ARG A 506 -18.24 24.08 26.14
C ARG A 506 -18.23 24.81 27.48
N LYS A 507 -17.05 25.26 27.89
CA LYS A 507 -16.90 25.90 29.19
C LYS A 507 -17.55 27.28 29.20
N ASN A 508 -18.09 27.64 30.36
CA ASN A 508 -18.70 28.95 30.60
C ASN A 508 -19.89 29.22 29.68
N CYS A 509 -20.51 28.17 29.15
CA CYS A 509 -21.66 28.32 28.27
C CYS A 509 -22.57 27.11 28.44
N ASN A 510 -23.83 27.28 28.03
CA ASN A 510 -24.83 26.21 28.08
C ASN A 510 -25.50 26.12 26.71
N TRP A 511 -24.89 25.35 25.82
CA TRP A 511 -25.45 25.11 24.49
C TRP A 511 -25.96 23.68 24.43
N THR A 512 -27.20 23.51 23.98
CA THR A 512 -27.82 22.20 23.88
C THR A 512 -28.29 21.96 22.45
N MET A 513 -28.08 20.73 21.98
CA MET A 513 -28.48 20.39 20.62
C MET A 513 -29.97 20.06 20.58
N HIS A 514 -30.51 20.02 19.36
CA HIS A 514 -31.95 19.86 19.18
C HIS A 514 -32.22 19.18 17.86
N TYR A 515 -33.38 18.53 17.78
CA TYR A 515 -33.79 17.78 16.60
C TYR A 515 -35.12 18.33 16.09
N VAL A 516 -35.19 18.57 14.78
CA VAL A 516 -36.40 19.10 14.14
C VAL A 516 -37.01 18.00 13.28
N LYS A 517 -38.33 17.81 13.42
CA LYS A 517 -39.00 16.70 12.75
C LYS A 517 -39.23 16.99 11.27
N ASP A 518 -39.58 18.23 10.93
CA ASP A 518 -40.08 18.53 9.58
C ASP A 518 -38.97 18.75 8.56
N ALA A 519 -37.72 18.92 8.99
CA ALA A 519 -36.62 19.17 8.05
C ALA A 519 -36.27 17.86 7.32
N VAL A 520 -37.13 17.49 6.38
CA VAL A 520 -36.99 16.22 5.68
C VAL A 520 -36.00 16.39 4.53
N ALA A 521 -34.96 15.57 4.52
CA ALA A 521 -33.96 15.56 3.46
C ALA A 521 -33.92 14.16 2.85
N ARG A 522 -33.99 14.09 1.53
CA ARG A 522 -34.02 12.82 0.82
C ARG A 522 -32.66 12.55 0.19
N THR A 523 -32.01 11.47 0.62
CA THR A 523 -30.73 11.07 0.09
C THR A 523 -30.91 9.90 -0.88
N ASP A 524 -29.80 9.32 -1.33
CA ASP A 524 -29.80 8.12 -2.14
C ASP A 524 -28.94 7.06 -1.47
N VAL A 525 -29.41 5.82 -1.48
CA VAL A 525 -28.73 4.75 -0.76
C VAL A 525 -28.25 3.69 -1.76
N PRO A 526 -27.19 2.95 -1.44
CA PRO A 526 -26.73 1.90 -2.36
C PRO A 526 -27.79 0.82 -2.53
N HIS A 527 -27.88 0.29 -3.75
CA HIS A 527 -28.87 -0.71 -4.11
C HIS A 527 -28.37 -2.14 -3.96
N ASP A 528 -27.09 -2.33 -3.66
CA ASP A 528 -26.50 -3.66 -3.57
C ASP A 528 -25.90 -3.86 -2.19
N LEU A 529 -25.50 -5.11 -1.92
CA LEU A 529 -24.99 -5.44 -0.60
C LEU A 529 -23.59 -4.87 -0.36
N VAL A 530 -22.76 -4.79 -1.40
CA VAL A 530 -21.35 -4.46 -1.20
C VAL A 530 -21.19 -2.98 -0.81
N GLY A 531 -21.89 -2.09 -1.49
CA GLY A 531 -21.82 -0.68 -1.12
C GLY A 531 -22.35 -0.43 0.27
N LEU A 532 -23.45 -1.11 0.62
CA LEU A 532 -23.97 -1.04 1.98
C LEU A 532 -22.93 -1.52 2.98
N ILE A 533 -22.20 -2.58 2.64
CA ILE A 533 -21.18 -3.12 3.55
C ILE A 533 -20.08 -2.09 3.78
N SER A 534 -19.61 -1.45 2.70
CA SER A 534 -18.54 -0.47 2.86
C SER A 534 -19.02 0.73 3.69
N GLN A 535 -20.22 1.24 3.37
CA GLN A 535 -20.75 2.38 4.09
C GLN A 535 -20.93 2.05 5.58
N ARG A 536 -21.47 0.88 5.88
CA ARG A 536 -21.64 0.48 7.26
C ARG A 536 -20.30 0.26 7.96
N LYS A 537 -19.29 -0.19 7.23
CA LYS A 537 -17.95 -0.29 7.81
C LYS A 537 -17.50 1.06 8.33
N ARG A 538 -17.54 2.07 7.46
CA ARG A 538 -17.13 3.42 7.89
C ARG A 538 -17.95 3.88 9.08
N TRP A 539 -19.27 3.78 8.97
CA TRP A 539 -20.15 4.31 10.02
C TRP A 539 -19.92 3.60 11.34
N LEU A 540 -19.81 2.28 11.33
CA LEU A 540 -19.67 1.53 12.58
C LEU A 540 -18.33 1.82 13.25
N ASN A 541 -17.24 1.87 12.47
CA ASN A 541 -15.95 2.20 13.07
C ASN A 541 -16.01 3.55 13.75
N GLY A 542 -16.45 4.57 13.01
CA GLY A 542 -16.52 5.90 13.59
C GLY A 542 -17.42 5.96 14.81
N ALA A 543 -18.60 5.33 14.72
CA ALA A 543 -19.57 5.40 15.80
C ALA A 543 -19.02 4.77 17.07
N PHE A 544 -18.43 3.57 16.95
CA PHE A 544 -17.94 2.90 18.14
C PHE A 544 -16.85 3.71 18.82
N PHE A 545 -15.87 4.19 18.05
CA PHE A 545 -14.78 4.87 18.74
C PHE A 545 -15.20 6.24 19.27
N ALA A 546 -16.07 6.96 18.56
CA ALA A 546 -16.58 8.23 19.10
C ALA A 546 -17.40 8.00 20.36
N THR A 547 -18.20 6.92 20.39
CA THR A 547 -18.97 6.60 21.59
C THR A 547 -18.05 6.32 22.77
N LEU A 548 -16.97 5.56 22.54
CA LEU A 548 -16.02 5.30 23.62
C LEU A 548 -15.40 6.60 24.12
N PHE A 549 -15.03 7.51 23.20
CA PHE A 549 -14.45 8.78 23.63
C PHE A 549 -15.44 9.59 24.46
N SER A 550 -16.70 9.66 24.02
CA SER A 550 -17.70 10.42 24.75
C SER A 550 -17.92 9.85 26.13
N ILE A 551 -18.02 8.53 26.24
CA ILE A 551 -18.22 7.91 27.55
C ILE A 551 -17.01 8.19 28.44
N TRP A 552 -15.81 8.17 27.87
CA TRP A 552 -14.62 8.43 28.66
C TRP A 552 -14.59 9.86 29.20
N ASN A 553 -14.96 10.84 28.36
CA ASN A 553 -14.79 12.24 28.72
C ASN A 553 -16.10 12.92 29.14
N TRP A 554 -17.14 12.14 29.44
CA TRP A 554 -18.41 12.73 29.86
C TRP A 554 -18.28 13.63 31.09
N GLY A 555 -17.27 13.39 31.93
CA GLY A 555 -17.16 14.15 33.18
C GLY A 555 -16.95 15.64 32.99
N ARG A 556 -16.50 16.06 31.81
CA ARG A 556 -16.24 17.48 31.57
C ARG A 556 -17.49 18.31 31.69
N ILE A 557 -18.67 17.72 31.43
CA ILE A 557 -19.92 18.46 31.52
C ILE A 557 -20.13 18.96 32.95
N TYR A 558 -19.93 18.08 33.93
CA TYR A 558 -20.07 18.49 35.32
C TYR A 558 -18.88 19.32 35.77
N SER A 559 -17.68 19.01 35.28
CA SER A 559 -16.49 19.69 35.78
C SER A 559 -16.44 21.15 35.32
N GLU A 560 -16.70 21.40 34.04
CA GLU A 560 -16.44 22.71 33.45
C GLU A 560 -17.67 23.47 33.02
N SER A 561 -18.67 22.79 32.45
CA SER A 561 -19.80 23.49 31.88
C SER A 561 -20.65 24.16 32.96
N LYS A 562 -21.39 25.18 32.55
CA LYS A 562 -22.27 25.94 33.43
C LYS A 562 -23.71 25.68 32.98
N HIS A 563 -24.30 24.61 33.49
CA HIS A 563 -25.67 24.24 33.17
C HIS A 563 -26.54 24.32 34.43
N THR A 564 -27.85 24.28 34.21
CA THR A 564 -28.78 24.22 35.31
C THR A 564 -28.68 22.87 36.01
N PHE A 565 -29.03 22.85 37.30
CA PHE A 565 -28.93 21.61 38.06
C PHE A 565 -29.86 20.53 37.50
N VAL A 566 -31.06 20.92 37.10
CA VAL A 566 -31.98 19.98 36.48
C VAL A 566 -31.38 19.39 35.21
N ARG A 567 -30.70 20.24 34.42
CA ARG A 567 -30.02 19.76 33.23
C ARG A 567 -28.94 18.73 33.58
N LYS A 568 -28.20 18.98 34.66
CA LYS A 568 -27.16 18.02 35.06
C LYS A 568 -27.78 16.70 35.49
N MET A 569 -28.90 16.73 36.21
CA MET A 569 -29.55 15.49 36.61
C MET A 569 -30.06 14.73 35.38
N ALA A 570 -30.65 15.45 34.43
CA ALA A 570 -31.11 14.80 33.20
C ALA A 570 -29.95 14.19 32.44
N PHE A 571 -28.82 14.89 32.38
CA PHE A 571 -27.64 14.34 31.73
C PHE A 571 -27.14 13.10 32.45
N LEU A 572 -27.24 13.08 33.78
CA LEU A 572 -26.85 11.88 34.51
C LEU A 572 -27.73 10.69 34.17
N VAL A 573 -29.05 10.91 34.09
CA VAL A 573 -29.96 9.82 33.73
C VAL A 573 -29.65 9.33 32.32
N PHE A 574 -29.45 10.25 31.38
CA PHE A 574 -29.12 9.86 30.02
C PHE A 574 -27.78 9.15 29.96
N TYR A 575 -26.83 9.54 30.81
CA TYR A 575 -25.54 8.85 30.84
C TYR A 575 -25.69 7.42 31.29
N VAL A 576 -26.52 7.17 32.31
CA VAL A 576 -26.77 5.81 32.76
C VAL A 576 -27.41 5.00 31.63
N TYR A 577 -28.41 5.57 30.97
CA TYR A 577 -29.05 4.87 29.87
C TYR A 577 -28.07 4.57 28.75
N HIS A 578 -27.20 5.53 28.43
CA HIS A 578 -26.22 5.35 27.37
C HIS A 578 -25.25 4.23 27.71
N LEU A 579 -24.78 4.19 28.96
CA LEU A 579 -23.87 3.13 29.37
C LEU A 579 -24.55 1.77 29.24
N LEU A 580 -25.79 1.65 29.71
CA LEU A 580 -26.50 0.37 29.62
C LEU A 580 -26.69 -0.04 28.17
N TYR A 581 -27.09 0.89 27.30
CA TYR A 581 -27.32 0.54 25.90
C TYR A 581 -26.04 0.12 25.20
N THR A 582 -24.94 0.83 25.46
CA THR A 582 -23.67 0.45 24.84
C THR A 582 -23.21 -0.92 25.33
N ALA A 583 -23.36 -1.18 26.64
CA ALA A 583 -22.98 -2.48 27.18
C ALA A 583 -23.79 -3.59 26.53
N PHE A 584 -25.10 -3.38 26.37
CA PHE A 584 -25.92 -4.40 25.72
C PHE A 584 -25.55 -4.58 24.26
N GLY A 585 -25.26 -3.49 23.56
CA GLY A 585 -24.92 -3.58 22.15
C GLY A 585 -23.57 -4.21 21.89
N PHE A 586 -22.66 -4.16 22.86
CA PHE A 586 -21.36 -4.80 22.68
C PHE A 586 -21.46 -6.33 22.72
N PHE A 587 -22.50 -6.89 23.33
CA PHE A 587 -22.70 -8.32 23.41
C PHE A 587 -23.89 -8.79 22.57
N LEU A 588 -24.07 -8.19 21.40
CA LEU A 588 -25.25 -8.47 20.59
C LEU A 588 -25.18 -9.80 19.85
N PRO A 589 -24.08 -10.15 19.15
CA PRO A 589 -24.07 -11.41 18.41
C PRO A 589 -24.31 -12.63 19.29
N ALA A 590 -23.69 -12.66 20.47
CA ALA A 590 -23.90 -13.78 21.38
C ALA A 590 -25.35 -13.87 21.82
N ASN A 591 -25.96 -12.72 22.13
CA ASN A 591 -27.36 -12.72 22.55
C ASN A 591 -28.27 -13.21 21.44
N LEU A 592 -28.01 -12.79 20.20
CA LEU A 592 -28.82 -13.25 19.08
C LEU A 592 -28.69 -14.76 18.89
N TYR A 593 -27.46 -15.26 18.93
CA TYR A 593 -27.24 -16.69 18.77
C TYR A 593 -27.94 -17.47 19.88
N LEU A 594 -27.81 -17.02 21.12
CA LEU A 594 -28.44 -17.71 22.23
C LEU A 594 -29.95 -17.71 22.10
N ALA A 595 -30.54 -16.56 21.75
CA ALA A 595 -31.98 -16.48 21.63
C ALA A 595 -32.48 -17.45 20.57
N LEU A 596 -31.90 -17.38 19.36
CA LEU A 596 -32.35 -18.27 18.30
C LEU A 596 -32.18 -19.73 18.69
N PHE A 597 -30.98 -20.10 19.13
CA PHE A 597 -30.69 -21.48 19.50
C PHE A 597 -31.68 -21.98 20.54
N PHE A 598 -31.70 -21.35 21.72
CA PHE A 598 -32.59 -21.75 22.79
C PHE A 598 -34.01 -21.88 22.25
N ILE A 599 -34.62 -20.78 21.83
CA ILE A 599 -36.04 -20.79 21.50
C ILE A 599 -36.31 -21.88 20.48
N VAL A 600 -35.78 -21.71 19.26
CA VAL A 600 -36.19 -22.59 18.17
C VAL A 600 -35.76 -24.02 18.43
N PHE A 601 -34.45 -24.24 18.55
CA PHE A 601 -33.98 -25.62 18.52
C PHE A 601 -34.22 -26.35 19.84
N GLN A 602 -34.03 -25.69 20.99
CA GLN A 602 -34.33 -26.38 22.23
C GLN A 602 -35.81 -26.35 22.55
N GLY A 603 -36.66 -25.74 21.71
CA GLY A 603 -38.06 -26.09 21.72
C GLY A 603 -38.37 -27.25 20.81
N PHE A 604 -37.61 -27.40 19.72
CA PHE A 604 -37.79 -28.55 18.84
C PHE A 604 -37.25 -29.82 19.48
N GLN A 605 -36.05 -29.77 20.05
CA GLN A 605 -35.41 -30.99 20.56
C GLN A 605 -36.04 -31.46 21.86
N GLN A 606 -36.31 -30.54 22.79
CA GLN A 606 -36.81 -30.91 24.11
C GLN A 606 -38.33 -30.83 24.19
N ASN A 607 -39.01 -30.79 23.06
CA ASN A 607 -40.47 -30.86 22.99
C ASN A 607 -41.12 -29.73 23.79
N ARG A 608 -40.86 -28.50 23.36
CA ARG A 608 -41.44 -27.33 23.98
C ARG A 608 -42.16 -26.41 23.01
N LEU A 609 -42.14 -26.71 21.71
CA LEU A 609 -43.02 -26.04 20.78
C LEU A 609 -44.47 -26.41 21.11
N GLU A 610 -45.34 -25.41 21.14
CA GLU A 610 -46.69 -25.62 21.64
C GLU A 610 -47.68 -26.04 20.56
N PHE A 611 -47.35 -25.90 19.28
CA PHE A 611 -48.25 -26.30 18.21
C PHE A 611 -47.88 -27.65 17.61
N ILE A 612 -46.92 -28.36 18.20
CA ILE A 612 -46.52 -29.67 17.70
C ILE A 612 -45.79 -30.39 18.82
N ASP A 613 -45.98 -31.70 18.91
CA ASP A 613 -45.34 -32.53 19.92
C ASP A 613 -44.21 -33.31 19.27
N THR A 614 -43.01 -33.18 19.82
CA THR A 614 -41.83 -33.85 19.28
C THR A 614 -41.33 -34.97 20.18
N SER A 615 -42.19 -35.49 21.06
CA SER A 615 -41.83 -36.66 21.85
C SER A 615 -41.61 -37.88 20.99
N GLU A 616 -42.10 -37.86 19.74
CA GLU A 616 -41.91 -38.92 18.78
C GLU A 616 -40.54 -38.81 18.13
N TYR A 617 -40.33 -39.52 17.02
CA TYR A 617 -39.12 -39.51 16.21
C TYR A 617 -38.01 -40.33 16.87
N SER A 618 -37.03 -40.74 16.08
CA SER A 618 -36.09 -41.79 16.47
C SER A 618 -34.83 -41.25 17.14
N GLN A 619 -34.90 -40.08 17.79
CA GLN A 619 -33.81 -39.49 18.55
C GLN A 619 -32.64 -39.08 17.65
N THR A 620 -32.73 -39.31 16.34
CA THR A 620 -31.70 -38.86 15.42
C THR A 620 -31.96 -37.44 14.95
N VAL A 621 -33.20 -37.13 14.59
CA VAL A 621 -33.55 -35.79 14.13
C VAL A 621 -33.36 -34.77 15.25
N LEU A 622 -33.67 -35.17 16.48
CA LEU A 622 -33.64 -34.23 17.60
C LEU A 622 -32.24 -33.65 17.82
N ASP A 623 -31.21 -34.50 17.74
CA ASP A 623 -29.84 -34.01 17.85
C ASP A 623 -29.29 -33.52 16.51
N CYS A 624 -29.81 -34.06 15.40
CA CYS A 624 -29.33 -33.65 14.09
C CYS A 624 -29.65 -32.18 13.83
N ALA A 625 -30.84 -31.73 14.26
CA ALA A 625 -31.19 -30.32 14.06
C ALA A 625 -30.20 -29.40 14.77
N VAL A 626 -29.90 -29.70 16.03
CA VAL A 626 -28.97 -28.85 16.79
C VAL A 626 -27.58 -28.90 16.17
N TYR A 627 -27.12 -30.09 15.79
CA TYR A 627 -25.79 -30.21 15.20
C TYR A 627 -25.71 -29.44 13.89
N ILE A 628 -26.74 -29.54 13.05
CA ILE A 628 -26.74 -28.84 11.78
C ILE A 628 -26.70 -27.33 12.01
N TYR A 629 -27.53 -26.85 12.95
CA TYR A 629 -27.55 -25.42 13.23
C TYR A 629 -26.19 -24.93 13.70
N ASN A 630 -25.60 -25.64 14.67
CA ASN A 630 -24.32 -25.21 15.22
C ASN A 630 -23.22 -25.21 14.16
N PHE A 631 -23.14 -26.29 13.38
CA PHE A 631 -22.09 -26.38 12.38
C PHE A 631 -22.26 -25.33 11.29
N SER A 632 -23.50 -25.11 10.82
CA SER A 632 -23.71 -24.10 9.80
C SER A 632 -23.36 -22.71 10.33
N TYR A 633 -23.77 -22.40 11.56
CA TYR A 633 -23.48 -21.08 12.11
C TYR A 633 -21.98 -20.88 12.26
N LEU A 634 -21.27 -21.88 12.78
CA LEU A 634 -19.82 -21.72 12.97
C LEU A 634 -19.10 -21.60 11.64
N PHE A 635 -19.46 -22.41 10.65
CA PHE A 635 -18.80 -22.32 9.35
C PHE A 635 -19.09 -20.97 8.70
N GLY A 636 -20.33 -20.49 8.80
CA GLY A 636 -20.64 -19.18 8.25
C GLY A 636 -19.84 -18.07 8.90
N LEU A 637 -19.72 -18.10 10.24
CA LEU A 637 -18.94 -17.08 10.92
C LEU A 637 -17.47 -17.14 10.52
N LEU A 638 -16.92 -18.34 10.41
CA LEU A 638 -15.52 -18.47 10.02
C LEU A 638 -15.28 -17.93 8.62
N MET A 639 -16.15 -18.29 7.69
CA MET A 639 -16.02 -17.78 6.33
C MET A 639 -16.13 -16.27 6.30
N LEU A 640 -17.09 -15.71 7.03
CA LEU A 640 -17.28 -14.26 7.04
C LEU A 640 -16.05 -13.56 7.59
N ILE A 641 -15.50 -14.04 8.70
CA ILE A 641 -14.37 -13.34 9.30
C ILE A 641 -13.14 -13.44 8.41
N ILE A 642 -12.90 -14.62 7.82
CA ILE A 642 -11.74 -14.79 6.94
C ILE A 642 -11.85 -13.85 5.74
N ILE A 643 -13.02 -13.82 5.10
CA ILE A 643 -13.19 -12.98 3.92
C ILE A 643 -13.08 -11.50 4.29
N GLY A 644 -13.73 -11.08 5.37
CA GLY A 644 -13.71 -9.69 5.75
C GLY A 644 -12.31 -9.20 6.09
N LEU A 645 -11.56 -9.98 6.86
CA LEU A 645 -10.19 -9.58 7.16
C LEU A 645 -9.30 -9.67 5.92
N GLY A 646 -9.60 -10.57 5.00
CA GLY A 646 -8.71 -10.84 3.89
C GLY A 646 -8.65 -9.79 2.79
N ASN A 647 -9.74 -9.60 2.06
CA ASN A 647 -9.72 -8.82 0.84
C ASN A 647 -10.89 -7.84 0.80
N ASN A 648 -10.88 -6.97 -0.21
CA ASN A 648 -11.95 -6.02 -0.39
C ASN A 648 -13.25 -6.73 -0.72
N PRO A 649 -14.38 -6.30 -0.17
CA PRO A 649 -15.67 -6.96 -0.43
C PRO A 649 -16.36 -6.42 -1.68
N LYS A 650 -15.69 -6.52 -2.82
CA LYS A 650 -16.29 -6.20 -4.10
C LYS A 650 -16.23 -7.34 -5.09
N HIS A 651 -15.17 -8.15 -5.07
CA HIS A 651 -15.06 -9.35 -5.88
C HIS A 651 -15.57 -10.59 -5.18
N MET A 652 -15.95 -10.48 -3.92
CA MET A 652 -16.53 -11.58 -3.15
C MET A 652 -18.04 -11.46 -3.05
N LYS A 653 -18.68 -10.98 -4.12
CA LYS A 653 -20.11 -10.72 -4.10
C LYS A 653 -20.91 -11.99 -3.87
N LEU A 654 -20.53 -13.08 -4.55
CA LEU A 654 -21.31 -14.31 -4.48
C LEU A 654 -21.30 -14.90 -3.07
N THR A 655 -20.15 -14.89 -2.40
CA THR A 655 -20.08 -15.47 -1.06
C THR A 655 -20.91 -14.66 -0.06
N TYR A 656 -20.82 -13.34 -0.13
CA TYR A 656 -21.64 -12.51 0.77
C TYR A 656 -23.12 -12.70 0.48
N TYR A 657 -23.49 -12.81 -0.79
CA TYR A 657 -24.89 -13.09 -1.12
C TYR A 657 -25.34 -14.42 -0.54
N PHE A 658 -24.49 -15.45 -0.65
CA PHE A 658 -24.84 -16.77 -0.13
C PHE A 658 -25.01 -16.74 1.38
N VAL A 659 -24.08 -16.09 2.09
CA VAL A 659 -24.17 -16.03 3.55
C VAL A 659 -25.41 -15.24 3.97
N GLY A 660 -25.67 -14.12 3.29
CA GLY A 660 -26.85 -13.34 3.60
C GLY A 660 -28.13 -14.12 3.38
N ALA A 661 -28.18 -14.90 2.29
CA ALA A 661 -29.36 -15.72 2.02
C ALA A 661 -29.55 -16.78 3.10
N VAL A 662 -28.46 -17.43 3.52
CA VAL A 662 -28.57 -18.45 4.56
C VAL A 662 -29.09 -17.84 5.85
N PHE A 663 -28.51 -16.70 6.26
CA PHE A 663 -28.94 -16.07 7.50
C PHE A 663 -30.37 -15.56 7.41
N GLY A 664 -30.77 -15.04 6.24
CA GLY A 664 -32.14 -14.61 6.07
C GLY A 664 -33.13 -15.75 6.16
N LEU A 665 -32.80 -16.89 5.55
CA LEU A 665 -33.66 -18.07 5.66
C LEU A 665 -33.78 -18.50 7.12
N MET A 666 -32.65 -18.52 7.83
CA MET A 666 -32.67 -18.92 9.24
C MET A 666 -33.55 -17.97 10.05
N MET A 667 -33.41 -16.67 9.84
CA MET A 667 -34.18 -15.70 10.62
C MET A 667 -35.66 -15.79 10.29
N MET A 668 -36.00 -16.00 9.01
CA MET A 668 -37.41 -16.14 8.65
C MET A 668 -38.02 -17.39 9.29
N LEU A 669 -37.28 -18.50 9.28
CA LEU A 669 -37.77 -19.72 9.93
C LEU A 669 -37.97 -19.49 11.42
N SER A 670 -37.01 -18.82 12.07
CA SER A 670 -37.14 -18.54 13.50
C SER A 670 -38.34 -17.64 13.78
N SER A 671 -38.56 -16.64 12.94
CA SER A 671 -39.70 -15.74 13.13
C SER A 671 -41.01 -16.51 12.97
N LEU A 672 -41.10 -17.40 11.98
CA LEU A 672 -42.31 -18.19 11.81
C LEU A 672 -42.58 -19.07 13.03
N VAL A 673 -41.53 -19.73 13.53
CA VAL A 673 -41.70 -20.60 14.69
C VAL A 673 -42.13 -19.78 15.91
N GLY A 674 -41.52 -18.62 16.11
CA GLY A 674 -41.90 -17.78 17.24
C GLY A 674 -43.33 -17.30 17.15
N ALA A 675 -43.76 -16.91 15.93
CA ALA A 675 -45.14 -16.49 15.75
C ALA A 675 -46.11 -17.63 16.05
N GLY A 676 -45.79 -18.83 15.59
CA GLY A 676 -46.63 -19.97 15.90
C GLY A 676 -46.70 -20.25 17.39
N ILE A 677 -45.56 -20.18 18.07
CA ILE A 677 -45.54 -20.40 19.51
C ILE A 677 -46.41 -19.38 20.22
N PHE A 678 -46.29 -18.11 19.83
CA PHE A 678 -47.06 -17.06 20.49
C PHE A 678 -48.56 -17.24 20.24
N PHE A 679 -48.94 -17.60 19.01
CA PHE A 679 -50.36 -17.72 18.69
C PHE A 679 -50.98 -19.02 19.17
N SER A 680 -50.18 -20.01 19.54
CA SER A 680 -50.73 -21.23 20.12
C SER A 680 -50.78 -21.21 21.64
N THR A 681 -50.03 -20.31 22.28
CA THR A 681 -50.10 -20.17 23.72
C THR A 681 -51.45 -19.58 24.12
N PRO A 682 -52.06 -20.07 25.21
CA PRO A 682 -53.34 -19.50 25.66
C PRO A 682 -53.24 -18.07 26.17
N ALA A 683 -52.05 -17.47 26.15
CA ALA A 683 -51.83 -16.05 26.45
C ALA A 683 -51.95 -15.77 27.94
N THR A 684 -51.24 -14.75 28.41
CA THR A 684 -51.25 -14.35 29.80
C THR A 684 -50.90 -12.87 29.88
N VAL A 685 -51.16 -12.27 31.05
CA VAL A 685 -50.86 -10.84 31.23
C VAL A 685 -49.37 -10.60 31.07
N HIS A 686 -48.55 -11.44 31.70
CA HIS A 686 -47.10 -11.31 31.55
C HIS A 686 -46.69 -11.49 30.09
N SER A 687 -47.25 -12.48 29.41
CA SER A 687 -46.90 -12.74 28.03
C SER A 687 -47.27 -11.57 27.14
N ILE A 688 -48.48 -11.04 27.29
CA ILE A 688 -48.91 -9.94 26.43
C ILE A 688 -48.13 -8.67 26.73
N VAL A 689 -47.80 -8.43 28.00
CA VAL A 689 -47.00 -7.26 28.35
C VAL A 689 -45.62 -7.36 27.71
N VAL A 690 -45.00 -8.55 27.79
CA VAL A 690 -43.69 -8.74 27.19
C VAL A 690 -43.77 -8.56 25.68
N SER A 691 -44.79 -9.14 25.04
CA SER A 691 -44.92 -9.01 23.59
C SER A 691 -45.07 -7.55 23.18
N ILE A 692 -45.94 -6.81 23.89
CA ILE A 692 -46.13 -5.40 23.59
C ILE A 692 -44.80 -4.67 23.71
N LEU A 693 -44.21 -4.66 24.91
CA LEU A 693 -43.02 -3.87 25.18
C LEU A 693 -41.80 -4.36 24.40
N THR A 694 -41.86 -5.53 23.77
CA THR A 694 -40.75 -6.00 22.97
C THR A 694 -40.91 -5.65 21.49
N VAL A 695 -42.05 -5.97 20.90
CA VAL A 695 -42.23 -5.83 19.45
C VAL A 695 -43.11 -4.64 19.10
N GLY A 696 -44.20 -4.44 19.83
CA GLY A 696 -45.18 -3.45 19.40
C GLY A 696 -44.81 -2.01 19.66
N VAL A 697 -43.65 -1.77 20.30
CA VAL A 697 -43.21 -0.40 20.54
C VAL A 697 -42.99 0.33 19.21
N TYR A 698 -42.45 -0.38 18.22
CA TYR A 698 -42.25 0.21 16.90
C TYR A 698 -43.57 0.69 16.32
N PHE A 699 -44.57 -0.18 16.33
CA PHE A 699 -45.87 0.17 15.76
C PHE A 699 -46.53 1.30 16.54
N ILE A 700 -46.41 1.28 17.87
CA ILE A 700 -47.00 2.34 18.69
C ILE A 700 -46.38 3.68 18.35
N ALA A 701 -45.04 3.74 18.32
CA ALA A 701 -44.37 5.00 18.02
C ALA A 701 -44.70 5.48 16.61
N SER A 702 -44.71 4.56 15.65
CA SER A 702 -44.99 4.95 14.27
C SER A 702 -46.42 5.48 14.12
N ALA A 703 -47.38 4.84 14.79
CA ALA A 703 -48.74 5.35 14.75
C ALA A 703 -48.85 6.70 15.45
N LEU A 704 -48.10 6.90 16.54
CA LEU A 704 -48.13 8.19 17.22
C LEU A 704 -47.60 9.30 16.32
N HIS A 705 -46.53 9.03 15.56
CA HIS A 705 -45.98 10.03 14.66
C HIS A 705 -46.55 9.95 13.25
N GLY A 706 -47.48 9.03 12.98
CA GLY A 706 -48.15 8.96 11.71
C GLY A 706 -47.40 8.26 10.61
N GLU A 707 -46.19 7.77 10.86
CA GLU A 707 -45.42 7.05 9.86
C GLU A 707 -45.58 5.54 10.07
N VAL A 708 -46.80 5.08 9.86
CA VAL A 708 -47.15 3.69 10.16
C VAL A 708 -47.15 2.84 8.90
N HIS A 709 -47.49 3.43 7.76
CA HIS A 709 -47.56 2.65 6.52
C HIS A 709 -46.19 2.16 6.09
N HIS A 710 -45.15 2.98 6.27
CA HIS A 710 -43.80 2.55 5.93
C HIS A 710 -43.38 1.34 6.75
N ILE A 711 -43.71 1.36 8.04
CA ILE A 711 -43.35 0.24 8.92
C ILE A 711 -44.06 -1.03 8.48
N PHE A 712 -45.36 -0.93 8.17
CA PHE A 712 -46.08 -2.11 7.69
C PHE A 712 -45.47 -2.64 6.40
N MET A 713 -45.08 -1.75 5.50
CA MET A 713 -44.49 -2.19 4.24
C MET A 713 -43.15 -2.88 4.45
N THR A 714 -42.30 -2.34 5.33
CA THR A 714 -40.90 -2.72 5.36
C THR A 714 -40.49 -3.61 6.53
N PHE A 715 -41.40 -3.91 7.45
CA PHE A 715 -41.02 -4.72 8.61
C PHE A 715 -40.61 -6.13 8.18
N THR A 716 -41.35 -6.73 7.25
CA THR A 716 -41.01 -8.08 6.80
C THR A 716 -39.64 -8.10 6.13
N HIS A 717 -39.34 -7.09 5.31
CA HIS A 717 -38.04 -7.04 4.65
C HIS A 717 -36.92 -6.81 5.67
N TYR A 718 -37.15 -5.98 6.67
CA TYR A 718 -36.11 -5.73 7.66
C TYR A 718 -35.86 -6.93 8.55
N THR A 719 -36.90 -7.72 8.82
CA THR A 719 -36.74 -8.88 9.70
C THR A 719 -35.82 -9.94 9.10
N ALA A 720 -35.63 -9.94 7.78
CA ALA A 720 -34.83 -10.97 7.12
C ALA A 720 -33.36 -10.61 7.02
N LEU A 721 -32.93 -9.47 7.56
CA LEU A 721 -31.55 -9.05 7.47
C LEU A 721 -30.90 -8.76 8.82
N ILE A 722 -31.59 -9.01 9.93
CA ILE A 722 -31.03 -8.68 11.24
C ILE A 722 -29.74 -9.45 11.52
N PRO A 723 -29.69 -10.78 11.42
CA PRO A 723 -28.42 -11.47 11.66
C PRO A 723 -27.34 -11.06 10.68
N SER A 724 -27.71 -10.89 9.41
CA SER A 724 -26.76 -10.41 8.41
C SER A 724 -26.21 -9.05 8.82
N PHE A 725 -27.11 -8.10 9.11
CA PHE A 725 -26.70 -6.80 9.62
C PHE A 725 -25.66 -6.94 10.73
N VAL A 726 -26.07 -7.55 11.84
CA VAL A 726 -25.21 -7.60 13.03
C VAL A 726 -23.86 -8.23 12.68
N ASN A 727 -23.88 -9.51 12.29
CA ASN A 727 -22.64 -10.24 12.10
C ASN A 727 -21.77 -9.60 11.03
N ILE A 728 -22.28 -9.51 9.80
CA ILE A 728 -21.44 -9.09 8.69
C ILE A 728 -20.92 -7.68 8.92
N PHE A 729 -21.81 -6.73 9.25
CA PHE A 729 -21.38 -5.35 9.35
C PHE A 729 -20.39 -5.16 10.50
N THR A 730 -20.67 -5.73 11.68
CA THR A 730 -19.77 -5.53 12.81
C THR A 730 -18.41 -6.16 12.53
N ILE A 731 -18.40 -7.40 12.02
CA ILE A 731 -17.14 -8.10 11.81
C ILE A 731 -16.30 -7.38 10.75
N TYR A 732 -16.93 -6.99 9.64
CA TYR A 732 -16.16 -6.33 8.59
C TYR A 732 -15.72 -4.94 9.02
N SER A 733 -16.51 -4.24 9.84
CA SER A 733 -16.08 -2.95 10.36
C SER A 733 -14.84 -3.10 11.23
N PHE A 734 -14.83 -4.11 12.09
CA PHE A 734 -13.66 -4.29 12.95
C PHE A 734 -12.48 -4.95 12.26
N CYS A 735 -12.68 -5.54 11.08
CA CYS A 735 -11.57 -6.20 10.39
C CYS A 735 -10.66 -5.19 9.69
N ASN A 736 -11.24 -4.24 8.95
CA ASN A 736 -10.49 -3.31 8.13
C ASN A 736 -10.21 -2.00 8.84
N LEU A 737 -10.08 -2.05 10.17
CA LEU A 737 -9.78 -0.85 10.94
C LEU A 737 -8.41 -0.26 10.59
N GLN A 738 -7.55 -1.05 9.95
CA GLN A 738 -6.23 -0.56 9.57
C GLN A 738 -6.31 0.59 8.58
N ASP A 739 -7.36 0.64 7.76
CA ASP A 739 -7.48 1.65 6.72
C ASP A 739 -7.47 3.06 7.33
N LEU A 740 -6.47 3.85 6.96
CA LEU A 740 -6.34 5.21 7.46
C LEU A 740 -5.47 5.99 6.48
N SER A 741 -5.51 7.31 6.61
CA SER A 741 -4.73 8.20 5.75
C SER A 741 -3.23 8.01 6.00
N LYS A 762 24.87 28.13 -5.88
CA LYS A 762 26.23 28.34 -6.36
C LYS A 762 27.25 27.69 -5.43
N GLY A 763 27.06 26.41 -5.16
CA GLY A 763 27.93 25.66 -4.27
C GLY A 763 29.06 24.96 -5.00
N ASP A 764 29.75 24.10 -4.26
CA ASP A 764 30.87 23.32 -4.77
C ASP A 764 30.58 21.82 -4.60
N PHE A 765 31.55 21.00 -4.98
CA PHE A 765 31.33 19.55 -5.04
C PHE A 765 31.02 18.97 -3.68
N LYS A 766 31.76 19.40 -2.65
CA LYS A 766 31.51 18.89 -1.30
C LYS A 766 30.10 19.22 -0.84
N ASP A 767 29.62 20.42 -1.19
CA ASP A 767 28.25 20.78 -0.86
C ASP A 767 27.26 19.85 -1.55
N VAL A 768 27.53 19.49 -2.80
CA VAL A 768 26.64 18.58 -3.52
C VAL A 768 26.59 17.22 -2.83
N ILE A 769 27.76 16.69 -2.46
CA ILE A 769 27.80 15.39 -1.82
C ILE A 769 27.07 15.41 -0.49
N ALA A 770 27.31 16.46 0.31
CA ALA A 770 26.64 16.58 1.59
C ALA A 770 25.13 16.69 1.41
N LYS A 771 24.69 17.44 0.40
CA LYS A 771 23.27 17.61 0.14
C LYS A 771 22.63 16.26 -0.20
N ARG A 772 23.28 15.49 -1.07
CA ARG A 772 22.74 14.18 -1.43
C ARG A 772 22.64 13.27 -0.21
N ARG A 773 23.69 13.23 0.61
CA ARG A 773 23.68 12.37 1.79
C ARG A 773 22.57 12.78 2.75
N ALA A 774 22.42 14.09 2.99
CA ALA A 774 21.39 14.56 3.91
C ALA A 774 20.00 14.21 3.40
N LEU A 775 19.76 14.41 2.09
CA LEU A 775 18.45 14.08 1.54
C LEU A 775 18.14 12.60 1.69
N GLU A 776 19.12 11.73 1.39
CA GLU A 776 18.88 10.30 1.51
C GLU A 776 18.60 9.91 2.97
N GLU A 777 19.37 10.45 3.90
CA GLU A 777 19.15 10.12 5.31
C GLU A 777 17.77 10.56 5.77
N LEU A 778 17.35 11.77 5.38
CA LEU A 778 16.03 12.25 5.78
C LEU A 778 14.93 11.38 5.19
N ARG A 779 15.07 10.98 3.92
CA ARG A 779 14.05 10.13 3.31
C ARG A 779 13.95 8.80 4.03
N ARG A 780 15.09 8.20 4.37
CA ARG A 780 15.06 6.91 5.07
C ARG A 780 14.43 7.04 6.45
N GLU A 781 14.74 8.12 7.18
CA GLU A 781 14.12 8.33 8.48
C GLU A 781 12.62 8.49 8.37
N GLU A 782 12.15 9.25 7.37
CA GLU A 782 10.72 9.42 7.18
C GLU A 782 10.05 8.10 6.88
N LYS A 783 10.67 7.27 6.03
CA LYS A 783 10.09 5.97 5.71
C LYS A 783 9.99 5.10 6.96
N GLU A 784 11.02 5.10 7.79
CA GLU A 784 10.98 4.31 9.02
C GLU A 784 9.86 4.79 9.95
N ARG A 785 9.71 6.11 10.09
CA ARG A 785 8.65 6.62 10.95
C ARG A 785 7.26 6.21 10.44
N VAL A 786 7.05 6.30 9.13
CA VAL A 786 5.76 5.90 8.57
C VAL A 786 5.49 4.42 8.84
N GLU A 787 6.50 3.57 8.63
CA GLU A 787 6.34 2.15 8.89
C GLU A 787 5.99 1.90 10.36
N ASN A 788 6.66 2.59 11.28
CA ASN A 788 6.37 2.41 12.70
C ASN A 788 4.94 2.81 13.03
N ARG A 789 4.47 3.93 12.48
CA ARG A 789 3.10 4.35 12.74
C ARG A 789 2.10 3.32 12.25
N LYS A 790 2.31 2.80 11.04
CA LYS A 790 1.39 1.79 10.52
C LYS A 790 1.42 0.53 11.38
N LYS A 791 2.60 0.14 11.85
CA LYS A 791 2.69 -1.02 12.73
C LYS A 791 1.86 -0.81 14.00
N ASN A 792 1.98 0.37 14.61
CA ASN A 792 1.24 0.63 15.84
C ASN A 792 -0.27 0.55 15.61
N PHE A 793 -0.75 1.16 14.52
CA PHE A 793 -2.18 1.13 14.27
C PHE A 793 -2.68 -0.29 14.01
N GLU A 794 -1.93 -1.07 13.24
CA GLU A 794 -2.34 -2.45 12.99
C GLU A 794 -2.38 -3.25 14.27
N ALA A 795 -1.39 -3.07 15.14
CA ALA A 795 -1.38 -3.81 16.40
C ALA A 795 -2.59 -3.45 17.25
N PHE A 796 -2.94 -2.16 17.31
CA PHE A 796 -4.09 -1.76 18.12
C PHE A 796 -5.38 -2.37 17.59
N ARG A 797 -5.58 -2.31 16.27
CA ARG A 797 -6.82 -2.86 15.72
C ARG A 797 -6.90 -4.36 15.94
N THR A 798 -5.77 -5.06 15.80
CA THR A 798 -5.78 -6.51 16.03
C THR A 798 -6.12 -6.83 17.48
N ASN A 799 -5.55 -6.08 18.42
CA ASN A 799 -5.85 -6.33 19.83
C ASN A 799 -7.33 -6.11 20.12
N VAL A 800 -7.91 -5.03 19.58
CA VAL A 800 -9.33 -4.77 19.82
C VAL A 800 -10.20 -5.89 19.24
N LEU A 801 -9.90 -6.32 18.01
CA LEU A 801 -10.71 -7.37 17.40
C LEU A 801 -10.61 -8.67 18.19
N LEU A 802 -9.41 -9.04 18.63
CA LEU A 802 -9.27 -10.25 19.43
C LEU A 802 -10.05 -10.16 20.72
N THR A 803 -9.98 -9.02 21.41
CA THR A 803 -10.74 -8.86 22.65
C THR A 803 -12.22 -9.03 22.41
N TRP A 804 -12.75 -8.38 21.37
CA TRP A 804 -14.18 -8.44 21.09
C TRP A 804 -14.61 -9.89 20.79
N ALA A 805 -13.92 -10.54 19.86
CA ALA A 805 -14.33 -11.88 19.46
C ALA A 805 -14.23 -12.87 20.62
N PHE A 806 -13.15 -12.80 21.40
CA PHE A 806 -12.99 -13.76 22.49
C PHE A 806 -13.97 -13.50 23.63
N SER A 807 -14.29 -12.23 23.90
CA SER A 807 -15.32 -11.96 24.90
C SER A 807 -16.65 -12.55 24.48
N ASN A 808 -17.04 -12.35 23.21
CA ASN A 808 -18.30 -12.91 22.76
C ASN A 808 -18.30 -14.44 22.84
N LEU A 809 -17.21 -15.07 22.39
CA LEU A 809 -17.17 -16.53 22.39
C LEU A 809 -17.22 -17.10 23.80
N ILE A 810 -16.44 -16.51 24.72
CA ILE A 810 -16.43 -17.01 26.09
C ILE A 810 -17.80 -16.86 26.73
N PHE A 811 -18.44 -15.71 26.52
CA PHE A 811 -19.77 -15.52 27.10
C PHE A 811 -20.75 -16.54 26.55
N ALA A 812 -20.73 -16.76 25.23
CA ALA A 812 -21.67 -17.70 24.63
C ALA A 812 -21.45 -19.11 25.16
N LEU A 813 -20.19 -19.54 25.24
CA LEU A 813 -19.91 -20.89 25.73
C LEU A 813 -20.33 -21.05 27.17
N PHE A 814 -20.04 -20.06 28.01
CA PHE A 814 -20.42 -20.16 29.42
C PHE A 814 -21.93 -20.24 29.58
N VAL A 815 -22.67 -19.42 28.84
CA VAL A 815 -24.12 -19.46 28.96
C VAL A 815 -24.69 -20.77 28.46
N VAL A 816 -24.13 -21.31 27.37
CA VAL A 816 -24.62 -22.59 26.85
C VAL A 816 -24.35 -23.71 27.85
N TYR A 817 -23.17 -23.74 28.45
CA TYR A 817 -22.81 -24.89 29.26
C TYR A 817 -23.32 -24.81 30.70
N PHE A 818 -23.57 -23.60 31.23
CA PHE A 818 -23.92 -23.47 32.64
C PHE A 818 -25.29 -22.84 32.84
N ALA A 819 -26.18 -22.93 31.86
CA ALA A 819 -27.51 -22.36 32.01
C ALA A 819 -28.50 -23.11 31.12
N SER A 820 -29.78 -22.99 31.46
CA SER A 820 -30.86 -23.59 30.71
C SER A 820 -31.81 -22.51 30.22
N SER A 821 -32.78 -22.92 29.41
CA SER A 821 -33.73 -21.96 28.84
C SER A 821 -34.55 -21.27 29.91
N SER A 822 -35.01 -22.04 30.90
CA SER A 822 -35.86 -21.47 31.95
C SER A 822 -35.10 -20.54 32.87
N THR A 823 -33.76 -20.53 32.80
CA THR A 823 -32.94 -19.72 33.69
C THR A 823 -32.25 -18.56 32.99
N TYR A 824 -32.42 -18.41 31.69
CA TYR A 824 -31.75 -17.35 30.95
C TYR A 824 -32.70 -16.43 30.20
N MET A 825 -33.74 -16.97 29.57
CA MET A 825 -34.65 -16.15 28.78
C MET A 825 -35.31 -15.03 29.57
N PRO A 826 -35.77 -15.22 30.82
CA PRO A 826 -36.38 -14.09 31.54
C PRO A 826 -35.47 -12.87 31.65
N VAL A 827 -34.17 -13.08 31.85
CA VAL A 827 -33.25 -11.95 31.96
C VAL A 827 -33.19 -11.19 30.65
N LEU A 828 -33.09 -11.90 29.52
CA LEU A 828 -33.07 -11.23 28.23
C LEU A 828 -34.36 -10.48 27.97
N TYR A 829 -35.50 -11.09 28.30
CA TYR A 829 -36.78 -10.42 28.12
C TYR A 829 -36.85 -9.15 28.96
N ILE A 830 -36.40 -9.21 30.20
CA ILE A 830 -36.42 -8.04 31.06
C ILE A 830 -35.54 -6.93 30.49
N PHE A 831 -34.33 -7.29 30.02
CA PHE A 831 -33.42 -6.29 29.47
C PHE A 831 -34.02 -5.61 28.25
N VAL A 832 -34.53 -6.40 27.30
CA VAL A 832 -35.08 -5.83 26.07
C VAL A 832 -36.30 -4.98 26.38
N ALA A 833 -37.17 -5.47 27.28
CA ALA A 833 -38.36 -4.70 27.64
C ALA A 833 -37.98 -3.37 28.28
N SER A 834 -36.98 -3.38 29.16
CA SER A 834 -36.56 -2.14 29.80
C SER A 834 -36.05 -1.14 28.76
N LEU A 835 -35.19 -1.59 27.84
CA LEU A 835 -34.64 -0.68 26.86
C LEU A 835 -35.73 -0.10 25.97
N ASN A 836 -36.63 -0.96 25.48
CA ASN A 836 -37.67 -0.47 24.59
C ASN A 836 -38.68 0.41 25.32
N THR A 837 -38.95 0.13 26.60
CA THR A 837 -39.81 1.01 27.37
C THR A 837 -39.19 2.40 27.53
N CYS A 838 -37.88 2.45 27.80
CA CYS A 838 -37.22 3.75 27.91
C CYS A 838 -37.30 4.51 26.58
N ARG A 839 -37.06 3.82 25.47
CA ARG A 839 -37.12 4.49 24.17
C ARG A 839 -38.53 4.97 23.86
N LEU A 840 -39.55 4.17 24.18
CA LEU A 840 -40.92 4.59 23.94
C LEU A 840 -41.29 5.81 24.78
N LEU A 841 -40.87 5.82 26.05
CA LEU A 841 -41.12 6.99 26.89
C LEU A 841 -40.45 8.23 26.32
N GLY A 842 -39.22 8.07 25.82
CA GLY A 842 -38.54 9.20 25.20
C GLY A 842 -39.29 9.72 23.99
N SER A 843 -39.77 8.82 23.13
CA SER A 843 -40.51 9.26 21.94
C SER A 843 -41.79 9.98 22.33
N ILE A 844 -42.51 9.45 23.31
CA ILE A 844 -43.76 10.08 23.75
C ILE A 844 -43.47 11.46 24.33
N GLY A 845 -42.41 11.58 25.13
CA GLY A 845 -42.05 12.88 25.66
C GLY A 845 -41.71 13.89 24.58
N HIS A 846 -40.97 13.46 23.56
CA HIS A 846 -40.63 14.36 22.47
C HIS A 846 -41.88 14.81 21.72
N TRP A 847 -42.80 13.90 21.45
CA TRP A 847 -44.02 14.29 20.76
C TRP A 847 -44.83 15.27 21.59
N VAL A 848 -44.93 15.02 22.90
CA VAL A 848 -45.65 15.94 23.78
C VAL A 848 -45.02 17.32 23.74
N TYR A 849 -43.69 17.37 23.81
CA TYR A 849 -43.00 18.66 23.76
C TYR A 849 -43.28 19.38 22.44
N ILE A 850 -43.15 18.67 21.32
CA ILE A 850 -43.28 19.33 20.02
C ILE A 850 -44.71 19.81 19.79
N HIS A 851 -45.70 19.13 20.36
CA HIS A 851 -47.08 19.58 20.18
C HIS A 851 -47.56 20.52 21.27
N THR A 852 -46.78 20.70 22.34
CA THR A 852 -47.22 21.53 23.46
C THR A 852 -46.48 22.85 23.60
N GLU A 853 -45.15 22.85 23.43
CA GLU A 853 -44.35 24.02 23.77
C GLU A 853 -44.75 25.24 22.96
N GLY A 854 -45.25 25.04 21.75
CA GLY A 854 -45.74 26.18 20.97
C GLY A 854 -46.88 26.90 21.65
N LEU A 855 -47.86 26.15 22.15
CA LEU A 855 -49.00 26.76 22.83
C LEU A 855 -48.64 27.22 24.24
N ARG A 856 -47.78 26.47 24.93
CA ARG A 856 -47.44 26.79 26.32
C ARG A 856 -46.24 27.72 26.43
N GLY A 857 -45.69 28.19 25.31
CA GLY A 857 -44.60 29.14 25.37
C GLY A 857 -45.02 30.47 25.97
N ARG A 858 -46.31 30.80 25.89
CA ARG A 858 -46.81 32.05 26.49
C ARG A 858 -46.66 32.02 28.00
N VAL A 859 -46.90 30.87 28.63
CA VAL A 859 -46.83 30.77 30.08
C VAL A 859 -45.40 30.98 30.57
N ILE A 860 -44.46 30.28 29.95
CA ILE A 860 -43.05 30.41 30.32
C ILE A 860 -42.19 30.58 29.07
N PRO B 40 -8.34 47.91 -24.87
CA PRO B 40 -7.81 48.94 -23.96
C PRO B 40 -7.35 48.36 -22.62
N PRO B 41 -6.04 48.26 -22.43
CA PRO B 41 -5.51 47.70 -21.18
C PRO B 41 -5.80 48.61 -20.01
N PRO B 42 -6.25 48.06 -18.88
CA PRO B 42 -6.52 48.88 -17.70
C PRO B 42 -5.23 49.29 -17.01
N SER B 43 -5.38 49.94 -15.86
CA SER B 43 -4.24 50.38 -15.06
C SER B 43 -3.69 49.19 -14.28
N ILE B 44 -2.85 48.41 -14.95
CA ILE B 44 -2.25 47.23 -14.34
C ILE B 44 -0.73 47.41 -14.26
N ARG B 45 -0.30 48.66 -14.17
CA ARG B 45 1.14 48.94 -14.02
C ARG B 45 1.67 48.39 -12.71
N SER B 46 0.87 48.49 -11.65
CA SER B 46 1.21 47.90 -10.35
C SER B 46 0.11 46.90 -10.00
N CYS B 47 0.28 45.67 -10.48
CA CYS B 47 -0.67 44.60 -10.22
C CYS B 47 -0.07 43.46 -9.42
N GLY B 48 1.16 43.06 -9.72
CA GLY B 48 1.83 42.05 -8.92
C GLY B 48 2.62 42.64 -7.77
N SER B 49 2.91 43.93 -7.84
CA SER B 49 3.68 44.58 -6.78
C SER B 49 2.85 44.75 -5.52
N GLN B 50 1.61 45.22 -5.67
CA GLN B 50 0.77 45.46 -4.50
C GLN B 50 0.27 44.13 -3.93
N GLN B 51 -0.17 44.18 -2.67
CA GLN B 51 -0.68 42.98 -2.01
C GLN B 51 -1.92 42.45 -2.70
N TYR B 52 -2.84 43.32 -3.08
CA TYR B 52 -4.09 42.91 -3.71
C TYR B 52 -4.47 43.93 -4.78
N VAL B 53 -4.75 43.43 -5.99
CA VAL B 53 -5.13 44.27 -7.13
C VAL B 53 -6.28 43.59 -7.86
N THR B 54 -7.29 44.38 -8.21
CA THR B 54 -8.44 43.90 -8.97
C THR B 54 -8.42 44.51 -10.36
N SER B 55 -8.68 43.68 -11.37
CA SER B 55 -8.66 44.14 -12.75
C SER B 55 -9.70 43.37 -13.56
N TYR B 56 -10.07 43.94 -14.70
CA TYR B 56 -11.03 43.34 -15.62
C TYR B 56 -10.38 43.21 -16.99
N ILE B 57 -10.53 42.04 -17.61
CA ILE B 57 -9.92 41.74 -18.90
C ILE B 57 -11.02 41.39 -19.88
N PRO B 58 -11.47 42.34 -20.70
CA PRO B 58 -12.51 42.03 -21.69
C PRO B 58 -12.00 41.09 -22.77
N THR B 59 -12.92 40.32 -23.32
CA THR B 59 -12.61 39.34 -24.35
C THR B 59 -13.31 39.74 -25.66
N GLY B 60 -12.58 39.62 -26.77
CA GLY B 60 -13.09 39.96 -28.09
C GLY B 60 -12.57 41.28 -28.62
N ALA B 61 -12.05 42.15 -27.75
CA ALA B 61 -11.50 43.42 -28.22
C ALA B 61 -10.12 43.25 -28.85
N ALA B 62 -9.34 42.29 -28.37
CA ALA B 62 -8.00 41.94 -28.84
C ALA B 62 -6.96 43.01 -28.55
N PHE B 63 -7.34 44.16 -27.98
CA PHE B 63 -6.47 45.26 -27.57
C PHE B 63 -5.81 45.92 -28.78
N PRO B 64 -5.47 47.21 -28.67
CA PRO B 64 -4.67 47.84 -29.72
C PRO B 64 -3.19 47.68 -29.43
N PRO B 65 -2.41 47.23 -30.41
CA PRO B 65 -0.97 47.04 -30.17
C PRO B 65 -0.24 48.32 -29.78
N SER B 66 -0.68 49.48 -30.27
CA SER B 66 0.00 50.73 -29.96
C SER B 66 -0.04 51.03 -28.47
N SER B 67 -1.21 50.82 -27.84
CA SER B 67 -1.31 51.07 -26.41
C SER B 67 -0.42 50.12 -25.62
N VAL B 68 -0.36 48.86 -26.03
CA VAL B 68 0.49 47.88 -25.35
C VAL B 68 1.96 48.29 -25.47
N GLN B 69 2.38 48.71 -26.66
CA GLN B 69 3.76 49.14 -26.85
C GLN B 69 4.07 50.38 -26.04
N ASP B 70 3.12 51.32 -25.96
CA ASP B 70 3.32 52.51 -25.14
C ASP B 70 3.47 52.15 -23.67
N MET B 71 2.65 51.20 -23.20
CA MET B 71 2.77 50.73 -21.82
C MET B 71 4.12 50.08 -21.59
N ILE B 72 4.60 49.29 -22.56
CA ILE B 72 5.91 48.65 -22.43
C ILE B 72 7.01 49.69 -22.34
N SER B 73 6.95 50.71 -23.21
CA SER B 73 8.00 51.72 -23.25
C SER B 73 7.97 52.65 -22.05
N SER B 74 6.87 52.66 -21.29
CA SER B 74 6.74 53.56 -20.14
C SER B 74 7.33 52.96 -18.87
N MET B 75 7.83 51.74 -18.92
CA MET B 75 8.40 51.07 -17.76
C MET B 75 9.91 50.95 -17.96
N LYS B 76 10.67 51.39 -16.95
CA LYS B 76 12.12 51.41 -17.02
C LYS B 76 12.79 50.56 -15.94
N SER B 77 12.12 50.27 -14.82
CA SER B 77 12.76 49.57 -13.73
C SER B 77 13.23 48.17 -14.12
N TYR B 78 12.57 47.56 -15.13
CA TYR B 78 12.93 46.20 -15.53
C TYR B 78 14.40 46.08 -15.86
N ALA B 79 14.98 47.09 -16.53
CA ALA B 79 16.39 47.05 -16.88
C ALA B 79 17.26 46.77 -15.67
N SER B 80 16.97 47.43 -14.54
CA SER B 80 17.73 47.18 -13.33
C SER B 80 17.76 45.69 -12.99
N ALA B 81 16.57 45.08 -12.92
CA ALA B 81 16.50 43.65 -12.67
C ALA B 81 17.33 42.89 -13.70
N THR B 82 17.19 43.25 -14.97
CA THR B 82 17.98 42.61 -16.01
C THR B 82 19.45 42.67 -15.68
N ASP B 83 19.94 43.86 -15.31
CA ASP B 83 21.35 43.99 -14.96
C ASP B 83 21.72 43.00 -13.87
N LEU B 84 20.90 42.90 -12.82
CA LEU B 84 21.19 41.96 -11.75
C LEU B 84 21.35 40.55 -12.29
N VAL B 85 20.43 40.12 -13.16
CA VAL B 85 20.52 38.79 -13.73
C VAL B 85 21.80 38.65 -14.53
N ARG B 86 22.13 39.67 -15.32
CA ARG B 86 23.36 39.62 -16.11
C ARG B 86 24.58 39.54 -15.20
N THR B 87 24.47 40.12 -13.99
CA THR B 87 25.56 40.00 -13.03
C THR B 87 25.57 38.62 -12.37
N TYR B 88 24.38 38.03 -12.18
CA TYR B 88 24.30 36.76 -11.47
C TYR B 88 24.73 35.58 -12.33
N SER B 89 24.45 35.62 -13.63
CA SER B 89 24.70 34.48 -14.50
C SER B 89 26.14 34.39 -14.99
N GLU B 90 27.00 35.33 -14.60
CA GLU B 90 28.38 35.33 -15.07
C GLU B 90 29.13 34.10 -14.59
N ILE B 91 29.02 33.77 -13.31
CA ILE B 91 29.78 32.68 -12.70
C ILE B 91 28.87 31.48 -12.56
N PRO B 92 29.12 30.38 -13.27
CA PRO B 92 28.30 29.18 -13.12
C PRO B 92 28.74 28.35 -11.92
N SER B 93 27.97 27.30 -11.65
CA SER B 93 28.22 26.43 -10.51
C SER B 93 28.15 24.97 -10.95
N VAL B 94 28.84 24.12 -10.20
CA VAL B 94 28.89 22.69 -10.52
C VAL B 94 27.50 22.09 -10.42
N GLU B 95 26.78 22.39 -9.34
CA GLU B 95 25.46 21.79 -9.14
C GLU B 95 24.50 22.22 -10.23
N GLU B 96 24.56 23.48 -10.63
CA GLU B 96 23.69 23.94 -11.72
C GLU B 96 24.00 23.22 -13.02
N ALA B 97 25.29 23.01 -13.31
CA ALA B 97 25.66 22.27 -14.51
C ALA B 97 25.14 20.84 -14.46
N LEU B 98 25.27 20.18 -13.30
CA LEU B 98 24.77 18.82 -13.18
C LEU B 98 23.26 18.76 -13.34
N SER B 99 22.55 19.73 -12.77
CA SER B 99 21.09 19.77 -12.93
C SER B 99 20.70 19.99 -14.39
N THR B 100 21.41 20.88 -15.09
CA THR B 100 21.12 21.08 -16.50
C THR B 100 21.37 19.82 -17.31
N LEU B 101 22.47 19.11 -17.02
CA LEU B 101 22.74 17.88 -17.73
C LEU B 101 21.68 16.82 -17.45
N ASP B 102 21.23 16.74 -16.19
CA ASP B 102 20.18 15.79 -15.85
C ASP B 102 18.89 16.10 -16.60
N ARG B 103 18.54 17.38 -16.68
CA ARG B 103 17.36 17.78 -17.45
C ARG B 103 17.53 17.43 -18.92
N ALA B 104 18.74 17.63 -19.45
CA ALA B 104 19.00 17.29 -20.84
C ALA B 104 18.82 15.80 -21.09
N ALA B 105 19.33 14.97 -20.18
CA ALA B 105 19.17 13.53 -20.32
C ALA B 105 17.69 13.13 -20.26
N ALA B 106 16.95 13.73 -19.32
CA ALA B 106 15.52 13.43 -19.22
C ALA B 106 14.78 13.83 -20.49
N ALA B 107 15.10 15.01 -21.05
CA ALA B 107 14.45 15.44 -22.28
C ALA B 107 14.81 14.52 -23.44
N LEU B 108 16.08 14.10 -23.53
CA LEU B 108 16.48 13.20 -24.59
C LEU B 108 15.75 11.86 -24.49
N ASN B 109 15.58 11.35 -23.27
CA ASN B 109 14.81 10.12 -23.10
C ASN B 109 13.34 10.33 -23.42
N ALA B 110 12.88 11.58 -23.53
CA ALA B 110 11.49 11.89 -23.81
C ALA B 110 11.23 12.20 -25.29
N ARG B 111 12.11 11.75 -26.18
CA ARG B 111 11.97 11.87 -27.63
C ARG B 111 12.03 13.32 -28.14
N ARG B 112 12.43 14.27 -27.30
CA ARG B 112 12.60 15.65 -27.72
C ARG B 112 14.09 15.95 -27.83
N TYR B 113 14.51 16.42 -29.01
CA TYR B 113 15.93 16.57 -29.32
C TYR B 113 16.41 18.00 -29.35
N ARG B 114 15.60 18.94 -29.85
CA ARG B 114 16.03 20.33 -29.92
C ARG B 114 16.32 20.89 -28.53
N ASP B 115 15.37 20.71 -27.60
CA ASP B 115 15.63 21.12 -26.22
C ASP B 115 16.78 20.33 -25.63
N ALA B 116 16.87 19.04 -25.96
CA ALA B 116 18.00 18.24 -25.51
C ALA B 116 19.31 18.80 -26.02
N LEU B 117 19.35 19.19 -27.30
CA LEU B 117 20.57 19.76 -27.87
C LEU B 117 20.95 21.06 -27.17
N LYS B 118 19.97 21.94 -26.95
CA LYS B 118 20.25 23.22 -26.32
C LYS B 118 20.77 23.02 -24.90
N LEU B 119 20.10 22.15 -24.13
CA LEU B 119 20.52 21.90 -22.76
C LEU B 119 21.90 21.25 -22.71
N TYR B 120 22.17 20.33 -23.63
CA TYR B 120 23.48 19.68 -23.66
C TYR B 120 24.58 20.68 -23.98
N LEU B 121 24.35 21.57 -24.95
CA LEU B 121 25.36 22.58 -25.26
C LEU B 121 25.59 23.50 -24.07
N GLU B 122 24.50 23.95 -23.43
CA GLU B 122 24.63 24.84 -22.28
C GLU B 122 25.41 24.16 -21.16
N GLY B 123 25.08 22.89 -20.87
CA GLY B 123 25.79 22.18 -19.82
C GLY B 123 27.25 21.95 -20.15
N GLY B 124 27.55 21.62 -21.41
CA GLY B 124 28.93 21.44 -21.80
C GLY B 124 29.76 22.69 -21.63
N TYR B 125 29.22 23.82 -22.11
CA TYR B 125 29.94 25.09 -21.95
C TYR B 125 30.10 25.45 -20.48
N ALA B 126 29.06 25.23 -19.68
CA ALA B 126 29.13 25.54 -18.26
C ALA B 126 30.20 24.70 -17.56
N MET B 127 30.26 23.40 -17.86
CA MET B 127 31.26 22.55 -17.24
C MET B 127 32.66 22.91 -17.70
N ALA B 128 32.81 23.26 -18.99
CA ALA B 128 34.12 23.68 -19.48
C ALA B 128 34.59 24.93 -18.77
N ASN B 129 33.69 25.88 -18.54
CA ASN B 129 34.07 27.08 -17.80
C ASN B 129 34.39 26.76 -16.35
N VAL B 130 33.61 25.88 -15.72
CA VAL B 130 33.78 25.57 -14.30
C VAL B 130 35.09 24.84 -14.05
N ALA B 131 35.51 23.98 -14.97
CA ALA B 131 36.64 23.09 -14.72
C ALA B 131 37.90 23.83 -14.28
N GLU B 132 38.08 25.08 -14.73
CA GLU B 132 39.29 25.81 -14.39
C GLU B 132 39.34 26.20 -12.92
N ARG B 133 38.18 26.46 -12.31
CA ARG B 133 38.16 27.03 -10.96
C ARG B 133 38.53 26.00 -9.89
N GLN B 134 38.22 24.73 -10.12
CA GLN B 134 38.44 23.73 -9.09
C GLN B 134 39.91 23.54 -8.78
N ALA B 135 40.20 23.22 -7.52
CA ALA B 135 41.57 23.08 -7.04
C ALA B 135 42.07 21.65 -7.06
N ASN B 136 41.22 20.67 -6.79
CA ASN B 136 41.64 19.28 -6.77
C ASN B 136 41.95 18.81 -8.18
N PRO B 137 43.15 18.29 -8.45
CA PRO B 137 43.47 17.86 -9.82
C PRO B 137 42.53 16.79 -10.36
N LYS B 138 42.09 15.86 -9.52
CA LYS B 138 41.17 14.81 -9.98
C LYS B 138 39.86 15.42 -10.45
N ILE B 139 39.29 16.32 -9.66
CA ILE B 139 38.03 16.95 -10.02
C ILE B 139 38.17 17.74 -11.31
N CYS B 140 39.26 18.51 -11.44
CA CYS B 140 39.47 19.32 -12.63
C CYS B 140 39.60 18.45 -13.87
N ASN B 141 40.39 17.37 -13.78
CA ASN B 141 40.57 16.48 -14.92
C ASN B 141 39.26 15.82 -15.32
N LEU B 142 38.50 15.33 -14.33
CA LEU B 142 37.23 14.68 -14.64
C LEU B 142 36.25 15.66 -15.27
N LEU B 143 36.17 16.89 -14.74
CA LEU B 143 35.28 17.89 -15.31
C LEU B 143 35.68 18.24 -16.73
N THR B 144 36.98 18.39 -16.99
CA THR B 144 37.43 18.70 -18.34
C THR B 144 37.08 17.58 -19.30
N SER B 145 37.32 16.33 -18.90
CA SER B 145 37.00 15.20 -19.77
C SER B 145 35.49 15.12 -20.03
N LYS B 146 34.69 15.33 -18.99
CA LYS B 146 33.24 15.29 -19.17
C LYS B 146 32.76 16.39 -20.09
N GLY B 147 33.33 17.60 -19.95
CA GLY B 147 32.97 18.68 -20.84
C GLY B 147 33.31 18.39 -22.29
N PHE B 148 34.51 17.86 -22.53
CA PHE B 148 34.88 17.52 -23.90
C PHE B 148 33.97 16.44 -24.46
N GLU B 149 33.66 15.42 -23.66
CA GLU B 149 32.76 14.37 -24.11
C GLU B 149 31.39 14.93 -24.44
N THR B 150 30.87 15.82 -23.61
CA THR B 150 29.57 16.42 -23.85
C THR B 150 29.57 17.24 -25.13
N LEU B 151 30.63 18.03 -25.36
CA LEU B 151 30.70 18.82 -26.58
C LEU B 151 30.77 17.94 -27.82
N ASN B 152 31.55 16.85 -27.75
CA ASN B 152 31.62 15.94 -28.89
C ASN B 152 30.28 15.29 -29.15
N TRP B 153 29.56 14.89 -28.09
CA TRP B 153 28.23 14.33 -28.27
C TRP B 153 27.28 15.35 -28.87
N CYS B 154 27.39 16.62 -28.45
CA CYS B 154 26.57 17.67 -29.04
C CYS B 154 26.84 17.78 -30.53
N ALA B 155 28.10 17.76 -30.93
CA ALA B 155 28.44 17.82 -32.35
C ALA B 155 27.86 16.63 -33.11
N ARG B 156 27.97 15.44 -32.53
CA ARG B 156 27.44 14.24 -33.19
C ARG B 156 25.92 14.33 -33.35
N LEU B 157 25.22 14.79 -32.30
CA LEU B 157 23.78 14.91 -32.38
C LEU B 157 23.37 15.98 -33.39
N CYS B 158 24.10 17.08 -33.45
CA CYS B 158 23.80 18.11 -34.42
C CYS B 158 23.97 17.58 -35.84
N ASP B 159 25.03 16.79 -36.08
CA ASP B 159 25.20 16.16 -37.37
C ASP B 159 24.05 15.21 -37.68
N TRP B 160 23.61 14.45 -36.68
CA TRP B 160 22.51 13.50 -36.89
C TRP B 160 21.21 14.21 -37.23
N ILE B 161 20.94 15.35 -36.59
CA ILE B 161 19.68 16.07 -36.84
C ILE B 161 19.60 16.49 -38.30
N GLU B 162 20.73 16.89 -38.88
CA GLU B 162 20.75 17.29 -40.28
C GLU B 162 20.58 16.11 -41.23
N GLY B 163 20.61 14.88 -40.71
CA GLY B 163 20.48 13.70 -41.54
C GLY B 163 21.76 13.21 -42.17
N ARG B 164 22.90 13.81 -41.82
CA ARG B 164 24.18 13.35 -42.37
C ARG B 164 24.50 11.93 -41.92
N ILE B 165 24.21 11.61 -40.67
CA ILE B 165 24.48 10.29 -40.10
C ILE B 165 23.15 9.58 -39.91
N LYS B 166 23.08 8.33 -40.35
CA LYS B 166 21.86 7.52 -40.26
C LYS B 166 22.02 6.52 -39.14
N GLU B 167 21.24 6.69 -38.06
CA GLU B 167 21.27 5.80 -36.92
C GLU B 167 19.85 5.65 -36.38
N LYS B 168 19.70 4.78 -35.39
CA LYS B 168 18.44 4.59 -34.69
C LYS B 168 18.66 4.80 -33.20
N HIS B 169 17.84 5.66 -32.59
CA HIS B 169 17.91 5.99 -31.17
C HIS B 169 19.32 6.44 -30.80
N PRO B 170 19.77 7.60 -31.29
CA PRO B 170 21.13 8.05 -30.97
C PRO B 170 21.30 8.28 -29.47
N ARG B 171 22.48 7.92 -28.97
CA ARG B 171 22.81 8.03 -27.56
C ARG B 171 24.25 8.49 -27.45
N PRO B 172 24.62 9.09 -26.32
CA PRO B 172 26.02 9.49 -26.12
C PRO B 172 26.95 8.28 -26.19
N GLY B 173 28.13 8.50 -26.76
CA GLY B 173 29.07 7.41 -26.95
C GLY B 173 29.57 6.85 -25.63
N VAL B 174 29.86 5.55 -25.63
CA VAL B 174 30.38 4.89 -24.45
C VAL B 174 31.81 5.35 -24.22
N HIS B 175 32.10 5.79 -22.99
CA HIS B 175 33.41 6.33 -22.64
C HIS B 175 33.76 5.86 -21.23
N LYS B 176 34.44 4.73 -21.15
CA LYS B 176 34.88 4.22 -19.85
C LYS B 176 36.15 4.94 -19.42
N VAL B 177 36.31 5.10 -18.11
CA VAL B 177 37.42 5.86 -17.54
C VAL B 177 38.15 4.97 -16.54
N GLY B 178 39.47 4.92 -16.66
CA GLY B 178 40.31 4.21 -15.72
C GLY B 178 41.06 5.20 -14.84
N ILE B 179 40.98 5.00 -13.53
CA ILE B 179 41.63 5.90 -12.59
C ILE B 179 42.50 5.12 -11.61
N PRO B 180 43.56 5.70 -11.08
CA PRO B 180 44.35 5.01 -10.06
C PRO B 180 43.57 4.83 -8.77
N VAL B 181 43.93 3.80 -8.02
CA VAL B 181 43.29 3.50 -6.75
C VAL B 181 43.87 4.41 -5.67
N SER B 182 43.01 4.88 -4.76
CA SER B 182 43.46 5.79 -3.72
C SER B 182 44.43 5.11 -2.76
N ASN B 183 44.11 3.89 -2.34
CA ASN B 183 44.93 3.16 -1.39
C ASN B 183 45.43 1.88 -2.04
N TRP B 184 46.75 1.69 -2.02
CA TRP B 184 47.38 0.51 -2.60
C TRP B 184 48.39 -0.06 -1.61
N ASP B 185 48.40 -1.38 -1.50
CA ASP B 185 49.29 -2.07 -0.55
C ASP B 185 50.66 -2.22 -1.18
N GLU B 186 51.66 -1.53 -0.62
CA GLU B 186 53.02 -1.65 -1.13
C GLU B 186 53.58 -3.05 -0.88
N ASP B 187 53.31 -3.62 0.29
CA ASP B 187 53.86 -4.91 0.69
C ASP B 187 52.80 -5.98 0.42
N TRP B 188 52.80 -6.50 -0.80
CA TRP B 188 51.90 -7.58 -1.18
C TRP B 188 52.52 -8.34 -2.33
N VAL B 189 52.85 -9.61 -2.12
CA VAL B 189 53.56 -10.42 -3.10
C VAL B 189 52.56 -11.38 -3.73
N GLY B 190 52.30 -11.20 -5.02
CA GLY B 190 51.43 -12.08 -5.76
C GLY B 190 52.20 -12.81 -6.85
N PRO B 191 51.49 -13.63 -7.64
CA PRO B 191 52.15 -14.36 -8.72
C PRO B 191 52.84 -13.44 -9.71
N PHE B 192 52.04 -12.57 -10.36
CA PHE B 192 52.55 -11.53 -11.23
C PHE B 192 51.42 -10.58 -11.60
N MET B 193 51.67 -9.28 -11.54
CA MET B 193 50.64 -8.29 -11.83
C MET B 193 51.26 -7.17 -12.65
N ASP B 194 50.69 -6.90 -13.83
CA ASP B 194 51.08 -5.73 -14.59
C ASP B 194 50.69 -4.47 -13.84
N GLU B 195 51.50 -3.43 -14.01
CA GLU B 195 51.24 -2.17 -13.29
C GLU B 195 49.89 -1.59 -13.65
N GLU B 196 49.55 -1.59 -14.95
CA GLU B 196 48.28 -1.03 -15.38
C GLU B 196 47.10 -1.80 -14.80
N GLU B 197 47.17 -3.13 -14.81
CA GLU B 197 46.08 -3.92 -14.26
C GLU B 197 46.01 -3.77 -12.74
N ALA B 198 47.16 -3.72 -12.07
CA ALA B 198 47.17 -3.75 -10.61
C ALA B 198 46.74 -2.42 -10.02
N ARG B 199 47.20 -1.30 -10.57
CA ARG B 199 47.04 0.00 -9.93
C ARG B 199 45.92 0.85 -10.53
N ARG B 200 45.10 0.30 -11.42
CA ARG B 200 44.06 1.08 -12.08
C ARG B 200 42.73 0.35 -11.99
N MET B 201 41.69 1.08 -11.59
CA MET B 201 40.33 0.57 -11.57
C MET B 201 39.52 1.26 -12.67
N TRP B 202 38.70 0.49 -13.38
CA TRP B 202 37.97 1.03 -14.52
C TRP B 202 36.51 1.19 -14.17
N TYR B 203 35.86 2.16 -14.80
CA TYR B 203 34.45 2.43 -14.55
C TYR B 203 33.74 2.78 -15.84
N THR B 204 32.48 2.36 -15.95
CA THR B 204 31.64 2.82 -17.05
C THR B 204 30.18 2.73 -16.66
N PRO B 205 29.37 3.73 -17.00
CA PRO B 205 27.91 3.59 -16.86
C PRO B 205 27.31 2.99 -18.12
N VAL B 206 26.23 2.24 -17.93
CA VAL B 206 25.57 1.57 -19.04
C VAL B 206 24.14 2.10 -19.16
N TYR B 207 23.60 2.03 -20.38
CA TYR B 207 22.26 2.51 -20.66
C TYR B 207 21.32 1.40 -21.13
N CYS B 208 21.83 0.22 -21.46
CA CYS B 208 21.09 -0.88 -22.07
C CYS B 208 19.78 -1.15 -21.36
N PRO B 209 18.63 -0.91 -22.01
CA PRO B 209 17.35 -1.19 -21.37
C PRO B 209 16.99 -2.66 -21.41
N HIS B 210 17.35 -3.35 -22.49
CA HIS B 210 17.17 -4.79 -22.59
C HIS B 210 18.54 -5.45 -22.50
N PRO B 211 18.88 -6.11 -21.39
CA PRO B 211 20.27 -6.56 -21.19
C PRO B 211 20.78 -7.51 -22.26
N ILE B 212 19.89 -8.14 -23.02
CA ILE B 212 20.32 -9.01 -24.11
C ILE B 212 21.17 -8.23 -25.11
N ASP B 213 20.88 -6.94 -25.28
CA ASP B 213 21.62 -6.08 -26.19
C ASP B 213 22.85 -5.47 -25.56
N PHE B 214 23.34 -6.01 -24.44
CA PHE B 214 24.47 -5.41 -23.77
C PHE B 214 25.73 -5.45 -24.62
N SER B 215 25.84 -6.42 -25.53
CA SER B 215 27.02 -6.53 -26.38
C SER B 215 26.84 -5.82 -27.72
N ASN B 216 25.61 -5.65 -28.19
CA ASN B 216 25.39 -4.97 -29.47
C ASN B 216 25.62 -3.48 -29.35
N LEU B 217 25.35 -2.90 -28.19
CA LEU B 217 25.54 -1.46 -28.00
C LEU B 217 27.02 -1.06 -27.96
N GLY B 218 27.93 -2.03 -27.88
CA GLY B 218 29.34 -1.75 -27.92
C GLY B 218 30.06 -1.79 -26.58
N TYR B 219 29.38 -2.20 -25.51
CA TYR B 219 30.04 -2.31 -24.22
C TYR B 219 30.96 -3.52 -24.17
N ARG B 220 32.07 -3.38 -23.45
CA ARG B 220 33.03 -4.46 -23.26
C ARG B 220 33.55 -4.40 -21.83
N LEU B 221 34.18 -5.49 -21.41
CA LEU B 221 34.78 -5.60 -20.09
C LEU B 221 36.30 -5.64 -20.21
N ARG B 222 36.96 -5.43 -19.08
CA ARG B 222 38.42 -5.45 -19.07
C ARG B 222 38.95 -6.85 -19.39
N CYS B 223 38.28 -7.89 -18.92
CA CYS B 223 38.74 -9.25 -19.15
C CYS B 223 38.75 -9.59 -20.64
N VAL B 224 37.71 -9.20 -21.36
CA VAL B 224 37.66 -9.48 -22.79
C VAL B 224 38.73 -8.70 -23.53
N GLU B 225 38.92 -7.43 -23.17
CA GLU B 225 39.92 -6.61 -23.84
C GLU B 225 41.33 -7.14 -23.61
N THR B 226 41.64 -7.52 -22.37
CA THR B 226 43.00 -7.94 -22.03
C THR B 226 43.40 -9.24 -22.72
N GLY B 227 42.42 -10.05 -23.15
CA GLY B 227 42.68 -11.31 -23.78
C GLY B 227 42.44 -12.52 -22.90
N ARG B 228 42.34 -12.32 -21.58
CA ARG B 228 41.97 -13.42 -20.70
C ARG B 228 40.54 -13.86 -20.97
N ARG B 229 40.32 -15.17 -20.96
CA ARG B 229 39.01 -15.75 -21.24
C ARG B 229 38.61 -16.62 -20.05
N PRO B 230 37.90 -16.08 -19.07
CA PRO B 230 37.51 -16.88 -17.91
C PRO B 230 36.55 -17.99 -18.29
N ARG B 231 36.61 -19.07 -17.51
CA ARG B 231 35.75 -20.23 -17.74
C ARG B 231 34.69 -20.44 -16.67
N LEU B 232 34.92 -19.94 -15.46
CA LEU B 232 33.98 -20.08 -14.36
C LEU B 232 33.57 -18.70 -13.87
N MET B 233 32.26 -18.47 -13.78
CA MET B 233 31.72 -17.18 -13.35
C MET B 233 30.90 -17.39 -12.09
N ILE B 234 31.14 -16.56 -11.08
CA ILE B 234 30.44 -16.64 -9.80
C ILE B 234 29.73 -15.31 -9.57
N CYS B 235 28.43 -15.38 -9.30
CA CYS B 235 27.61 -14.20 -9.05
C CYS B 235 27.29 -14.12 -7.57
N ILE B 236 27.52 -12.96 -6.98
CA ILE B 236 27.29 -12.72 -5.55
C ILE B 236 26.28 -11.59 -5.45
N THR B 237 25.01 -11.93 -5.32
CA THR B 237 23.97 -10.92 -5.14
C THR B 237 24.10 -10.27 -3.78
N MET B 238 23.76 -8.99 -3.71
CA MET B 238 23.90 -8.22 -2.48
C MET B 238 22.81 -7.17 -2.40
N TYR B 239 22.24 -7.03 -1.20
CA TYR B 239 21.26 -5.98 -0.95
C TYR B 239 21.18 -5.76 0.56
N ASN B 240 21.58 -4.58 1.01
CA ASN B 240 21.47 -4.19 2.41
C ASN B 240 22.15 -5.21 3.32
N GLU B 241 23.46 -5.32 3.16
CA GLU B 241 24.26 -6.27 3.94
C GLU B 241 25.47 -5.56 4.52
N GLY B 242 25.86 -5.97 5.72
CA GLY B 242 27.01 -5.40 6.39
C GLY B 242 28.31 -5.83 5.75
N PRO B 243 29.38 -5.08 6.01
CA PRO B 243 30.68 -5.42 5.41
C PRO B 243 31.22 -6.76 5.84
N GLN B 244 30.86 -7.23 7.04
CA GLN B 244 31.47 -8.45 7.56
C GLN B 244 31.14 -9.66 6.69
N GLN B 245 29.89 -9.77 6.25
CA GLN B 245 29.49 -10.91 5.42
C GLN B 245 30.25 -10.92 4.09
N LEU B 246 30.35 -9.76 3.45
CA LEU B 246 31.06 -9.68 2.18
C LEU B 246 32.55 -10.00 2.37
N LYS B 247 33.15 -9.50 3.45
CA LYS B 247 34.54 -9.80 3.72
C LYS B 247 34.75 -11.30 3.91
N ALA B 248 33.88 -11.94 4.68
CA ALA B 248 34.00 -13.38 4.89
C ALA B 248 33.84 -14.15 3.58
N THR B 249 32.87 -13.77 2.76
CA THR B 249 32.68 -14.46 1.49
C THR B 249 33.89 -14.33 0.59
N LEU B 250 34.46 -13.12 0.49
CA LEU B 250 35.63 -12.93 -0.35
C LEU B 250 36.83 -13.71 0.18
N LYS B 251 37.02 -13.72 1.50
CA LYS B 251 38.12 -14.49 2.07
C LYS B 251 37.96 -15.97 1.77
N LYS B 252 36.75 -16.50 1.90
CA LYS B 252 36.52 -17.92 1.61
C LYS B 252 36.78 -18.23 0.14
N LEU B 253 36.34 -17.33 -0.76
CA LEU B 253 36.60 -17.56 -2.18
C LEU B 253 38.10 -17.56 -2.47
N ALA B 254 38.84 -16.64 -1.86
CA ALA B 254 40.29 -16.63 -2.05
C ALA B 254 40.93 -17.91 -1.55
N ASN B 255 40.48 -18.40 -0.38
CA ASN B 255 41.01 -19.66 0.13
C ASN B 255 40.71 -20.82 -0.81
N ASN B 256 39.50 -20.85 -1.37
CA ASN B 256 39.16 -21.89 -2.33
C ASN B 256 40.07 -21.84 -3.56
N LEU B 257 40.32 -20.64 -4.07
CA LEU B 257 41.20 -20.50 -5.22
C LEU B 257 42.62 -20.96 -4.88
N ALA B 258 43.10 -20.61 -3.69
CA ALA B 258 44.44 -21.04 -3.29
C ALA B 258 44.52 -22.56 -3.20
N TYR B 259 43.50 -23.20 -2.60
CA TYR B 259 43.50 -24.65 -2.52
C TYR B 259 43.46 -25.28 -3.89
N LEU B 260 42.67 -24.73 -4.80
CA LEU B 260 42.66 -25.22 -6.18
C LEU B 260 44.04 -25.11 -6.80
N LYS B 261 44.73 -23.99 -6.56
CA LYS B 261 46.06 -23.80 -7.12
C LYS B 261 47.05 -24.83 -6.57
N GLU B 262 47.00 -25.11 -5.28
CA GLU B 262 48.05 -25.88 -4.63
C GLU B 262 48.00 -27.37 -4.92
N GLN B 263 46.95 -27.87 -5.57
CA GLN B 263 46.87 -29.31 -5.83
C GLN B 263 47.92 -29.73 -6.85
N MET B 264 48.47 -30.95 -6.67
CA MET B 264 49.53 -31.48 -7.49
C MET B 264 48.96 -32.18 -8.74
N PRO B 265 49.73 -32.22 -9.83
CA PRO B 265 49.28 -32.94 -11.02
C PRO B 265 49.69 -34.40 -11.00
N GLY B 266 49.28 -35.15 -12.03
CA GLY B 266 49.65 -36.54 -12.15
C GLY B 266 48.83 -37.51 -11.33
N ASP B 267 47.85 -37.04 -10.58
CA ASP B 267 47.00 -37.89 -9.75
C ASP B 267 45.66 -38.11 -10.44
N GLU B 268 45.06 -39.27 -10.15
CA GLU B 268 43.77 -39.60 -10.76
C GLU B 268 42.68 -38.64 -10.31
N LYS B 269 42.75 -38.15 -9.08
CA LYS B 269 41.74 -37.24 -8.54
C LYS B 269 42.04 -35.78 -8.82
N SER B 270 43.10 -35.47 -9.55
CA SER B 270 43.47 -34.09 -9.82
C SER B 270 42.84 -33.62 -11.13
N LEU B 271 42.28 -32.41 -11.09
CA LEU B 271 41.70 -31.83 -12.29
C LEU B 271 42.77 -31.45 -13.29
N THR B 272 42.46 -31.60 -14.58
CA THR B 272 43.37 -31.24 -15.65
C THR B 272 42.66 -30.30 -16.62
N GLY B 273 43.42 -29.34 -17.14
CA GLY B 273 42.89 -28.35 -18.07
C GLY B 273 43.19 -26.93 -17.60
N ALA B 274 42.22 -26.04 -17.79
CA ALA B 274 42.40 -24.64 -17.42
C ALA B 274 42.43 -24.43 -15.92
N PHE B 275 42.08 -25.44 -15.13
CA PHE B 275 42.04 -25.32 -13.67
C PHE B 275 43.30 -25.88 -13.01
N ALA B 276 44.45 -25.74 -13.66
CA ALA B 276 45.70 -26.24 -13.12
C ALA B 276 46.24 -25.26 -12.07
N GLY B 277 47.48 -25.47 -11.65
CA GLY B 277 48.09 -24.61 -10.66
C GLY B 277 48.86 -23.45 -11.26
N ASP B 278 49.04 -22.40 -10.46
CA ASP B 278 49.79 -21.18 -10.76
C ASP B 278 49.12 -20.33 -11.83
N ASP B 279 47.99 -20.78 -12.39
CA ASP B 279 47.29 -19.98 -13.40
C ASP B 279 45.78 -20.05 -13.22
N VAL B 280 45.28 -20.61 -12.12
CA VAL B 280 43.85 -20.75 -11.94
C VAL B 280 43.19 -19.40 -11.75
N TRP B 281 43.86 -18.45 -11.10
CA TRP B 281 43.24 -17.18 -10.75
C TRP B 281 42.84 -16.37 -11.97
N GLN B 282 43.35 -16.70 -13.15
CA GLN B 282 42.97 -15.99 -14.37
C GLN B 282 41.74 -16.57 -15.03
N ASN B 283 41.23 -17.69 -14.56
CA ASN B 283 40.08 -18.35 -15.16
C ASN B 283 38.82 -18.22 -14.32
N VAL B 284 38.83 -17.39 -13.29
CA VAL B 284 37.69 -17.20 -12.40
C VAL B 284 37.33 -15.72 -12.38
N LEU B 285 36.05 -15.42 -12.57
CA LEU B 285 35.54 -14.06 -12.56
C LEU B 285 34.41 -13.98 -11.55
N VAL B 286 34.36 -12.89 -10.79
CA VAL B 286 33.37 -12.72 -9.73
C VAL B 286 32.56 -11.47 -10.04
N CYS B 287 31.25 -11.66 -10.24
CA CYS B 287 30.33 -10.55 -10.47
C CYS B 287 29.58 -10.26 -9.18
N ILE B 288 29.76 -9.05 -8.65
CA ILE B 288 29.04 -8.61 -7.47
C ILE B 288 27.95 -7.65 -7.95
N VAL B 289 26.70 -8.09 -7.90
CA VAL B 289 25.58 -7.33 -8.44
C VAL B 289 24.80 -6.78 -7.26
N ALA B 290 24.93 -5.48 -7.01
CA ALA B 290 24.17 -4.84 -5.94
C ALA B 290 22.73 -4.64 -6.39
N ASP B 291 21.94 -3.95 -5.56
CA ASP B 291 20.52 -3.79 -5.82
C ASP B 291 20.01 -2.36 -5.69
N GLY B 292 20.87 -1.38 -5.48
CA GLY B 292 20.41 0.00 -5.46
C GLY B 292 21.18 0.89 -4.49
N ARG B 293 21.53 2.10 -4.95
CA ARG B 293 22.27 3.01 -4.08
C ARG B 293 21.45 3.44 -2.87
N GLU B 294 20.12 3.45 -3.01
CA GLU B 294 19.27 3.94 -1.93
C GLU B 294 19.28 3.02 -0.72
N GLN B 295 19.50 1.72 -0.92
CA GLN B 295 19.39 0.75 0.16
C GLN B 295 20.71 0.12 0.58
N VAL B 296 21.79 0.34 -0.17
CA VAL B 296 23.08 -0.25 0.20
C VAL B 296 23.57 0.39 1.49
N HIS B 297 23.99 -0.44 2.43
CA HIS B 297 24.46 0.05 3.72
C HIS B 297 25.71 0.90 3.53
N PRO B 298 25.78 2.08 4.15
CA PRO B 298 26.94 2.96 3.92
C PRO B 298 28.27 2.35 4.28
N LYS B 299 28.31 1.52 5.33
CA LYS B 299 29.57 0.86 5.68
C LYS B 299 30.03 -0.08 4.58
N THR B 300 29.10 -0.70 3.86
CA THR B 300 29.47 -1.51 2.71
C THR B 300 30.14 -0.67 1.64
N LEU B 301 29.60 0.53 1.38
CA LEU B 301 30.24 1.42 0.41
C LEU B 301 31.63 1.84 0.88
N ASP B 302 31.78 2.12 2.17
CA ASP B 302 33.10 2.47 2.69
C ASP B 302 34.08 1.32 2.51
N TYR B 303 33.64 0.09 2.80
CA TYR B 303 34.52 -1.06 2.62
C TYR B 303 34.91 -1.24 1.16
N LEU B 304 33.94 -1.09 0.25
CA LEU B 304 34.24 -1.22 -1.17
C LEU B 304 35.24 -0.16 -1.63
N GLU B 305 35.06 1.08 -1.14
CA GLU B 305 36.01 2.13 -1.46
C GLU B 305 37.39 1.82 -0.88
N ALA B 306 37.43 1.13 0.25
CA ALA B 306 38.71 0.79 0.87
C ALA B 306 39.53 -0.15 0.00
N ILE B 307 38.89 -1.14 -0.61
CA ILE B 307 39.60 -2.14 -1.40
C ILE B 307 39.68 -1.69 -2.85
N GLY B 308 39.27 -0.44 -3.11
CA GLY B 308 39.40 0.12 -4.44
C GLY B 308 38.43 -0.46 -5.46
N LEU B 309 37.14 -0.29 -5.20
CA LEU B 309 36.12 -0.74 -6.14
C LEU B 309 34.98 0.25 -6.31
N TYR B 310 34.97 1.36 -5.58
CA TYR B 310 33.86 2.30 -5.64
C TYR B 310 34.38 3.69 -5.26
N ASP B 311 34.28 4.63 -6.19
CA ASP B 311 34.68 6.02 -5.96
C ASP B 311 33.48 6.90 -6.30
N GLU B 312 33.00 7.64 -5.29
CA GLU B 312 31.74 8.37 -5.47
C GLU B 312 31.89 9.57 -6.38
N ASP B 313 33.03 10.26 -6.34
CA ASP B 313 33.23 11.43 -7.19
C ASP B 313 33.17 11.06 -8.66
N LEU B 314 33.84 9.97 -9.04
CA LEU B 314 33.82 9.53 -10.43
C LEU B 314 32.42 9.16 -10.88
N LEU B 315 31.66 8.47 -10.01
CA LEU B 315 30.30 8.10 -10.35
C LEU B 315 29.43 9.33 -10.53
N THR B 316 29.58 10.32 -9.65
CA THR B 316 28.75 11.52 -9.74
C THR B 316 29.08 12.33 -10.99
N ILE B 317 30.36 12.42 -11.35
CA ILE B 317 30.75 13.27 -12.47
C ILE B 317 30.49 12.60 -13.80
N ASN B 318 30.95 11.37 -13.98
CA ASN B 318 30.91 10.75 -15.30
C ASN B 318 29.49 10.40 -15.74
N SER B 319 28.60 10.08 -14.80
CA SER B 319 27.25 9.65 -15.13
C SER B 319 26.25 10.81 -15.12
N ALA B 320 26.70 12.02 -15.45
CA ALA B 320 25.83 13.18 -15.33
C ALA B 320 24.71 13.15 -16.36
N GLY B 321 25.04 12.90 -17.62
CA GLY B 321 24.05 13.05 -18.67
C GLY B 321 23.69 11.80 -19.43
N ILE B 322 24.33 10.68 -19.11
CA ILE B 322 24.05 9.45 -19.84
C ILE B 322 22.66 8.92 -19.49
N GLY B 323 22.27 9.01 -18.22
CA GLY B 323 21.02 8.43 -17.79
C GLY B 323 21.16 6.93 -17.64
N ALA B 324 22.05 6.51 -16.74
CA ALA B 324 22.46 5.12 -16.68
C ALA B 324 21.47 4.26 -15.90
N GLN B 325 21.18 3.08 -16.46
CA GLN B 325 20.44 2.07 -15.72
C GLN B 325 21.32 1.39 -14.67
N CYS B 326 22.62 1.30 -14.93
CA CYS B 326 23.55 0.66 -14.01
C CYS B 326 24.93 1.25 -14.21
N HIS B 327 25.78 1.10 -13.19
CA HIS B 327 27.17 1.52 -13.27
C HIS B 327 28.05 0.33 -12.93
N LEU B 328 29.02 0.02 -13.77
CA LEU B 328 29.87 -1.15 -13.56
C LEU B 328 31.32 -0.72 -13.38
N PHE B 329 31.93 -1.19 -12.31
CA PHE B 329 33.34 -1.00 -12.01
C PHE B 329 34.06 -2.32 -12.21
N GLU B 330 35.30 -2.26 -12.68
CA GLU B 330 36.09 -3.46 -12.93
C GLU B 330 37.45 -3.31 -12.27
N HIS B 331 37.91 -4.39 -11.63
CA HIS B 331 39.22 -4.37 -10.99
C HIS B 331 39.71 -5.80 -10.86
N THR B 332 41.00 -5.94 -10.54
CA THR B 332 41.61 -7.20 -10.16
C THR B 332 42.10 -7.02 -8.74
N LEU B 333 41.21 -7.27 -7.78
CA LEU B 333 41.48 -6.88 -6.41
C LEU B 333 42.36 -7.89 -5.70
N GLN B 334 43.19 -7.38 -4.78
CA GLN B 334 44.09 -8.17 -3.97
C GLN B 334 43.73 -7.98 -2.51
N LEU B 335 43.55 -9.08 -1.80
CA LEU B 335 43.10 -9.05 -0.41
C LEU B 335 44.15 -9.69 0.49
N SER B 336 44.40 -9.04 1.62
CA SER B 336 45.34 -9.54 2.63
C SER B 336 44.63 -9.60 3.97
N VAL B 337 44.75 -10.73 4.66
CA VAL B 337 44.15 -10.93 5.96
C VAL B 337 45.27 -11.24 6.95
N ASN B 338 45.35 -10.45 8.02
CA ASN B 338 46.36 -10.61 9.07
C ASN B 338 47.73 -10.54 8.40
N GLY B 339 48.62 -11.49 8.63
CA GLY B 339 49.93 -11.51 8.02
C GLY B 339 50.05 -12.37 6.77
N LYS B 340 48.93 -12.83 6.21
CA LYS B 340 48.94 -13.68 5.02
C LYS B 340 48.29 -12.94 3.86
N CYS B 341 48.83 -13.15 2.66
CA CYS B 341 48.32 -12.53 1.44
C CYS B 341 47.61 -13.59 0.61
N LEU B 342 46.44 -13.24 0.10
CA LEU B 342 45.62 -14.16 -0.68
C LEU B 342 45.95 -13.99 -2.17
N LEU B 343 45.14 -14.59 -3.03
CA LEU B 343 45.36 -14.55 -4.47
C LEU B 343 44.50 -13.47 -5.11
N PRO B 344 44.96 -12.89 -6.23
CA PRO B 344 44.15 -11.86 -6.90
C PRO B 344 42.86 -12.44 -7.42
N ILE B 345 41.80 -11.61 -7.38
CA ILE B 345 40.48 -12.02 -7.83
C ILE B 345 39.97 -10.97 -8.81
N GLN B 346 39.56 -11.43 -10.00
CA GLN B 346 38.98 -10.53 -11.00
C GLN B 346 37.53 -10.25 -10.62
N THR B 347 37.20 -8.98 -10.43
CA THR B 347 35.91 -8.58 -9.88
C THR B 347 35.25 -7.54 -10.77
N VAL B 348 33.97 -7.74 -11.04
CA VAL B 348 33.13 -6.78 -11.73
C VAL B 348 31.98 -6.44 -10.80
N PHE B 349 31.93 -5.20 -10.35
CA PHE B 349 30.88 -4.74 -9.42
C PHE B 349 29.87 -3.93 -10.21
N ALA B 350 28.65 -4.44 -10.31
CA ALA B 350 27.57 -3.76 -11.01
C ALA B 350 26.58 -3.23 -9.98
N LEU B 351 26.30 -1.93 -10.05
CA LEU B 351 25.42 -1.26 -9.11
C LEU B 351 24.26 -0.67 -9.89
N LYS B 352 23.05 -1.15 -9.61
CA LYS B 352 21.87 -0.68 -10.31
C LYS B 352 21.34 0.60 -9.69
N GLU B 353 20.93 1.54 -10.53
CA GLU B 353 20.42 2.82 -10.04
C GLU B 353 19.12 2.64 -9.26
N ASN B 354 18.24 1.77 -9.74
CA ASN B 354 16.94 1.55 -9.12
C ASN B 354 16.98 0.31 -8.24
N LYS B 355 15.82 -0.08 -7.74
CA LYS B 355 15.68 -1.29 -6.92
C LYS B 355 14.81 -2.29 -7.66
N ALA B 356 15.19 -3.57 -7.60
CA ALA B 356 14.45 -4.63 -8.26
C ALA B 356 14.74 -5.94 -7.55
N SER B 357 13.92 -6.94 -7.86
CA SER B 357 14.03 -8.23 -7.20
C SER B 357 15.31 -8.95 -7.62
N LYS B 358 15.66 -9.98 -6.85
CA LYS B 358 16.84 -10.78 -7.16
C LYS B 358 16.77 -11.38 -8.55
N LEU B 359 15.56 -11.68 -9.03
CA LEU B 359 15.41 -12.20 -10.38
C LEU B 359 15.95 -11.23 -11.42
N ASP B 360 15.80 -9.93 -11.19
CA ASP B 360 16.36 -8.95 -12.11
C ASP B 360 17.88 -8.96 -12.08
N SER B 361 18.48 -9.13 -10.90
CA SER B 361 19.93 -9.24 -10.82
C SER B 361 20.42 -10.46 -11.59
N HIS B 362 19.74 -11.60 -11.44
CA HIS B 362 20.12 -12.77 -12.21
C HIS B 362 19.92 -12.55 -13.70
N HIS B 363 18.86 -11.82 -14.07
CA HIS B 363 18.65 -11.48 -15.48
C HIS B 363 19.84 -10.72 -16.03
N TRP B 364 20.23 -9.65 -15.35
CA TRP B 364 21.39 -8.87 -15.80
C TRP B 364 22.61 -9.75 -15.91
N TYR B 365 22.94 -10.46 -14.82
CA TYR B 365 24.14 -11.29 -14.79
C TYR B 365 24.15 -12.29 -15.92
N PHE B 366 23.19 -13.22 -15.92
CA PHE B 366 23.12 -14.26 -16.92
C PHE B 366 23.15 -13.65 -18.31
N ASN B 367 22.12 -12.88 -18.68
CA ASN B 367 22.05 -12.41 -20.06
C ASN B 367 23.31 -11.66 -20.45
N ALA B 368 23.58 -10.50 -19.85
CA ALA B 368 24.69 -9.69 -20.31
C ALA B 368 26.01 -10.46 -20.26
N PHE B 369 26.44 -10.85 -19.06
CA PHE B 369 27.81 -11.33 -18.91
C PHE B 369 27.98 -12.72 -19.54
N ALA B 370 27.02 -13.62 -19.33
CA ALA B 370 27.14 -14.94 -19.93
C ALA B 370 27.11 -14.88 -21.45
N GLU B 371 26.23 -14.05 -22.03
CA GLU B 371 26.22 -13.94 -23.48
C GLU B 371 27.51 -13.32 -24.01
N GLN B 372 28.12 -12.39 -23.27
CA GLN B 372 29.35 -11.79 -23.76
C GLN B 372 30.53 -12.74 -23.62
N ILE B 373 30.87 -13.12 -22.38
CA ILE B 373 32.06 -13.92 -22.14
C ILE B 373 31.90 -15.34 -22.66
N GLN B 374 30.69 -15.91 -22.55
CA GLN B 374 30.39 -17.28 -22.93
C GLN B 374 31.24 -18.25 -22.13
N PRO B 375 30.98 -18.41 -20.83
CA PRO B 375 31.78 -19.33 -20.02
C PRO B 375 31.31 -20.77 -20.17
N GLU B 376 31.85 -21.68 -19.36
CA GLU B 376 31.43 -23.07 -19.36
C GLU B 376 30.56 -23.42 -18.15
N TYR B 377 30.99 -23.03 -16.95
CA TYR B 377 30.24 -23.31 -15.73
C TYR B 377 29.85 -21.99 -15.07
N THR B 378 28.60 -21.90 -14.65
CA THR B 378 28.07 -20.70 -14.00
C THR B 378 27.62 -21.06 -12.59
N ALA B 379 28.21 -20.39 -11.59
CA ALA B 379 27.89 -20.64 -10.20
C ALA B 379 27.16 -19.44 -9.61
N VAL B 380 26.17 -19.72 -8.77
CA VAL B 380 25.33 -18.69 -8.16
C VAL B 380 25.34 -18.90 -6.66
N MET B 381 25.55 -17.82 -5.91
CA MET B 381 25.50 -17.88 -4.46
C MET B 381 25.08 -16.52 -3.92
N ASP B 382 24.56 -16.52 -2.70
CA ASP B 382 24.16 -15.29 -2.03
C ASP B 382 25.29 -14.80 -1.13
N VAL B 383 25.20 -13.52 -0.78
CA VAL B 383 26.20 -12.92 0.09
C VAL B 383 26.12 -13.54 1.48
N GLY B 384 27.27 -13.83 2.07
CA GLY B 384 27.34 -14.43 3.38
C GLY B 384 27.53 -15.94 3.38
N THR B 385 27.38 -16.58 2.23
CA THR B 385 27.57 -18.03 2.14
C THR B 385 29.05 -18.34 2.24
N MET B 386 29.51 -18.68 3.44
CA MET B 386 30.92 -18.97 3.68
C MET B 386 31.20 -20.41 3.29
N LEU B 387 31.99 -20.60 2.24
CA LEU B 387 32.29 -21.94 1.75
C LEU B 387 33.38 -22.59 2.59
N THR B 388 33.79 -23.78 2.18
CA THR B 388 34.93 -24.48 2.78
C THR B 388 36.03 -24.59 1.72
N LYS B 389 37.16 -25.16 2.14
CA LYS B 389 38.33 -25.23 1.27
C LYS B 389 38.06 -26.11 0.05
N SER B 390 37.33 -27.21 0.23
CA SER B 390 37.23 -28.25 -0.78
C SER B 390 35.85 -28.31 -1.44
N ALA B 391 35.23 -27.16 -1.69
CA ALA B 391 33.91 -27.14 -2.29
C ALA B 391 33.99 -27.03 -3.81
N LEU B 392 34.64 -25.98 -4.31
CA LEU B 392 34.75 -25.79 -5.76
C LEU B 392 35.47 -26.95 -6.41
N TYR B 393 36.49 -27.50 -5.75
CA TYR B 393 37.20 -28.64 -6.31
C TYR B 393 36.25 -29.82 -6.53
N HIS B 394 35.45 -30.13 -5.52
CA HIS B 394 34.51 -31.24 -5.66
C HIS B 394 33.48 -30.96 -6.75
N LEU B 395 32.96 -29.73 -6.80
CA LEU B 395 31.96 -29.40 -7.82
C LEU B 395 32.53 -29.57 -9.22
N LEU B 396 33.71 -29.00 -9.46
CA LEU B 396 34.32 -29.11 -10.79
C LEU B 396 34.68 -30.55 -11.11
N PHE B 397 35.13 -31.31 -10.11
CA PHE B 397 35.46 -32.71 -10.33
C PHE B 397 34.23 -33.49 -10.78
N ALA B 398 33.11 -33.29 -10.09
CA ALA B 398 31.88 -33.99 -10.48
C ALA B 398 31.45 -33.57 -11.87
N PHE B 399 31.48 -32.27 -12.17
CA PHE B 399 31.05 -31.79 -13.48
C PHE B 399 31.91 -32.37 -14.59
N GLU B 400 33.22 -32.40 -14.40
CA GLU B 400 34.09 -32.86 -15.47
C GLU B 400 34.04 -34.37 -15.64
N ARG B 401 33.99 -35.12 -14.53
CA ARG B 401 33.99 -36.57 -14.64
C ARG B 401 32.67 -37.09 -15.19
N ASN B 402 31.54 -36.59 -14.66
CA ASN B 402 30.26 -37.20 -15.01
C ASN B 402 29.86 -36.88 -16.46
N HIS B 403 29.94 -35.61 -16.85
CA HIS B 403 29.66 -35.11 -18.20
C HIS B 403 28.17 -35.14 -18.53
N GLN B 404 27.32 -35.67 -17.65
CA GLN B 404 25.88 -35.69 -17.89
C GLN B 404 25.12 -34.79 -16.93
N ILE B 405 25.79 -34.15 -15.98
CA ILE B 405 25.15 -33.37 -14.94
C ILE B 405 24.83 -31.99 -15.50
N GLY B 406 23.54 -31.69 -15.61
CA GLY B 406 23.10 -30.38 -16.05
C GLY B 406 22.95 -29.36 -14.95
N GLY B 407 23.38 -29.69 -13.74
CA GLY B 407 23.32 -28.77 -12.62
C GLY B 407 23.55 -29.48 -11.31
N ALA B 408 24.31 -28.86 -10.40
CA ALA B 408 24.65 -29.48 -9.14
C ALA B 408 24.45 -28.48 -8.02
N CYS B 409 24.19 -29.00 -6.83
CA CYS B 409 24.01 -28.18 -5.64
C CYS B 409 24.75 -28.82 -4.48
N GLY B 410 25.22 -27.97 -3.56
CA GLY B 410 25.98 -28.42 -2.43
C GLY B 410 25.14 -28.53 -1.16
N GLN B 411 25.71 -29.22 -0.17
CA GLN B 411 25.05 -29.34 1.12
C GLN B 411 25.08 -27.99 1.84
N LEU B 412 23.99 -27.68 2.53
CA LEU B 412 23.84 -26.43 3.27
C LEU B 412 23.80 -26.73 4.76
N THR B 413 24.51 -25.92 5.54
CA THR B 413 24.62 -26.13 6.97
C THR B 413 24.63 -24.79 7.69
N VAL B 414 24.35 -24.83 8.99
CA VAL B 414 24.28 -23.63 9.82
C VAL B 414 25.65 -23.41 10.46
N ASP B 415 26.12 -22.17 10.41
CA ASP B 415 27.38 -21.83 11.06
C ASP B 415 27.21 -21.85 12.57
N ASN B 416 28.19 -22.44 13.26
CA ASN B 416 28.23 -22.54 14.72
C ASN B 416 26.96 -23.16 15.28
N PRO B 417 26.69 -24.44 15.01
CA PRO B 417 25.51 -25.08 15.63
C PRO B 417 25.72 -25.38 17.10
N PHE B 418 26.90 -25.88 17.48
CA PHE B 418 27.14 -26.27 18.86
C PHE B 418 27.23 -25.04 19.77
N GLU B 419 27.81 -23.96 19.28
CA GLU B 419 27.95 -22.76 20.10
C GLU B 419 26.58 -22.20 20.45
N ASN B 420 26.44 -21.76 21.71
CA ASN B 420 25.19 -21.23 22.24
C ASN B 420 24.06 -22.26 22.09
N LEU B 421 24.25 -23.40 22.76
CA LEU B 421 23.26 -24.48 22.70
C LEU B 421 22.00 -24.15 23.47
N SER B 422 21.98 -23.07 24.26
CA SER B 422 20.78 -22.70 24.99
C SER B 422 19.64 -22.36 24.05
N ASN B 423 19.94 -21.68 22.95
CA ASN B 423 18.91 -21.30 21.99
C ASN B 423 18.34 -22.53 21.30
N TRP B 424 17.02 -22.55 21.12
CA TRP B 424 16.33 -23.70 20.55
C TRP B 424 16.14 -23.59 19.04
N VAL B 425 15.88 -22.38 18.54
CA VAL B 425 15.54 -22.22 17.14
C VAL B 425 16.71 -22.60 16.24
N ILE B 426 17.93 -22.20 16.62
CA ILE B 426 19.09 -22.52 15.82
C ILE B 426 19.30 -24.03 15.74
N SER B 427 19.18 -24.72 16.88
CA SER B 427 19.33 -26.17 16.89
C SER B 427 18.26 -26.85 16.05
N ALA B 428 17.01 -26.37 16.15
CA ALA B 428 15.94 -26.95 15.36
C ALA B 428 16.20 -26.77 13.87
N GLN B 429 16.64 -25.59 13.47
CA GLN B 429 16.95 -25.36 12.06
C GLN B 429 18.11 -26.21 11.59
N HIS B 430 19.13 -26.38 12.44
CA HIS B 430 20.25 -27.24 12.09
C HIS B 430 19.80 -28.67 11.86
N PHE B 431 18.96 -29.19 12.76
CA PHE B 431 18.44 -30.54 12.59
C PHE B 431 17.62 -30.65 11.31
N GLU B 432 16.76 -29.64 11.04
CA GLU B 432 15.97 -29.69 9.84
C GLU B 432 16.79 -29.68 8.56
N TYR B 433 17.85 -28.84 8.56
CA TYR B 433 18.74 -28.81 7.40
C TYR B 433 19.43 -30.15 7.20
N LYS B 434 19.95 -30.74 8.28
CA LYS B 434 20.65 -32.02 8.15
C LYS B 434 19.72 -33.10 7.62
N ILE B 435 18.55 -33.26 8.24
CA ILE B 435 17.65 -34.34 7.84
C ILE B 435 17.15 -34.13 6.42
N SER B 436 16.70 -32.91 6.11
CA SER B 436 16.20 -32.63 4.77
C SER B 436 17.26 -32.90 3.72
N ASN B 437 18.46 -32.31 3.90
CA ASN B 437 19.56 -32.56 3.00
C ASN B 437 19.75 -34.05 2.78
N ILE B 438 20.10 -34.78 3.84
CA ILE B 438 20.45 -36.19 3.69
C ILE B 438 19.34 -36.93 2.96
N LEU B 439 18.16 -37.01 3.58
CA LEU B 439 17.12 -37.88 3.05
C LEU B 439 16.62 -37.41 1.68
N ASP B 440 16.08 -36.19 1.61
CA ASP B 440 15.43 -35.76 0.38
C ASP B 440 16.43 -35.60 -0.76
N LYS B 441 17.57 -34.96 -0.50
CA LYS B 441 18.56 -34.79 -1.57
C LYS B 441 19.07 -36.14 -2.05
N SER B 442 19.32 -37.08 -1.15
CA SER B 442 19.80 -38.39 -1.58
C SER B 442 18.76 -39.09 -2.45
N LEU B 443 17.51 -39.10 -2.00
CA LEU B 443 16.47 -39.80 -2.76
C LEU B 443 16.27 -39.16 -4.13
N GLU B 444 16.27 -37.83 -4.19
CA GLU B 444 16.04 -37.17 -5.48
C GLU B 444 17.27 -37.25 -6.38
N SER B 445 18.47 -37.36 -5.81
CA SER B 445 19.66 -37.53 -6.63
C SER B 445 19.77 -38.95 -7.17
N CYS B 446 19.17 -39.93 -6.48
CA CYS B 446 19.16 -41.28 -7.01
C CYS B 446 18.44 -41.33 -8.35
N PHE B 447 17.32 -40.63 -8.48
CA PHE B 447 16.61 -40.54 -9.74
C PHE B 447 17.11 -39.41 -10.62
N GLY B 448 18.08 -38.62 -10.15
CA GLY B 448 18.63 -37.54 -10.94
C GLY B 448 17.66 -36.42 -11.24
N PHE B 449 16.85 -36.04 -10.24
CA PHE B 449 15.95 -34.89 -10.39
C PHE B 449 15.81 -34.24 -9.01
N ILE B 450 16.59 -33.20 -8.78
CA ILE B 450 16.52 -32.47 -7.52
C ILE B 450 15.36 -31.49 -7.59
N SER B 451 14.47 -31.55 -6.59
CA SER B 451 13.29 -30.70 -6.60
C SER B 451 13.67 -29.22 -6.57
N VAL B 452 14.60 -28.85 -5.69
CA VAL B 452 15.00 -27.45 -5.57
C VAL B 452 16.46 -27.35 -5.17
N LEU B 453 17.26 -26.76 -6.05
CA LEU B 453 18.63 -26.43 -5.66
C LEU B 453 18.59 -25.23 -4.72
N PRO B 454 19.41 -25.24 -3.66
CA PRO B 454 19.43 -24.09 -2.75
C PRO B 454 19.80 -22.82 -3.49
N GLY B 455 19.13 -21.73 -3.10
CA GLY B 455 19.44 -20.43 -3.70
C GLY B 455 20.85 -19.98 -3.45
N ALA B 456 21.53 -20.57 -2.46
CA ALA B 456 22.92 -20.29 -2.18
C ALA B 456 23.76 -21.48 -2.63
N PHE B 457 24.85 -21.20 -3.35
CA PHE B 457 25.82 -22.19 -3.77
C PHE B 457 25.18 -23.28 -4.63
N SER B 458 24.66 -22.86 -5.78
CA SER B 458 24.24 -23.78 -6.83
C SER B 458 25.09 -23.55 -8.05
N ALA B 459 25.10 -24.51 -8.96
CA ALA B 459 25.94 -24.42 -10.15
C ALA B 459 25.21 -25.03 -11.34
N TYR B 460 25.58 -24.56 -12.52
CA TYR B 460 25.04 -25.08 -13.77
C TYR B 460 26.15 -25.08 -14.81
N ARG B 461 25.94 -25.85 -15.88
CA ARG B 461 26.83 -25.82 -17.03
C ARG B 461 26.18 -24.98 -18.12
N TYR B 462 26.92 -23.99 -18.63
CA TYR B 462 26.33 -23.04 -19.55
C TYR B 462 26.26 -23.62 -20.95
N GLU B 463 25.65 -24.78 -21.08
CA GLU B 463 25.28 -25.35 -22.36
C GLU B 463 23.86 -25.87 -22.39
N ALA B 464 23.27 -26.17 -21.23
CA ALA B 464 21.91 -26.67 -21.14
C ALA B 464 20.91 -25.62 -20.67
N ILE B 465 21.37 -24.41 -20.33
CA ILE B 465 20.49 -23.36 -19.86
C ILE B 465 20.55 -22.12 -20.74
N ARG B 466 21.21 -22.21 -21.90
CA ARG B 466 21.40 -21.02 -22.72
C ARG B 466 20.11 -20.62 -23.43
N GLY B 467 19.35 -21.59 -23.91
CA GLY B 467 18.20 -21.28 -24.75
C GLY B 467 16.86 -21.20 -24.01
N ALA B 468 16.01 -22.18 -24.25
CA ALA B 468 14.67 -22.17 -23.67
C ALA B 468 14.65 -22.13 -22.14
N PRO B 469 15.48 -22.87 -21.41
CA PRO B 469 15.37 -22.83 -19.94
C PRO B 469 15.52 -21.44 -19.36
N LEU B 470 16.46 -20.63 -19.86
CA LEU B 470 16.60 -19.27 -19.34
C LEU B 470 15.41 -18.41 -19.73
N ASP B 471 14.83 -18.62 -20.93
CA ASP B 471 13.64 -17.87 -21.31
C ASP B 471 12.48 -18.19 -20.38
N ALA B 472 12.32 -19.45 -20.00
CA ALA B 472 11.29 -19.80 -19.02
C ALA B 472 11.63 -19.28 -17.64
N TYR B 473 12.92 -19.15 -17.34
CA TYR B 473 13.34 -18.59 -16.05
C TYR B 473 12.89 -17.14 -15.91
N PHE B 474 13.05 -16.35 -16.98
CA PHE B 474 12.75 -14.92 -16.97
C PHE B 474 11.44 -14.61 -17.67
N GLN B 475 10.44 -15.48 -17.55
CA GLN B 475 9.15 -15.23 -18.18
C GLN B 475 8.42 -14.07 -17.52
N THR B 476 8.58 -13.90 -16.21
CA THR B 476 7.87 -12.84 -15.50
C THR B 476 8.37 -11.46 -15.90
N LEU B 477 9.69 -11.30 -16.05
CA LEU B 477 10.25 -9.97 -16.27
C LEU B 477 9.98 -9.42 -17.66
N ASN B 478 9.58 -10.26 -18.61
CA ASN B 478 9.36 -9.82 -19.99
C ASN B 478 7.88 -9.70 -20.34
N ILE B 479 6.99 -10.25 -19.53
CA ILE B 479 5.55 -10.22 -19.79
C ILE B 479 4.85 -9.66 -18.57
N GLU B 480 3.94 -8.71 -18.78
CA GLU B 480 3.19 -8.14 -17.68
C GLU B 480 2.34 -9.21 -17.00
N LEU B 481 2.21 -9.11 -15.68
CA LEU B 481 1.56 -10.16 -14.90
C LEU B 481 0.09 -10.33 -15.24
N ASP B 482 -0.53 -9.35 -15.89
CA ASP B 482 -1.93 -9.49 -16.28
C ASP B 482 -2.10 -10.59 -17.31
N VAL B 483 -1.18 -10.67 -18.28
CA VAL B 483 -1.27 -11.69 -19.32
C VAL B 483 -0.97 -13.07 -18.73
N LEU B 484 0.03 -13.15 -17.85
CA LEU B 484 0.43 -14.45 -17.31
C LEU B 484 -0.70 -15.09 -16.51
N GLY B 485 -1.43 -14.30 -15.73
CA GLY B 485 -2.52 -14.82 -14.94
C GLY B 485 -2.14 -14.95 -13.48
N PRO B 486 -3.08 -15.44 -12.66
CA PRO B 486 -2.78 -15.56 -11.23
C PRO B 486 -1.83 -16.69 -10.88
N PHE B 487 -1.96 -17.83 -11.56
CA PHE B 487 -1.17 -19.00 -11.17
C PHE B 487 0.32 -18.76 -11.37
N ILE B 488 0.70 -18.26 -12.54
CA ILE B 488 2.11 -17.99 -12.80
C ILE B 488 2.60 -16.82 -11.95
N GLY B 489 1.75 -15.81 -11.76
CA GLY B 489 2.14 -14.66 -10.96
C GLY B 489 2.41 -15.01 -9.51
N ASN B 490 1.60 -15.91 -8.95
CA ASN B 490 1.76 -16.29 -7.56
C ASN B 490 3.00 -17.15 -7.30
N MET B 491 3.68 -17.59 -8.36
CA MET B 491 4.90 -18.38 -8.21
C MET B 491 6.09 -17.46 -7.92
N TYR B 492 5.98 -16.74 -6.81
CA TYR B 492 6.98 -15.76 -6.40
C TYR B 492 8.03 -16.41 -5.53
N LEU B 493 9.29 -16.04 -5.76
CA LEU B 493 10.43 -16.64 -5.07
C LEU B 493 10.45 -18.16 -5.24
N ALA B 494 10.14 -18.62 -6.45
CA ALA B 494 10.12 -20.04 -6.74
C ALA B 494 10.71 -20.39 -8.10
N GLU B 495 11.29 -19.42 -8.81
CA GLU B 495 11.75 -19.66 -10.16
C GLU B 495 12.93 -20.62 -10.22
N ASP B 496 13.61 -20.85 -9.08
CA ASP B 496 14.71 -21.83 -9.07
C ASP B 496 14.21 -23.21 -9.43
N ARG B 497 13.07 -23.62 -8.88
CA ARG B 497 12.47 -24.89 -9.24
C ARG B 497 12.05 -24.90 -10.70
N ILE B 498 11.62 -23.76 -11.24
CA ILE B 498 11.27 -23.69 -12.65
C ILE B 498 12.49 -23.99 -13.51
N LEU B 499 13.63 -23.37 -13.18
CA LEU B 499 14.84 -23.65 -13.95
C LEU B 499 15.29 -25.09 -13.78
N SER B 500 15.17 -25.62 -12.55
CA SER B 500 15.58 -27.00 -12.31
C SER B 500 14.75 -27.97 -13.12
N PHE B 501 13.45 -27.73 -13.25
CA PHE B 501 12.61 -28.60 -14.06
C PHE B 501 12.89 -28.40 -15.54
N GLU B 502 13.13 -27.16 -15.97
CA GLU B 502 13.36 -26.91 -17.39
C GLU B 502 14.67 -27.53 -17.87
N VAL B 503 15.68 -27.59 -17.01
CA VAL B 503 16.93 -28.23 -17.42
C VAL B 503 16.71 -29.71 -17.69
N VAL B 504 15.96 -30.38 -16.82
CA VAL B 504 15.73 -31.82 -16.97
C VAL B 504 14.90 -32.10 -18.22
N ALA B 505 13.81 -31.35 -18.40
CA ALA B 505 12.85 -31.62 -19.47
C ALA B 505 13.14 -30.83 -20.74
N ARG B 506 14.39 -30.48 -21.00
CA ARG B 506 14.73 -29.77 -22.22
C ARG B 506 14.58 -30.71 -23.42
N LYS B 507 14.02 -30.18 -24.51
CA LYS B 507 13.77 -30.99 -25.68
C LYS B 507 15.07 -31.35 -26.39
N ASN B 508 15.09 -32.53 -26.99
CA ASN B 508 16.22 -33.04 -27.77
C ASN B 508 17.50 -33.14 -26.97
N CYS B 509 17.40 -33.24 -25.65
CA CYS B 509 18.57 -33.36 -24.79
C CYS B 509 18.19 -34.17 -23.57
N ASN B 510 19.22 -34.72 -22.90
CA ASN B 510 19.05 -35.49 -21.67
C ASN B 510 20.01 -34.93 -20.63
N TRP B 511 19.55 -33.92 -19.89
CA TRP B 511 20.32 -33.34 -18.80
C TRP B 511 19.68 -33.74 -17.49
N THR B 512 20.48 -34.25 -16.57
CA THR B 512 20.01 -34.69 -15.26
C THR B 512 20.76 -33.95 -14.16
N MET B 513 20.05 -33.56 -13.12
CA MET B 513 20.66 -32.85 -12.01
C MET B 513 21.32 -33.84 -11.05
N HIS B 514 22.17 -33.32 -10.18
CA HIS B 514 22.96 -34.16 -9.30
C HIS B 514 23.27 -33.41 -8.02
N TYR B 515 23.54 -34.18 -6.96
CA TYR B 515 23.81 -33.64 -5.63
C TYR B 515 25.18 -34.11 -5.18
N VAL B 516 25.99 -33.19 -4.67
CA VAL B 516 27.33 -33.48 -4.18
C VAL B 516 27.34 -33.35 -2.67
N LYS B 517 27.90 -34.35 -1.99
CA LYS B 517 27.86 -34.38 -0.53
C LYS B 517 28.87 -33.43 0.11
N ASP B 518 30.07 -33.33 -0.47
CA ASP B 518 31.18 -32.65 0.20
C ASP B 518 31.16 -31.13 0.03
N ALA B 519 30.35 -30.59 -0.89
CA ALA B 519 30.33 -29.15 -1.11
C ALA B 519 29.58 -28.47 0.03
N VAL B 520 30.25 -28.37 1.18
CA VAL B 520 29.65 -27.85 2.39
C VAL B 520 29.73 -26.33 2.37
N ALA B 521 28.57 -25.68 2.49
CA ALA B 521 28.48 -24.23 2.57
C ALA B 521 27.80 -23.85 3.87
N ARG B 522 28.40 -22.92 4.61
CA ARG B 522 27.87 -22.51 5.91
C ARG B 522 27.21 -21.15 5.77
N THR B 523 25.91 -21.11 6.06
CA THR B 523 25.15 -19.87 6.02
C THR B 523 24.92 -19.36 7.44
N ASP B 524 24.09 -18.33 7.56
CA ASP B 524 23.65 -17.82 8.85
C ASP B 524 22.13 -17.81 8.89
N VAL B 525 21.56 -18.19 10.03
CA VAL B 525 20.12 -18.35 10.15
C VAL B 525 19.59 -17.36 11.19
N PRO B 526 18.34 -16.93 11.08
CA PRO B 526 17.79 -16.02 12.10
C PRO B 526 17.74 -16.67 13.47
N HIS B 527 18.01 -15.86 14.49
CA HIS B 527 18.06 -16.34 15.86
C HIS B 527 16.74 -16.21 16.62
N ASP B 528 15.74 -15.59 16.01
CA ASP B 528 14.46 -15.35 16.67
C ASP B 528 13.33 -15.98 15.85
N LEU B 529 12.14 -16.00 16.44
CA LEU B 529 11.01 -16.64 15.80
C LEU B 529 10.48 -15.84 14.62
N VAL B 530 10.54 -14.51 14.69
CA VAL B 530 9.88 -13.68 13.68
C VAL B 530 10.58 -13.76 12.33
N GLY B 531 11.92 -13.67 12.34
CA GLY B 531 12.65 -13.80 11.09
C GLY B 531 12.48 -15.16 10.47
N LEU B 532 12.50 -16.21 11.31
CA LEU B 532 12.21 -17.55 10.82
C LEU B 532 10.83 -17.63 10.19
N ILE B 533 9.84 -16.96 10.81
CA ILE B 533 8.48 -16.98 10.28
C ILE B 533 8.44 -16.33 8.90
N SER B 534 9.09 -15.19 8.74
CA SER B 534 9.07 -14.51 7.44
C SER B 534 9.77 -15.36 6.37
N GLN B 535 10.94 -15.90 6.71
CA GLN B 535 11.69 -16.72 5.76
C GLN B 535 10.88 -17.94 5.36
N ARG B 536 10.27 -18.61 6.32
CA ARG B 536 9.46 -19.78 6.01
C ARG B 536 8.22 -19.40 5.21
N LYS B 537 7.66 -18.21 5.43
CA LYS B 537 6.57 -17.75 4.59
C LYS B 537 6.98 -17.73 3.13
N ARG B 538 8.09 -17.05 2.83
CA ARG B 538 8.56 -17.00 1.46
C ARG B 538 8.79 -18.40 0.90
N TRP B 539 9.53 -19.22 1.65
CA TRP B 539 9.91 -20.53 1.15
C TRP B 539 8.70 -21.41 0.90
N LEU B 540 7.74 -21.42 1.84
CA LEU B 540 6.58 -22.29 1.70
C LEU B 540 5.70 -21.87 0.53
N ASN B 541 5.45 -20.55 0.38
CA ASN B 541 4.66 -20.11 -0.76
C ASN B 541 5.29 -20.55 -2.07
N GLY B 542 6.58 -20.24 -2.25
CA GLY B 542 7.25 -20.62 -3.47
C GLY B 542 7.24 -22.12 -3.70
N ALA B 543 7.54 -22.89 -2.65
CA ALA B 543 7.65 -24.33 -2.78
C ALA B 543 6.32 -24.95 -3.19
N PHE B 544 5.22 -24.54 -2.54
CA PHE B 544 3.94 -25.14 -2.86
C PHE B 544 3.54 -24.85 -4.30
N PHE B 545 3.67 -23.59 -4.72
CA PHE B 545 3.19 -23.31 -6.08
C PHE B 545 4.10 -23.89 -7.16
N ALA B 546 5.42 -23.91 -6.92
CA ALA B 546 6.31 -24.56 -7.87
C ALA B 546 6.04 -26.06 -7.95
N THR B 547 5.76 -26.69 -6.80
CA THR B 547 5.44 -28.11 -6.81
C THR B 547 4.17 -28.38 -7.61
N LEU B 548 3.15 -27.54 -7.43
CA LEU B 548 1.94 -27.71 -8.22
C LEU B 548 2.22 -27.58 -9.71
N PHE B 549 3.03 -26.59 -10.09
CA PHE B 549 3.36 -26.43 -11.51
C PHE B 549 4.10 -27.65 -12.05
N SER B 550 5.07 -28.16 -11.30
CA SER B 550 5.83 -29.32 -11.76
C SER B 550 4.94 -30.54 -11.91
N ILE B 551 4.05 -30.78 -10.95
CA ILE B 551 3.13 -31.90 -11.06
C ILE B 551 2.23 -31.74 -12.26
N TRP B 552 1.78 -30.50 -12.52
CA TRP B 552 0.90 -30.27 -13.67
C TRP B 552 1.61 -30.54 -14.98
N ASN B 553 2.87 -30.12 -15.12
CA ASN B 553 3.55 -30.17 -16.41
C ASN B 553 4.57 -31.31 -16.51
N TRP B 554 4.50 -32.29 -15.59
CA TRP B 554 5.44 -33.41 -15.65
C TRP B 554 5.39 -34.17 -16.97
N GLY B 555 4.28 -34.12 -17.70
CA GLY B 555 4.14 -34.91 -18.91
C GLY B 555 5.12 -34.53 -20.01
N ARG B 556 5.69 -33.33 -19.95
CA ARG B 556 6.60 -32.88 -20.99
C ARG B 556 7.84 -33.76 -21.08
N ILE B 557 8.22 -34.39 -19.97
CA ILE B 557 9.41 -35.25 -19.97
C ILE B 557 9.20 -36.42 -20.94
N TYR B 558 8.04 -37.05 -20.87
CA TYR B 558 7.76 -38.15 -21.80
C TYR B 558 7.42 -37.63 -23.19
N SER B 559 6.75 -36.48 -23.27
CA SER B 559 6.30 -36.01 -24.58
C SER B 559 7.46 -35.54 -25.44
N GLU B 560 8.38 -34.74 -24.88
CA GLU B 560 9.38 -34.04 -25.67
C GLU B 560 10.80 -34.50 -25.43
N SER B 561 11.18 -34.81 -24.19
CA SER B 561 12.58 -35.10 -23.89
C SER B 561 13.01 -36.42 -24.53
N LYS B 562 14.32 -36.54 -24.73
CA LYS B 562 14.93 -37.73 -25.31
C LYS B 562 15.79 -38.39 -24.23
N HIS B 563 15.18 -39.23 -23.42
CA HIS B 563 15.85 -39.95 -22.35
C HIS B 563 15.83 -41.45 -22.62
N THR B 564 16.66 -42.17 -21.88
CA THR B 564 16.64 -43.62 -21.94
C THR B 564 15.35 -44.15 -21.34
N PHE B 565 14.93 -45.34 -21.79
CA PHE B 565 13.69 -45.93 -21.32
C PHE B 565 13.75 -46.20 -19.81
N VAL B 566 14.89 -46.69 -19.34
CA VAL B 566 15.07 -46.92 -17.90
C VAL B 566 14.92 -45.61 -17.14
N ARG B 567 15.46 -44.52 -17.69
CA ARG B 567 15.30 -43.22 -17.06
C ARG B 567 13.82 -42.83 -16.99
N LYS B 568 13.06 -43.10 -18.05
CA LYS B 568 11.64 -42.77 -18.02
C LYS B 568 10.90 -43.59 -16.97
N MET B 569 11.23 -44.87 -16.84
CA MET B 569 10.59 -45.68 -15.81
C MET B 569 10.93 -45.18 -14.41
N ALA B 570 12.20 -44.82 -14.19
CA ALA B 570 12.60 -44.28 -12.90
C ALA B 570 11.87 -42.97 -12.61
N PHE B 571 11.71 -42.13 -13.63
CA PHE B 571 10.96 -40.88 -13.45
C PHE B 571 9.51 -41.16 -13.13
N LEU B 572 8.93 -42.22 -13.72
CA LEU B 572 7.56 -42.57 -13.39
C LEU B 572 7.43 -42.98 -11.93
N VAL B 573 8.36 -43.81 -11.44
CA VAL B 573 8.33 -44.23 -10.05
C VAL B 573 8.46 -43.02 -9.13
N PHE B 574 9.40 -42.14 -9.44
CA PHE B 574 9.59 -40.93 -8.63
C PHE B 574 8.36 -40.02 -8.70
N TYR B 575 7.68 -39.99 -9.85
CA TYR B 575 6.46 -39.20 -9.97
C TYR B 575 5.37 -39.73 -9.06
N VAL B 576 5.21 -41.05 -9.00
CA VAL B 576 4.23 -41.65 -8.10
C VAL B 576 4.56 -41.30 -6.65
N TYR B 577 5.84 -41.44 -6.29
CA TYR B 577 6.24 -41.11 -4.92
C TYR B 577 5.99 -39.65 -4.61
N HIS B 578 6.29 -38.76 -5.56
CA HIS B 578 6.09 -37.34 -5.36
C HIS B 578 4.61 -37.01 -5.16
N LEU B 579 3.74 -37.62 -5.96
CA LEU B 579 2.31 -37.39 -5.80
C LEU B 579 1.84 -37.83 -4.43
N LEU B 580 2.27 -39.03 -3.99
CA LEU B 580 1.85 -39.52 -2.69
C LEU B 580 2.35 -38.60 -1.57
N TYR B 581 3.60 -38.17 -1.65
CA TYR B 581 4.16 -37.33 -0.59
C TYR B 581 3.46 -35.98 -0.54
N THR B 582 3.18 -35.37 -1.69
CA THR B 582 2.49 -34.10 -1.70
C THR B 582 1.06 -34.24 -1.15
N ALA B 583 0.37 -35.33 -1.53
CA ALA B 583 -0.97 -35.54 -1.02
C ALA B 583 -0.96 -35.70 0.50
N PHE B 584 0.02 -36.44 1.03
CA PHE B 584 0.09 -36.59 2.48
C PHE B 584 0.44 -35.27 3.15
N GLY B 585 1.33 -34.49 2.56
CA GLY B 585 1.72 -33.22 3.17
C GLY B 585 0.64 -32.17 3.13
N PHE B 586 -0.30 -32.27 2.19
CA PHE B 586 -1.40 -31.31 2.15
C PHE B 586 -2.39 -31.50 3.30
N PHE B 587 -2.44 -32.70 3.90
CA PHE B 587 -3.35 -33.00 5.00
C PHE B 587 -2.58 -33.20 6.31
N LEU B 588 -1.54 -32.42 6.53
CA LEU B 588 -0.67 -32.64 7.69
C LEU B 588 -1.26 -32.14 9.00
N PRO B 589 -1.81 -30.91 9.07
CA PRO B 589 -2.33 -30.44 10.37
C PRO B 589 -3.43 -31.33 10.94
N ALA B 590 -4.34 -31.79 10.10
CA ALA B 590 -5.40 -32.68 10.57
C ALA B 590 -4.83 -33.98 11.09
N ASN B 591 -3.85 -34.55 10.38
CA ASN B 591 -3.24 -35.79 10.83
C ASN B 591 -2.53 -35.62 12.16
N LEU B 592 -1.82 -34.51 12.34
CA LEU B 592 -1.14 -34.26 13.61
C LEU B 592 -2.16 -34.13 14.75
N TYR B 593 -3.22 -33.36 14.52
CA TYR B 593 -4.25 -33.20 15.55
C TYR B 593 -4.87 -34.53 15.90
N LEU B 594 -5.22 -35.33 14.89
CA LEU B 594 -5.85 -36.62 15.14
C LEU B 594 -4.91 -37.55 15.91
N ALA B 595 -3.63 -37.60 15.51
CA ALA B 595 -2.70 -38.48 16.19
C ALA B 595 -2.56 -38.10 17.66
N LEU B 596 -2.29 -36.81 17.94
CA LEU B 596 -2.14 -36.39 19.32
C LEU B 596 -3.42 -36.68 20.12
N PHE B 597 -4.56 -36.21 19.61
CA PHE B 597 -5.82 -36.38 20.31
C PHE B 597 -6.07 -37.86 20.62
N PHE B 598 -6.18 -38.68 19.59
CA PHE B 598 -6.43 -40.11 19.77
C PHE B 598 -5.46 -40.67 20.79
N ILE B 599 -4.17 -40.70 20.47
CA ILE B 599 -3.21 -41.41 21.31
C ILE B 599 -3.31 -40.90 22.74
N VAL B 600 -2.94 -39.65 22.97
CA VAL B 600 -2.80 -39.18 24.35
C VAL B 600 -4.14 -39.18 25.06
N PHE B 601 -5.09 -38.40 24.56
CA PHE B 601 -6.28 -38.16 25.37
C PHE B 601 -7.25 -39.35 25.36
N GLN B 602 -7.43 -40.02 24.22
CA GLN B 602 -8.30 -41.18 24.25
C GLN B 602 -7.58 -42.42 24.77
N GLY B 603 -6.30 -42.32 25.13
CA GLY B 603 -5.74 -43.30 26.04
C GLY B 603 -5.91 -42.92 27.48
N PHE B 604 -5.95 -41.61 27.77
CA PHE B 604 -6.21 -41.17 29.13
C PHE B 604 -7.68 -41.36 29.51
N GLN B 605 -8.60 -40.97 28.62
CA GLN B 605 -10.02 -41.00 28.97
C GLN B 605 -10.58 -42.41 28.96
N GLN B 606 -10.24 -43.21 27.96
CA GLN B 606 -10.81 -44.54 27.81
C GLN B 606 -9.93 -45.63 28.41
N ASN B 607 -8.98 -45.25 29.27
CA ASN B 607 -8.15 -46.19 30.03
C ASN B 607 -7.38 -47.14 29.10
N ARG B 608 -6.50 -46.55 28.29
CA ARG B 608 -5.67 -47.32 27.39
C ARG B 608 -4.18 -47.02 27.55
N LEU B 609 -3.80 -46.07 28.39
CA LEU B 609 -2.40 -45.95 28.77
C LEU B 609 -1.97 -47.17 29.56
N GLU B 610 -0.81 -47.71 29.22
CA GLU B 610 -0.41 -49.00 29.75
C GLU B 610 0.37 -48.91 31.05
N PHE B 611 0.87 -47.74 31.42
CA PHE B 611 1.61 -47.58 32.66
C PHE B 611 0.77 -46.98 33.78
N ILE B 612 -0.53 -46.82 33.58
CA ILE B 612 -1.43 -46.26 34.59
C ILE B 612 -2.85 -46.65 34.22
N ASP B 613 -3.66 -46.94 35.23
CA ASP B 613 -5.06 -47.31 35.05
C ASP B 613 -5.94 -46.12 35.41
N THR B 614 -6.79 -45.71 34.49
CA THR B 614 -7.68 -44.57 34.69
C THR B 614 -9.14 -44.98 34.84
N SER B 615 -9.40 -46.24 35.18
CA SER B 615 -10.76 -46.65 35.47
C SER B 615 -11.31 -45.95 36.71
N GLU B 616 -10.44 -45.37 37.54
CA GLU B 616 -10.83 -44.60 38.71
C GLU B 616 -11.23 -43.20 38.29
N TYR B 617 -11.33 -42.29 39.27
CA TYR B 617 -11.64 -40.87 39.10
C TYR B 617 -13.13 -40.67 38.86
N SER B 618 -13.62 -39.45 39.09
CA SER B 618 -15.04 -39.18 39.23
C SER B 618 -15.71 -38.79 37.92
N GLN B 619 -15.18 -39.23 36.78
CA GLN B 619 -15.75 -39.01 35.45
C GLN B 619 -15.73 -37.54 35.05
N THR B 620 -15.23 -36.66 35.91
CA THR B 620 -15.10 -35.26 35.54
C THR B 620 -13.77 -34.98 34.87
N VAL B 621 -12.68 -35.54 35.39
CA VAL B 621 -11.37 -35.33 34.80
C VAL B 621 -11.31 -35.96 33.40
N LEU B 622 -11.97 -37.11 33.24
CA LEU B 622 -11.87 -37.85 31.98
C LEU B 622 -12.38 -37.03 30.80
N ASP B 623 -13.50 -36.33 30.97
CA ASP B 623 -14.01 -35.46 29.92
C ASP B 623 -13.39 -34.07 29.98
N CYS B 624 -12.94 -33.64 31.15
CA CYS B 624 -12.32 -32.33 31.28
C CYS B 624 -11.03 -32.24 30.49
N ALA B 625 -10.25 -33.32 30.49
CA ALA B 625 -9.00 -33.33 29.72
C ALA B 625 -9.27 -33.11 28.24
N VAL B 626 -10.22 -33.87 27.69
CA VAL B 626 -10.54 -33.74 26.27
C VAL B 626 -11.09 -32.35 25.95
N TYR B 627 -11.98 -31.84 26.80
CA TYR B 627 -12.55 -30.53 26.56
C TYR B 627 -11.48 -29.44 26.60
N ILE B 628 -10.57 -29.52 27.58
CA ILE B 628 -9.49 -28.54 27.68
C ILE B 628 -8.61 -28.59 26.45
N TYR B 629 -8.24 -29.81 26.02
CA TYR B 629 -7.40 -29.93 24.84
C TYR B 629 -8.07 -29.32 23.61
N ASN B 630 -9.34 -29.69 23.38
CA ASN B 630 -10.02 -29.21 22.19
C ASN B 630 -10.17 -27.69 22.21
N PHE B 631 -10.59 -27.13 23.35
CA PHE B 631 -10.79 -25.69 23.42
C PHE B 631 -9.48 -24.93 23.27
N SER B 632 -8.40 -25.40 23.92
CA SER B 632 -7.13 -24.72 23.78
C SER B 632 -6.63 -24.78 22.33
N TYR B 633 -6.75 -25.94 21.68
CA TYR B 633 -6.29 -26.07 20.31
C TYR B 633 -7.08 -25.15 19.38
N LEU B 634 -8.41 -25.13 19.53
CA LEU B 634 -9.22 -24.28 18.65
C LEU B 634 -8.95 -22.80 18.87
N PHE B 635 -8.82 -22.38 20.14
CA PHE B 635 -8.53 -20.97 20.41
C PHE B 635 -7.16 -20.59 19.86
N GLY B 636 -6.17 -21.47 20.04
CA GLY B 636 -4.86 -21.18 19.49
C GLY B 636 -4.87 -21.05 17.98
N LEU B 637 -5.57 -21.95 17.29
CA LEU B 637 -5.64 -21.86 15.84
C LEU B 637 -6.34 -20.58 15.40
N LEU B 638 -7.43 -20.21 16.08
CA LEU B 638 -8.15 -18.99 15.72
C LEU B 638 -7.27 -17.76 15.90
N MET B 639 -6.57 -17.69 17.02
CA MET B 639 -5.68 -16.56 17.26
C MET B 639 -4.57 -16.51 16.22
N LEU B 640 -3.99 -17.65 15.89
CA LEU B 640 -2.90 -17.69 14.92
C LEU B 640 -3.38 -17.22 13.55
N ILE B 641 -4.55 -17.70 13.10
CA ILE B 641 -5.00 -17.33 11.76
C ILE B 641 -5.36 -15.86 11.71
N ILE B 642 -6.02 -15.34 12.76
CA ILE B 642 -6.39 -13.93 12.77
C ILE B 642 -5.15 -13.06 12.72
N ILE B 643 -4.15 -13.37 13.57
CA ILE B 643 -2.95 -12.55 13.61
C ILE B 643 -2.18 -12.65 12.29
N GLY B 644 -2.03 -13.86 11.75
CA GLY B 644 -1.27 -14.02 10.53
C GLY B 644 -1.90 -13.30 9.35
N LEU B 645 -3.21 -13.41 9.20
CA LEU B 645 -3.87 -12.69 8.12
C LEU B 645 -3.87 -11.18 8.37
N GLY B 646 -3.87 -10.77 9.63
CA GLY B 646 -4.06 -9.36 9.96
C GLY B 646 -2.88 -8.44 9.71
N ASN B 647 -1.79 -8.63 10.44
CA ASN B 647 -0.71 -7.66 10.46
C ASN B 647 0.64 -8.36 10.30
N ASN B 648 1.68 -7.54 10.16
CA ASN B 648 3.03 -8.07 10.04
C ASN B 648 3.45 -8.74 11.34
N PRO B 649 4.14 -9.88 11.27
CA PRO B 649 4.55 -10.61 12.49
C PRO B 649 5.89 -10.12 13.04
N LYS B 650 5.96 -8.83 13.35
CA LYS B 650 7.12 -8.26 14.03
C LYS B 650 6.77 -7.57 15.34
N HIS B 651 5.61 -6.93 15.42
CA HIS B 651 5.11 -6.34 16.65
C HIS B 651 4.24 -7.28 17.46
N MET B 652 3.95 -8.47 16.93
CA MET B 652 3.18 -9.49 17.63
C MET B 652 4.08 -10.57 18.20
N LYS B 653 5.27 -10.18 18.67
CA LYS B 653 6.26 -11.14 19.12
C LYS B 653 5.76 -11.94 20.33
N LEU B 654 5.11 -11.26 21.28
CA LEU B 654 4.69 -11.92 22.51
C LEU B 654 3.65 -12.99 22.25
N THR B 655 2.69 -12.70 21.38
CA THR B 655 1.64 -13.68 21.11
C THR B 655 2.19 -14.93 20.41
N TYR B 656 3.06 -14.73 19.42
CA TYR B 656 3.68 -15.87 18.75
C TYR B 656 4.54 -16.68 19.73
N TYR B 657 5.27 -16.01 20.61
CA TYR B 657 6.04 -16.71 21.63
C TYR B 657 5.12 -17.54 22.53
N PHE B 658 3.99 -16.95 22.95
CA PHE B 658 3.06 -17.67 23.82
C PHE B 658 2.48 -18.89 23.14
N VAL B 659 2.05 -18.74 21.88
CA VAL B 659 1.48 -19.87 21.16
C VAL B 659 2.53 -20.96 20.94
N GLY B 660 3.75 -20.56 20.56
CA GLY B 660 4.81 -21.54 20.40
C GLY B 660 5.12 -22.28 21.68
N ALA B 661 5.13 -21.57 22.81
CA ALA B 661 5.37 -22.22 24.09
C ALA B 661 4.27 -23.21 24.43
N VAL B 662 3.01 -22.83 24.19
CA VAL B 662 1.91 -23.75 24.48
C VAL B 662 2.02 -25.00 23.63
N PHE B 663 2.27 -24.84 22.33
CA PHE B 663 2.37 -26.00 21.44
C PHE B 663 3.58 -26.86 21.79
N GLY B 664 4.69 -26.23 22.17
CA GLY B 664 5.86 -26.99 22.58
C GLY B 664 5.61 -27.81 23.83
N LEU B 665 4.94 -27.21 24.82
CA LEU B 665 4.58 -27.97 26.02
C LEU B 665 3.67 -29.14 25.67
N MET B 666 2.69 -28.90 24.81
CA MET B 666 1.78 -29.97 24.42
C MET B 666 2.54 -31.11 23.73
N MET B 667 3.45 -30.77 22.82
CA MET B 667 4.18 -31.80 22.08
C MET B 667 5.14 -32.55 23.00
N MET B 668 5.78 -31.86 23.94
CA MET B 668 6.66 -32.54 24.88
C MET B 668 5.87 -33.51 25.76
N LEU B 669 4.69 -33.09 26.24
CA LEU B 669 3.86 -33.98 27.03
C LEU B 669 3.44 -35.20 26.23
N SER B 670 3.04 -34.99 24.97
CA SER B 670 2.64 -36.10 24.13
C SER B 670 3.80 -37.05 23.88
N SER B 671 5.00 -36.51 23.66
CA SER B 671 6.17 -37.36 23.45
C SER B 671 6.48 -38.19 24.69
N LEU B 672 6.39 -37.56 25.87
CA LEU B 672 6.64 -38.32 27.10
C LEU B 672 5.63 -39.45 27.28
N VAL B 673 4.35 -39.15 27.03
CA VAL B 673 3.32 -40.19 27.17
C VAL B 673 3.56 -41.32 26.17
N GLY B 674 3.89 -40.97 24.92
CA GLY B 674 4.16 -42.01 23.93
C GLY B 674 5.35 -42.86 24.30
N ALA B 675 6.42 -42.24 24.80
CA ALA B 675 7.59 -43.00 25.23
C ALA B 675 7.23 -43.95 26.36
N GLY B 676 6.45 -43.48 27.33
CA GLY B 676 6.02 -44.35 28.41
C GLY B 676 5.18 -45.52 27.92
N ILE B 677 4.26 -45.26 26.99
CA ILE B 677 3.44 -46.32 26.43
C ILE B 677 4.30 -47.35 25.73
N PHE B 678 5.27 -46.89 24.93
CA PHE B 678 6.12 -47.82 24.21
C PHE B 678 6.97 -48.66 25.15
N PHE B 679 7.51 -48.03 26.21
CA PHE B 679 8.40 -48.76 27.11
C PHE B 679 7.65 -49.62 28.12
N SER B 680 6.35 -49.42 28.29
CA SER B 680 5.58 -50.30 29.16
C SER B 680 4.92 -51.46 28.41
N THR B 681 4.81 -51.36 27.10
CA THR B 681 4.27 -52.47 26.31
C THR B 681 5.25 -53.63 26.30
N PRO B 682 4.78 -54.88 26.42
CA PRO B 682 5.70 -56.02 26.38
C PRO B 682 6.36 -56.23 25.02
N ALA B 683 6.08 -55.38 24.03
CA ALA B 683 6.78 -55.36 22.75
C ALA B 683 6.35 -56.51 21.85
N THR B 684 6.42 -56.30 20.54
CA THR B 684 6.05 -57.31 19.56
C THR B 684 6.82 -57.04 18.28
N VAL B 685 6.84 -58.03 17.38
CA VAL B 685 7.54 -57.87 16.11
C VAL B 685 6.92 -56.74 15.30
N HIS B 686 5.57 -56.70 15.24
CA HIS B 686 4.91 -55.61 14.54
C HIS B 686 5.23 -54.26 15.20
N SER B 687 5.20 -54.22 16.52
CA SER B 687 5.45 -52.97 17.23
C SER B 687 6.88 -52.48 16.98
N ILE B 688 7.86 -53.38 17.08
CA ILE B 688 9.25 -52.95 16.91
C ILE B 688 9.51 -52.56 15.46
N VAL B 689 8.90 -53.27 14.50
CA VAL B 689 9.06 -52.90 13.09
C VAL B 689 8.50 -51.50 12.85
N VAL B 690 7.31 -51.24 13.39
CA VAL B 690 6.70 -49.92 13.21
C VAL B 690 7.56 -48.85 13.86
N SER B 691 8.05 -49.10 15.08
CA SER B 691 8.88 -48.11 15.77
C SER B 691 10.15 -47.83 14.97
N ILE B 692 10.82 -48.87 14.48
CA ILE B 692 12.02 -48.68 13.67
C ILE B 692 11.69 -47.83 12.45
N LEU B 693 10.80 -48.32 11.59
CA LEU B 693 10.54 -47.65 10.32
C LEU B 693 9.86 -46.30 10.49
N THR B 694 9.40 -45.95 11.70
CA THR B 694 8.81 -44.64 11.92
C THR B 694 9.82 -43.63 12.47
N VAL B 695 10.53 -43.99 13.53
CA VAL B 695 11.40 -43.04 14.21
C VAL B 695 12.87 -43.30 13.92
N GLY B 696 13.31 -44.55 13.93
CA GLY B 696 14.73 -44.82 13.87
C GLY B 696 15.36 -44.66 12.51
N VAL B 697 14.57 -44.34 11.48
CA VAL B 697 15.14 -44.12 10.15
C VAL B 697 16.11 -42.96 10.17
N TYR B 698 15.77 -41.90 10.93
CA TYR B 698 16.67 -40.75 11.05
C TYR B 698 18.02 -41.18 11.60
N PHE B 699 18.01 -41.93 12.71
CA PHE B 699 19.24 -42.36 13.33
C PHE B 699 20.02 -43.29 12.42
N ILE B 700 19.33 -44.19 11.72
CA ILE B 700 20.01 -45.12 10.83
C ILE B 700 20.72 -44.37 9.71
N ALA B 701 20.00 -43.44 9.06
CA ALA B 701 20.61 -42.68 7.97
C ALA B 701 21.77 -41.83 8.46
N SER B 702 21.60 -41.20 9.63
CA SER B 702 22.67 -40.34 10.15
C SER B 702 23.91 -41.15 10.51
N ALA B 703 23.72 -42.34 11.09
CA ALA B 703 24.87 -43.19 11.36
C ALA B 703 25.52 -43.69 10.08
N LEU B 704 24.72 -43.96 9.04
CA LEU B 704 25.29 -44.39 7.78
C LEU B 704 26.15 -43.30 7.17
N HIS B 705 25.71 -42.05 7.23
CA HIS B 705 26.48 -40.94 6.69
C HIS B 705 27.40 -40.28 7.71
N GLY B 706 27.44 -40.78 8.94
CA GLY B 706 28.37 -40.31 9.94
C GLY B 706 27.98 -39.04 10.65
N GLU B 707 26.83 -38.44 10.31
CA GLU B 707 26.36 -37.23 10.99
C GLU B 707 25.34 -37.61 12.07
N VAL B 708 25.83 -38.30 13.08
CA VAL B 708 24.95 -38.86 14.10
C VAL B 708 24.95 -37.98 15.36
N HIS B 709 26.08 -37.32 15.64
CA HIS B 709 26.16 -36.52 16.86
C HIS B 709 25.24 -35.31 16.80
N HIS B 710 25.12 -34.68 15.62
CA HIS B 710 24.22 -33.55 15.48
C HIS B 710 22.77 -33.96 15.76
N ILE B 711 22.37 -35.14 15.26
CA ILE B 711 21.01 -35.61 15.49
C ILE B 711 20.76 -35.86 16.97
N PHE B 712 21.71 -36.49 17.65
CA PHE B 712 21.56 -36.70 19.09
C PHE B 712 21.45 -35.39 19.83
N MET B 713 22.24 -34.39 19.43
CA MET B 713 22.19 -33.10 20.11
C MET B 713 20.86 -32.40 19.89
N THR B 714 20.32 -32.44 18.66
CA THR B 714 19.24 -31.55 18.28
C THR B 714 17.87 -32.20 18.16
N PHE B 715 17.76 -33.52 18.35
CA PHE B 715 16.46 -34.15 18.20
C PHE B 715 15.46 -33.67 19.25
N THR B 716 15.91 -33.52 20.49
CA THR B 716 15.03 -33.05 21.55
C THR B 716 14.52 -31.64 21.25
N HIS B 717 15.42 -30.76 20.78
CA HIS B 717 15.01 -29.41 20.46
C HIS B 717 14.05 -29.37 19.28
N TYR B 718 14.29 -30.22 18.27
CA TYR B 718 13.40 -30.23 17.12
C TYR B 718 12.03 -30.80 17.45
N THR B 719 11.96 -31.75 18.38
CA THR B 719 10.69 -32.36 18.72
C THR B 719 9.72 -31.38 19.35
N ALA B 720 10.22 -30.29 19.92
CA ALA B 720 9.38 -29.33 20.63
C ALA B 720 8.82 -28.24 19.74
N LEU B 721 9.09 -28.28 18.43
CA LEU B 721 8.61 -27.25 17.52
C LEU B 721 7.81 -27.79 16.35
N ILE B 722 7.54 -29.09 16.29
CA ILE B 722 6.83 -29.65 15.14
C ILE B 722 5.44 -29.05 14.97
N PRO B 723 4.56 -29.04 15.98
CA PRO B 723 3.25 -28.39 15.76
C PRO B 723 3.36 -26.92 15.45
N SER B 724 4.28 -26.21 16.13
CA SER B 724 4.51 -24.81 15.82
C SER B 724 4.93 -24.66 14.37
N PHE B 725 5.94 -25.41 13.95
CA PHE B 725 6.36 -25.42 12.55
C PHE B 725 5.16 -25.53 11.63
N VAL B 726 4.46 -26.68 11.70
CA VAL B 726 3.38 -26.98 10.76
C VAL B 726 2.36 -25.85 10.77
N ASN B 727 1.68 -25.67 11.91
CA ASN B 727 0.55 -24.76 11.96
C ASN B 727 0.98 -23.33 11.61
N ILE B 728 1.91 -22.77 12.40
CA ILE B 728 2.22 -21.35 12.24
C ILE B 728 2.76 -21.08 10.84
N PHE B 729 3.76 -21.85 10.41
CA PHE B 729 4.40 -21.54 9.14
C PHE B 729 3.43 -21.71 7.98
N THR B 730 2.67 -22.81 7.95
CA THR B 730 1.76 -23.01 6.82
C THR B 730 0.68 -21.94 6.78
N ILE B 731 0.08 -21.64 7.93
CA ILE B 731 -1.03 -20.68 7.97
C ILE B 731 -0.54 -19.30 7.58
N TYR B 732 0.60 -18.87 8.13
CA TYR B 732 1.10 -17.54 7.81
C TYR B 732 1.59 -17.46 6.36
N SER B 733 2.13 -18.56 5.81
CA SER B 733 2.51 -18.55 4.41
C SER B 733 1.30 -18.37 3.51
N PHE B 734 0.20 -19.06 3.82
CA PHE B 734 -0.99 -18.93 2.98
C PHE B 734 -1.79 -17.66 3.27
N CYS B 735 -1.52 -16.97 4.38
CA CYS B 735 -2.29 -15.76 4.67
C CYS B 735 -1.80 -14.56 3.86
N ASN B 736 -0.49 -14.35 3.81
CA ASN B 736 0.09 -13.17 3.17
C ASN B 736 0.48 -13.43 1.73
N LEU B 737 -0.24 -14.32 1.04
CA LEU B 737 0.04 -14.60 -0.36
C LEU B 737 -0.19 -13.39 -1.25
N GLN B 738 -0.92 -12.38 -0.75
CA GLN B 738 -1.18 -11.18 -1.54
C GLN B 738 0.11 -10.43 -1.86
N ASP B 739 1.11 -10.53 -1.00
CA ASP B 739 2.36 -9.78 -1.19
C ASP B 739 3.02 -10.12 -2.52
N LEU B 740 3.15 -9.12 -3.38
CA LEU B 740 3.77 -9.30 -4.69
C LEU B 740 4.24 -7.94 -5.18
N SER B 741 5.10 -7.98 -6.20
CA SER B 741 5.64 -6.75 -6.79
C SER B 741 4.54 -5.94 -7.47
N LYS B 762 7.46 23.09 -29.47
CA LYS B 762 7.05 24.38 -30.01
C LYS B 762 5.59 24.33 -30.48
N GLY B 763 4.70 23.93 -29.58
CA GLY B 763 3.29 23.80 -29.88
C GLY B 763 2.50 25.05 -29.53
N ASP B 764 1.18 24.91 -29.58
CA ASP B 764 0.25 25.97 -29.27
C ASP B 764 -0.66 25.56 -28.13
N PHE B 765 -1.61 26.43 -27.79
CA PHE B 765 -2.43 26.23 -26.60
C PHE B 765 -3.27 24.97 -26.70
N LYS B 766 -3.89 24.74 -27.86
CA LYS B 766 -4.71 23.55 -28.04
C LYS B 766 -3.88 22.29 -27.85
N ASP B 767 -2.64 22.31 -28.34
CA ASP B 767 -1.75 21.16 -28.13
C ASP B 767 -1.51 20.93 -26.65
N VAL B 768 -1.33 22.02 -25.88
CA VAL B 768 -1.09 21.89 -24.44
C VAL B 768 -2.30 21.25 -23.77
N ILE B 769 -3.50 21.73 -24.10
CA ILE B 769 -4.71 21.21 -23.48
C ILE B 769 -4.88 19.73 -23.82
N ALA B 770 -4.68 19.37 -25.09
CA ALA B 770 -4.81 17.98 -25.49
C ALA B 770 -3.77 17.10 -24.79
N LYS B 771 -2.56 17.61 -24.64
CA LYS B 771 -1.51 16.85 -23.97
C LYS B 771 -1.89 16.58 -22.52
N ARG B 772 -2.38 17.60 -21.82
CA ARG B 772 -2.79 17.42 -20.43
C ARG B 772 -3.91 16.40 -20.31
N ARG B 773 -4.92 16.50 -21.19
CA ARG B 773 -6.03 15.56 -21.12
C ARG B 773 -5.57 14.13 -21.39
N ALA B 774 -4.71 13.95 -22.40
CA ALA B 774 -4.22 12.61 -22.71
C ALA B 774 -3.42 12.03 -21.56
N LEU B 775 -2.55 12.84 -20.95
CA LEU B 775 -1.76 12.34 -19.83
C LEU B 775 -2.65 11.92 -18.66
N GLU B 776 -3.66 12.74 -18.34
CA GLU B 776 -4.55 12.39 -17.23
C GLU B 776 -5.31 11.11 -17.53
N GLU B 777 -5.83 10.96 -18.76
CA GLU B 777 -6.58 9.77 -19.10
C GLU B 777 -5.70 8.52 -19.01
N LEU B 778 -4.46 8.61 -19.52
CA LEU B 778 -3.57 7.47 -19.45
C LEU B 778 -3.24 7.10 -18.01
N ARG B 779 -3.00 8.09 -17.15
CA ARG B 779 -2.72 7.80 -15.75
C ARG B 779 -3.90 7.12 -15.08
N ARG B 780 -5.11 7.60 -15.34
CA ARG B 780 -6.28 6.97 -14.73
C ARG B 780 -6.46 5.53 -15.21
N GLU B 781 -6.25 5.28 -16.51
CA GLU B 781 -6.37 3.93 -17.02
C GLU B 781 -5.34 3.00 -16.38
N GLU B 782 -4.11 3.48 -16.23
CA GLU B 782 -3.07 2.68 -15.59
C GLU B 782 -3.44 2.34 -14.15
N LYS B 783 -3.96 3.33 -13.42
CA LYS B 783 -4.36 3.09 -12.03
C LYS B 783 -5.46 2.03 -11.96
N GLU B 784 -6.45 2.12 -12.86
CA GLU B 784 -7.52 1.13 -12.86
C GLU B 784 -6.99 -0.26 -13.16
N ARG B 785 -6.07 -0.38 -14.12
CA ARG B 785 -5.51 -1.70 -14.43
C ARG B 785 -4.76 -2.28 -13.24
N VAL B 786 -3.98 -1.45 -12.54
CA VAL B 786 -3.24 -1.94 -11.38
C VAL B 786 -4.20 -2.41 -10.29
N GLU B 787 -5.26 -1.64 -10.05
CA GLU B 787 -6.25 -2.04 -9.05
C GLU B 787 -6.90 -3.37 -9.42
N ASN B 788 -7.24 -3.55 -10.70
CA ASN B 788 -7.85 -4.80 -11.13
C ASN B 788 -6.92 -5.99 -10.93
N ARG B 789 -5.63 -5.81 -11.26
CA ARG B 789 -4.68 -6.90 -11.07
C ARG B 789 -4.57 -7.29 -9.59
N LYS B 790 -4.49 -6.29 -8.71
CA LYS B 790 -4.41 -6.59 -7.28
C LYS B 790 -5.67 -7.29 -6.80
N LYS B 791 -6.83 -6.87 -7.29
CA LYS B 791 -8.07 -7.54 -6.93
C LYS B 791 -8.04 -9.01 -7.32
N ASN B 792 -7.59 -9.30 -8.54
CA ASN B 792 -7.55 -10.70 -8.99
C ASN B 792 -6.64 -11.55 -8.11
N PHE B 793 -5.45 -11.02 -7.80
CA PHE B 793 -4.52 -11.81 -6.99
C PHE B 793 -5.07 -12.05 -5.58
N GLU B 794 -5.68 -11.02 -4.98
CA GLU B 794 -6.26 -11.20 -3.66
C GLU B 794 -7.37 -12.24 -3.68
N ALA B 795 -8.23 -12.20 -4.71
CA ALA B 795 -9.31 -13.18 -4.80
C ALA B 795 -8.76 -14.60 -4.90
N PHE B 796 -7.72 -14.78 -5.73
CA PHE B 796 -7.16 -16.12 -5.88
C PHE B 796 -6.59 -16.64 -4.57
N ARG B 797 -5.82 -15.81 -3.86
CA ARG B 797 -5.22 -16.26 -2.62
C ARG B 797 -6.30 -16.59 -1.59
N THR B 798 -7.35 -15.78 -1.52
CA THR B 798 -8.44 -16.04 -0.58
C THR B 798 -9.12 -17.37 -0.89
N ASN B 799 -9.38 -17.63 -2.18
CA ASN B 799 -10.02 -18.89 -2.55
C ASN B 799 -9.16 -20.08 -2.15
N VAL B 800 -7.85 -19.99 -2.41
CA VAL B 800 -6.97 -21.11 -2.07
C VAL B 800 -6.95 -21.34 -0.56
N LEU B 801 -6.85 -20.26 0.22
CA LEU B 801 -6.81 -20.42 1.68
C LEU B 801 -8.11 -21.04 2.20
N LEU B 802 -9.26 -20.57 1.68
CA LEU B 802 -10.52 -21.15 2.12
C LEU B 802 -10.60 -22.63 1.78
N THR B 803 -10.19 -23.00 0.57
CA THR B 803 -10.23 -24.41 0.19
C THR B 803 -9.38 -25.25 1.13
N TRP B 804 -8.15 -24.80 1.40
CA TRP B 804 -7.25 -25.55 2.27
C TRP B 804 -7.83 -25.73 3.66
N ALA B 805 -8.25 -24.62 4.29
CA ALA B 805 -8.73 -24.69 5.66
C ALA B 805 -9.99 -25.55 5.76
N PHE B 806 -10.92 -25.40 4.82
CA PHE B 806 -12.17 -26.15 4.92
C PHE B 806 -11.95 -27.62 4.62
N SER B 807 -11.04 -27.96 3.70
CA SER B 807 -10.73 -29.37 3.49
C SER B 807 -10.17 -30.00 4.75
N ASN B 808 -9.22 -29.32 5.41
CA ASN B 808 -8.66 -29.86 6.64
C ASN B 808 -9.73 -30.03 7.72
N LEU B 809 -10.58 -29.01 7.90
CA LEU B 809 -11.59 -29.08 8.95
C LEU B 809 -12.60 -30.19 8.69
N ILE B 810 -13.07 -30.31 7.45
CA ILE B 810 -14.05 -31.34 7.13
C ILE B 810 -13.46 -32.72 7.34
N PHE B 811 -12.21 -32.93 6.89
CA PHE B 811 -11.59 -34.23 7.09
C PHE B 811 -11.46 -34.56 8.57
N ALA B 812 -11.00 -33.59 9.37
CA ALA B 812 -10.83 -33.84 10.81
C ALA B 812 -12.15 -34.18 11.48
N LEU B 813 -13.20 -33.42 11.16
CA LEU B 813 -14.50 -33.68 11.78
C LEU B 813 -15.04 -35.05 11.38
N PHE B 814 -14.92 -35.40 10.10
CA PHE B 814 -15.42 -36.70 9.66
C PHE B 814 -14.68 -37.83 10.34
N VAL B 815 -13.35 -37.73 10.45
CA VAL B 815 -12.60 -38.80 11.09
C VAL B 815 -12.94 -38.90 12.57
N VAL B 816 -13.12 -37.76 13.24
CA VAL B 816 -13.46 -37.79 14.66
C VAL B 816 -14.83 -38.43 14.88
N TYR B 817 -15.81 -38.08 14.05
CA TYR B 817 -17.17 -38.52 14.32
C TYR B 817 -17.48 -39.91 13.80
N PHE B 818 -16.78 -40.37 12.77
CA PHE B 818 -17.13 -41.65 12.13
C PHE B 818 -16.01 -42.68 12.21
N ALA B 819 -15.10 -42.56 13.18
CA ALA B 819 -14.02 -43.53 13.30
C ALA B 819 -13.55 -43.58 14.75
N SER B 820 -12.89 -44.69 15.08
CA SER B 820 -12.34 -44.91 16.41
C SER B 820 -10.83 -45.11 16.29
N SER B 821 -10.17 -45.19 17.44
CA SER B 821 -8.72 -45.33 17.46
C SER B 821 -8.28 -46.65 16.82
N SER B 822 -8.98 -47.74 17.11
CA SER B 822 -8.60 -49.03 16.57
C SER B 822 -8.83 -49.13 15.06
N THR B 823 -9.56 -48.18 14.48
CA THR B 823 -9.90 -48.24 13.06
C THR B 823 -9.19 -47.18 12.23
N TYR B 824 -8.39 -46.32 12.85
CA TYR B 824 -7.71 -45.25 12.13
C TYR B 824 -6.19 -45.27 12.26
N MET B 825 -5.68 -45.54 13.45
CA MET B 825 -4.24 -45.51 13.66
C MET B 825 -3.46 -46.47 12.75
N PRO B 826 -3.90 -47.71 12.49
CA PRO B 826 -3.12 -48.57 11.59
C PRO B 826 -2.88 -47.97 10.22
N VAL B 827 -3.86 -47.24 9.67
CA VAL B 827 -3.67 -46.63 8.35
C VAL B 827 -2.58 -45.57 8.41
N LEU B 828 -2.60 -44.73 9.45
CA LEU B 828 -1.57 -43.71 9.58
C LEU B 828 -0.20 -44.33 9.76
N TYR B 829 -0.11 -45.39 10.58
CA TYR B 829 1.17 -46.07 10.77
C TYR B 829 1.68 -46.65 9.46
N ILE B 830 0.79 -47.27 8.67
CA ILE B 830 1.21 -47.83 7.39
C ILE B 830 1.71 -46.74 6.46
N PHE B 831 1.00 -45.62 6.39
CA PHE B 831 1.39 -44.53 5.50
C PHE B 831 2.77 -43.98 5.89
N VAL B 832 2.96 -43.68 7.17
CA VAL B 832 4.22 -43.11 7.62
C VAL B 832 5.36 -44.10 7.41
N ALA B 833 5.13 -45.38 7.73
CA ALA B 833 6.16 -46.38 7.55
C ALA B 833 6.53 -46.52 6.08
N SER B 834 5.55 -46.49 5.18
CA SER B 834 5.85 -46.59 3.76
C SER B 834 6.71 -45.42 3.30
N LEU B 835 6.34 -44.19 3.68
CA LEU B 835 7.10 -43.04 3.24
C LEU B 835 8.52 -43.08 3.77
N ASN B 836 8.69 -43.38 5.05
CA ASN B 836 10.03 -43.39 5.63
C ASN B 836 10.86 -44.54 5.08
N THR B 837 10.24 -45.68 4.78
CA THR B 837 10.97 -46.78 4.15
C THR B 837 11.48 -46.37 2.78
N CYS B 838 10.64 -45.70 1.99
CA CYS B 838 11.09 -45.24 0.68
C CYS B 838 12.25 -44.27 0.80
N ARG B 839 12.16 -43.33 1.76
CA ARG B 839 13.24 -42.38 1.93
C ARG B 839 14.54 -43.05 2.38
N LEU B 840 14.43 -44.03 3.28
CA LEU B 840 15.62 -44.75 3.75
C LEU B 840 16.26 -45.54 2.60
N LEU B 841 15.45 -46.19 1.78
CA LEU B 841 15.98 -46.89 0.62
C LEU B 841 16.69 -45.93 -0.32
N GLY B 842 16.11 -44.75 -0.54
CA GLY B 842 16.77 -43.76 -1.37
C GLY B 842 18.12 -43.34 -0.82
N SER B 843 18.18 -43.08 0.50
CA SER B 843 19.45 -42.68 1.10
C SER B 843 20.50 -43.78 0.98
N ILE B 844 20.10 -45.03 1.22
CA ILE B 844 21.04 -46.14 1.12
C ILE B 844 21.54 -46.28 -0.31
N GLY B 845 20.64 -46.15 -1.29
CA GLY B 845 21.07 -46.21 -2.67
C GLY B 845 22.05 -45.12 -3.03
N HIS B 846 21.80 -43.89 -2.55
CA HIS B 846 22.73 -42.80 -2.84
C HIS B 846 24.09 -43.05 -2.23
N TRP B 847 24.13 -43.54 -0.99
CA TRP B 847 25.41 -43.83 -0.36
C TRP B 847 26.16 -44.93 -1.12
N VAL B 848 25.45 -45.97 -1.54
CA VAL B 848 26.07 -47.03 -2.30
C VAL B 848 26.66 -46.48 -3.59
N TYR B 849 25.90 -45.63 -4.29
CA TYR B 849 26.40 -45.05 -5.53
C TYR B 849 27.65 -44.21 -5.28
N ILE B 850 27.62 -43.35 -4.26
CA ILE B 850 28.73 -42.44 -4.04
C ILE B 850 29.99 -43.19 -3.63
N HIS B 851 29.84 -44.33 -2.94
CA HIS B 851 31.01 -45.10 -2.53
C HIS B 851 31.42 -46.15 -3.55
N THR B 852 30.61 -46.41 -4.57
CA THR B 852 30.90 -47.48 -5.53
C THR B 852 31.30 -46.97 -6.91
N GLU B 853 30.60 -45.96 -7.44
CA GLU B 853 30.78 -45.59 -8.85
C GLU B 853 32.21 -45.18 -9.15
N GLY B 854 32.93 -44.65 -8.17
CA GLY B 854 34.33 -44.32 -8.39
C GLY B 854 35.17 -45.53 -8.73
N LEU B 855 34.99 -46.62 -7.97
CA LEU B 855 35.74 -47.85 -8.23
C LEU B 855 35.19 -48.61 -9.43
N ARG B 856 33.88 -48.60 -9.62
CA ARG B 856 33.25 -49.37 -10.69
C ARG B 856 33.14 -48.58 -11.99
N GLY B 857 33.66 -47.36 -12.03
CA GLY B 857 33.65 -46.60 -13.28
C GLY B 857 34.51 -47.22 -14.36
N ARG B 858 35.51 -48.01 -13.95
CA ARG B 858 36.36 -48.70 -14.93
C ARG B 858 35.57 -49.72 -15.73
N VAL B 859 34.63 -50.42 -15.08
CA VAL B 859 33.86 -51.45 -15.76
C VAL B 859 32.96 -50.83 -16.82
N ILE B 860 32.22 -49.79 -16.45
CA ILE B 860 31.33 -49.11 -17.37
C ILE B 860 31.53 -47.60 -17.28
#